data_7JP9
# 
_entry.id   7JP9 
# 
_audit_conform.dict_name       mmcif_pdbx.dic 
_audit_conform.dict_version    5.380 
_audit_conform.dict_location   http://mmcif.pdb.org/dictionaries/ascii/mmcif_pdbx.dic 
# 
loop_
_database_2.database_id 
_database_2.database_code 
_database_2.pdbx_database_accession 
_database_2.pdbx_DOI 
PDB   7JP9         pdb_00007jp9 10.2210/pdb7jp9/pdb 
WWPDB D_1000250926 ?            ?                   
# 
_pdbx_database_status.status_code                     REL 
_pdbx_database_status.status_code_sf                  REL 
_pdbx_database_status.status_code_mr                  ? 
_pdbx_database_status.entry_id                        7JP9 
_pdbx_database_status.recvd_initial_deposition_date   2020-08-07 
_pdbx_database_status.SG_entry                        N 
_pdbx_database_status.deposit_site                    RCSB 
_pdbx_database_status.process_site                    RCSB 
_pdbx_database_status.status_code_cs                  ? 
_pdbx_database_status.status_code_nmr_data            ? 
_pdbx_database_status.methods_development_category    ? 
_pdbx_database_status.pdb_format_compatible           Y 
# 
loop_
_audit_author.name 
_audit_author.pdbx_ordinal 
_audit_author.identifier_ORCID 
'Simmons, C.R.'      1 0000-0002-2290-6132 
'MacCulloch, T.'     2 0000-0001-5875-3361 
'Stephanopoulos, N.' 3 0000-0001-7859-410X 
'Yan, H.'            4 0000-0001-7397-9852 
# 
_citation.abstract                  ? 
_citation.abstract_id_CAS           ? 
_citation.book_id_ISBN              ? 
_citation.book_publisher            ? 
_citation.book_publisher_city       ? 
_citation.book_title                ? 
_citation.coordinate_linkage        ? 
_citation.country                   UK 
_citation.database_id_Medline       ? 
_citation.details                   ? 
_citation.id                        primary 
_citation.journal_abbrev            'Nat Commun' 
_citation.journal_id_ASTM           ? 
_citation.journal_id_CSD            ? 
_citation.journal_id_ISSN           2041-1723 
_citation.journal_full              ? 
_citation.journal_issue             ? 
_citation.journal_volume            13 
_citation.language                  ? 
_citation.page_first                3112 
_citation.page_last                 3112 
_citation.title                     'The influence of Holliday junction sequence and dynamics on DNA crystal self-assembly.' 
_citation.year                      2022 
_citation.database_id_CSD           ? 
_citation.pdbx_database_id_DOI      10.1038/s41467-022-30779-6 
_citation.pdbx_database_id_PubMed   35662248 
_citation.unpublished_flag          ? 
# 
loop_
_citation_author.citation_id 
_citation_author.name 
_citation_author.ordinal 
_citation_author.identifier_ORCID 
primary 'Simmons, C.R.'      1  ?                   
primary 'MacCulloch, T.'     2  ?                   
primary 'Krepl, M.'          3  0000-0002-9833-4281 
primary 'Matthies, M.'       4  ?                   
primary 'Buchberger, A.'     5  ?                   
primary 'Crawford, I.'       6  ?                   
primary 'Sponer, J.'         7  0000-0001-6558-6186 
primary 'Sulc, P.'           8  0000-0003-1565-6769 
primary 'Stephanopoulos, N.' 9  0000-0001-7859-410X 
primary 'Yan, H.'            10 0000-0001-7397-9852 
# 
_cell.angle_alpha                  90.000 
_cell.angle_alpha_esd              ? 
_cell.angle_beta                   90.000 
_cell.angle_beta_esd               ? 
_cell.angle_gamma                  120.000 
_cell.angle_gamma_esd              ? 
_cell.entry_id                     7JP9 
_cell.details                      ? 
_cell.formula_units_Z              ? 
_cell.length_a                     68.304 
_cell.length_a_esd                 ? 
_cell.length_b                     68.304 
_cell.length_b_esd                 ? 
_cell.length_c                     54.283 
_cell.length_c_esd                 ? 
_cell.volume                       ? 
_cell.volume_esd                   ? 
_cell.Z_PDB                        3 
_cell.reciprocal_angle_alpha       ? 
_cell.reciprocal_angle_beta        ? 
_cell.reciprocal_angle_gamma       ? 
_cell.reciprocal_angle_alpha_esd   ? 
_cell.reciprocal_angle_beta_esd    ? 
_cell.reciprocal_angle_gamma_esd   ? 
_cell.reciprocal_length_a          ? 
_cell.reciprocal_length_b          ? 
_cell.reciprocal_length_c          ? 
_cell.reciprocal_length_a_esd      ? 
_cell.reciprocal_length_b_esd      ? 
_cell.reciprocal_length_c_esd      ? 
_cell.pdbx_unique_axis             ? 
# 
_symmetry.entry_id                         7JP9 
_symmetry.cell_setting                     ? 
_symmetry.Int_Tables_number                145 
_symmetry.space_group_name_Hall            ? 
_symmetry.space_group_name_H-M             'P 32' 
_symmetry.pdbx_full_space_group_name_H-M   ? 
# 
loop_
_entity.id 
_entity.type 
_entity.src_method 
_entity.pdbx_description 
_entity.formula_weight 
_entity.pdbx_number_of_molecules 
_entity.pdbx_ec 
_entity.pdbx_mutation 
_entity.pdbx_fragment 
_entity.details 
1 polymer     syn 
;DNA (5'-D(*GP*AP*GP*CP*AP*GP*AP*CP*CP*AP*GP*AP*CP*GP*AP*CP*AP*CP*TP*CP*A)-3')
;
6435.191 1 ? ? ? ? 
2 polymer     syn 
;DNA (5'-D(P*TP*CP*GP*TP*CP*T)-3')
;
1775.190 1 ? ? ? ? 
3 polymer     syn 
;DNA (5'-D(*TP*CP*TP*GP*AP*GP*TP*G)-3')
;
2457.627 1 ? ? ? ? 
4 polymer     syn 
;DNA (5'-D(P*GP*GP*TP*CP*TP*GP*C)-3')
;
2129.409 1 ? ? ? ? 
5 non-polymer syn 'MAGNESIUM ION'                                                                 24.305   1 ? ? ? ? 
6 non-polymer syn 'CACODYLATE ION'                                                                136.989  1 ? ? ? ? 
# 
loop_
_entity_poly.entity_id 
_entity_poly.type 
_entity_poly.nstd_linkage 
_entity_poly.nstd_monomer 
_entity_poly.pdbx_seq_one_letter_code 
_entity_poly.pdbx_seq_one_letter_code_can 
_entity_poly.pdbx_strand_id 
_entity_poly.pdbx_target_identifier 
1 polydeoxyribonucleotide no no 
;(DG)(DA)(DG)(DC)(DA)(DG)(DA)(DC)(DC)(DA)(DG)(DA)(DC)(DG)(DA)(DC)(DA)(DC)(DT)(DC)
(DA)
;
GAGCAGACCAGACGACACTCA A ? 
2 polydeoxyribonucleotide no no '(DT)(DC)(DG)(DT)(DC)(DT)'                                                              TCGTCT B ? 
3 polydeoxyribonucleotide no no '(DT)(DC)(DT)(DG)(DA)(DG)(DT)(DG)'                                                      TCTGAGTG C 
? 
4 polydeoxyribonucleotide no no '(DG)(DG)(DT)(DC)(DT)(DG)(DC)'                                                          GGTCTGC D 
? 
# 
loop_
_entity_poly_seq.entity_id 
_entity_poly_seq.num 
_entity_poly_seq.mon_id 
_entity_poly_seq.hetero 
1 1  DG n 
1 2  DA n 
1 3  DG n 
1 4  DC n 
1 5  DA n 
1 6  DG n 
1 7  DA n 
1 8  DC n 
1 9  DC n 
1 10 DA n 
1 11 DG n 
1 12 DA n 
1 13 DC n 
1 14 DG n 
1 15 DA n 
1 16 DC n 
1 17 DA n 
1 18 DC n 
1 19 DT n 
1 20 DC n 
1 21 DA n 
2 1  DT n 
2 2  DC n 
2 3  DG n 
2 4  DT n 
2 5  DC n 
2 6  DT n 
3 1  DT n 
3 2  DC n 
3 3  DT n 
3 4  DG n 
3 5  DA n 
3 6  DG n 
3 7  DT n 
3 8  DG n 
4 1  DG n 
4 2  DG n 
4 3  DT n 
4 4  DC n 
4 5  DT n 
4 6  DG n 
4 7  DC n 
# 
loop_
_pdbx_entity_src_syn.entity_id 
_pdbx_entity_src_syn.pdbx_src_id 
_pdbx_entity_src_syn.pdbx_alt_source_flag 
_pdbx_entity_src_syn.pdbx_beg_seq_num 
_pdbx_entity_src_syn.pdbx_end_seq_num 
_pdbx_entity_src_syn.organism_scientific 
_pdbx_entity_src_syn.organism_common_name 
_pdbx_entity_src_syn.ncbi_taxonomy_id 
_pdbx_entity_src_syn.details 
1 1 sample 1 21 'synthetic construct' ? 32630 ? 
2 1 sample 1 6  'synthetic construct' ? 32630 ? 
3 1 sample 1 8  'synthetic construct' ? 32630 ? 
4 1 sample 1 7  'synthetic construct' ? 32630 ? 
# 
loop_
_struct_ref.id 
_struct_ref.db_name 
_struct_ref.db_code 
_struct_ref.pdbx_db_accession 
_struct_ref.pdbx_db_isoform 
_struct_ref.entity_id 
_struct_ref.pdbx_seq_one_letter_code 
_struct_ref.pdbx_align_begin 
1 PDB 7JP9 7JP9 ? 1 ? 1 
2 PDB 7JP9 7JP9 ? 2 ? 1 
3 PDB 7JP9 7JP9 ? 3 ? 1 
4 PDB 7JP9 7JP9 ? 4 ? 1 
# 
loop_
_struct_ref_seq.align_id 
_struct_ref_seq.ref_id 
_struct_ref_seq.pdbx_PDB_id_code 
_struct_ref_seq.pdbx_strand_id 
_struct_ref_seq.seq_align_beg 
_struct_ref_seq.pdbx_seq_align_beg_ins_code 
_struct_ref_seq.seq_align_end 
_struct_ref_seq.pdbx_seq_align_end_ins_code 
_struct_ref_seq.pdbx_db_accession 
_struct_ref_seq.db_align_beg 
_struct_ref_seq.pdbx_db_align_beg_ins_code 
_struct_ref_seq.db_align_end 
_struct_ref_seq.pdbx_db_align_end_ins_code 
_struct_ref_seq.pdbx_auth_seq_align_beg 
_struct_ref_seq.pdbx_auth_seq_align_end 
1 1 7JP9 A 1 ? 21 ? 7JP9 1  ? 21 ? 1  21 
2 2 7JP9 B 1 ? 6  ? 7JP9 0  ? 5  ? 0  5  
3 3 7JP9 C 1 ? 8  ? 7JP9 1  ? 8  ? 1  8  
4 4 7JP9 D 1 ? 7  ? 7JP9 10 ? 16 ? 10 16 
# 
loop_
_chem_comp.id 
_chem_comp.type 
_chem_comp.mon_nstd_flag 
_chem_comp.name 
_chem_comp.pdbx_synonyms 
_chem_comp.formula 
_chem_comp.formula_weight 
CAC non-polymer   . 'CACODYLATE ION'                     dimethylarsinate 'C2 H6 As O2 -1'  136.989 
DA  'DNA linking' y "2'-DEOXYADENOSINE-5'-MONOPHOSPHATE" ?                'C10 H14 N5 O6 P' 331.222 
DC  'DNA linking' y "2'-DEOXYCYTIDINE-5'-MONOPHOSPHATE"  ?                'C9 H14 N3 O7 P'  307.197 
DG  'DNA linking' y "2'-DEOXYGUANOSINE-5'-MONOPHOSPHATE" ?                'C10 H14 N5 O7 P' 347.221 
DT  'DNA linking' y "THYMIDINE-5'-MONOPHOSPHATE"         ?                'C10 H15 N2 O8 P' 322.208 
MG  non-polymer   . 'MAGNESIUM ION'                      ?                'Mg 2'            24.305  
# 
_exptl.absorpt_coefficient_mu     ? 
_exptl.absorpt_correction_T_max   ? 
_exptl.absorpt_correction_T_min   ? 
_exptl.absorpt_correction_type    ? 
_exptl.absorpt_process_details    ? 
_exptl.entry_id                   7JP9 
_exptl.crystals_number            1 
_exptl.details                    ? 
_exptl.method                     'X-RAY DIFFRACTION' 
_exptl.method_details             ? 
# 
_exptl_crystal.colour                      ? 
_exptl_crystal.density_diffrn              ? 
_exptl_crystal.density_Matthews            5.71 
_exptl_crystal.density_method              ? 
_exptl_crystal.density_percent_sol         78.47 
_exptl_crystal.description                 ? 
_exptl_crystal.F_000                       ? 
_exptl_crystal.id                          1 
_exptl_crystal.preparation                 ? 
_exptl_crystal.size_max                    ? 
_exptl_crystal.size_mid                    ? 
_exptl_crystal.size_min                    ? 
_exptl_crystal.size_rad                    ? 
_exptl_crystal.colour_lustre               ? 
_exptl_crystal.colour_modifier             ? 
_exptl_crystal.colour_primary              ? 
_exptl_crystal.density_meas                ? 
_exptl_crystal.density_meas_esd            ? 
_exptl_crystal.density_meas_gt             ? 
_exptl_crystal.density_meas_lt             ? 
_exptl_crystal.density_meas_temp           ? 
_exptl_crystal.density_meas_temp_esd       ? 
_exptl_crystal.density_meas_temp_gt        ? 
_exptl_crystal.density_meas_temp_lt        ? 
_exptl_crystal.pdbx_crystal_image_url      ? 
_exptl_crystal.pdbx_crystal_image_format   ? 
_exptl_crystal.pdbx_mosaicity              ? 
_exptl_crystal.pdbx_mosaicity_esd          ? 
# 
_exptl_crystal_grow.apparatus       ? 
_exptl_crystal_grow.atmosphere      ? 
_exptl_crystal_grow.crystal_id      1 
_exptl_crystal_grow.details         ? 
_exptl_crystal_grow.method          'VAPOR DIFFUSION, SITTING DROP' 
_exptl_crystal_grow.method_ref      ? 
_exptl_crystal_grow.pH              ? 
_exptl_crystal_grow.pressure        ? 
_exptl_crystal_grow.pressure_esd    ? 
_exptl_crystal_grow.seeding         ? 
_exptl_crystal_grow.seeding_ref     ? 
_exptl_crystal_grow.temp            298 
_exptl_crystal_grow.temp_details    'temperature gradient generated from 60 to 25 C at 0.3 degrees per hour' 
_exptl_crystal_grow.temp_esd        ? 
_exptl_crystal_grow.time            ? 
_exptl_crystal_grow.pdbx_details    
;0.5 mL of 0.05 M Cacodylate pH 6.0 with 200 mM Ca(CH3COO)2 and 2.5 M NaCl was added to the reservoir with 2 uL added to the drop containing 4 uL of DNA stock
;
_exptl_crystal_grow.pdbx_pH_range   ? 
# 
_diffrn.ambient_environment              ? 
_diffrn.ambient_temp                     100 
_diffrn.ambient_temp_details             ? 
_diffrn.ambient_temp_esd                 ? 
_diffrn.crystal_id                       1 
_diffrn.crystal_support                  ? 
_diffrn.crystal_treatment                ? 
_diffrn.details                          ? 
_diffrn.id                               1 
_diffrn.ambient_pressure                 ? 
_diffrn.ambient_pressure_esd             ? 
_diffrn.ambient_pressure_gt              ? 
_diffrn.ambient_pressure_lt              ? 
_diffrn.ambient_temp_gt                  ? 
_diffrn.ambient_temp_lt                  ? 
_diffrn.pdbx_serial_crystal_experiment   N 
# 
_diffrn_detector.details                      ? 
_diffrn_detector.detector                     CCD 
_diffrn_detector.diffrn_id                    1 
_diffrn_detector.type                         'ADSC QUANTUM 315r' 
_diffrn_detector.area_resol_mean              ? 
_diffrn_detector.dtime                        ? 
_diffrn_detector.pdbx_frames_total            ? 
_diffrn_detector.pdbx_collection_time_total   ? 
_diffrn_detector.pdbx_collection_date         2017-11-15 
_diffrn_detector.pdbx_frequency               ? 
# 
_diffrn_radiation.collimation                      ? 
_diffrn_radiation.diffrn_id                        1 
_diffrn_radiation.filter_edge                      ? 
_diffrn_radiation.inhomogeneity                    ? 
_diffrn_radiation.monochromator                    ? 
_diffrn_radiation.polarisn_norm                    ? 
_diffrn_radiation.polarisn_ratio                   ? 
_diffrn_radiation.probe                            ? 
_diffrn_radiation.type                             ? 
_diffrn_radiation.xray_symbol                      ? 
_diffrn_radiation.wavelength_id                    1 
_diffrn_radiation.pdbx_monochromatic_or_laue_m_l   M 
_diffrn_radiation.pdbx_wavelength_list             ? 
_diffrn_radiation.pdbx_wavelength                  ? 
_diffrn_radiation.pdbx_diffrn_protocol             'SINGLE WAVELENGTH' 
_diffrn_radiation.pdbx_analyzer                    ? 
_diffrn_radiation.pdbx_scattering_type             x-ray 
# 
_diffrn_radiation_wavelength.id           1 
_diffrn_radiation_wavelength.wavelength   1 
_diffrn_radiation_wavelength.wt           1.0 
# 
_diffrn_source.current                     ? 
_diffrn_source.details                     ? 
_diffrn_source.diffrn_id                   1 
_diffrn_source.power                       ? 
_diffrn_source.size                        ? 
_diffrn_source.source                      SYNCHROTRON 
_diffrn_source.target                      ? 
_diffrn_source.type                        'ALS BEAMLINE 8.2.2' 
_diffrn_source.voltage                     ? 
_diffrn_source.take-off_angle              ? 
_diffrn_source.pdbx_wavelength_list        1 
_diffrn_source.pdbx_wavelength             ? 
_diffrn_source.pdbx_synchrotron_beamline   8.2.2 
_diffrn_source.pdbx_synchrotron_site       ALS 
# 
_reflns.B_iso_Wilson_estimate            92.410 
_reflns.entry_id                         7JP9 
_reflns.data_reduction_details           ? 
_reflns.data_reduction_method            ? 
_reflns.d_resolution_high                3.150 
_reflns.d_resolution_low                 50.000 
_reflns.details                          ? 
_reflns.limit_h_max                      ? 
_reflns.limit_h_min                      ? 
_reflns.limit_k_max                      ? 
_reflns.limit_k_min                      ? 
_reflns.limit_l_max                      ? 
_reflns.limit_l_min                      ? 
_reflns.number_all                       ? 
_reflns.number_obs                       3906 
_reflns.observed_criterion               ? 
_reflns.observed_criterion_F_max         ? 
_reflns.observed_criterion_F_min         ? 
_reflns.observed_criterion_I_max         ? 
_reflns.observed_criterion_I_min         ? 
_reflns.observed_criterion_sigma_F       ? 
_reflns.observed_criterion_sigma_I       ? 
_reflns.percent_possible_obs             80.000 
_reflns.R_free_details                   ? 
_reflns.Rmerge_F_all                     ? 
_reflns.Rmerge_F_obs                     ? 
_reflns.Friedel_coverage                 ? 
_reflns.number_gt                        ? 
_reflns.threshold_expression             ? 
_reflns.pdbx_redundancy                  4.600 
_reflns.pdbx_Rmerge_I_obs                0.082 
_reflns.pdbx_Rmerge_I_all                ? 
_reflns.pdbx_Rsym_value                  ? 
_reflns.pdbx_netI_over_av_sigmaI         ? 
_reflns.pdbx_netI_over_sigmaI            7.500 
_reflns.pdbx_res_netI_over_av_sigmaI_2   ? 
_reflns.pdbx_res_netI_over_sigmaI_2      ? 
_reflns.pdbx_chi_squared                 1.822 
_reflns.pdbx_scaling_rejects             ? 
_reflns.pdbx_d_res_high_opt              ? 
_reflns.pdbx_d_res_low_opt               ? 
_reflns.pdbx_d_res_opt_method            ? 
_reflns.phase_calculation_details        ? 
_reflns.pdbx_Rrim_I_all                  0.092 
_reflns.pdbx_Rpim_I_all                  0.040 
_reflns.pdbx_d_opt                       ? 
_reflns.pdbx_number_measured_all         ? 
_reflns.pdbx_diffrn_id                   1 
_reflns.pdbx_ordinal                     1 
_reflns.pdbx_CC_half                     0.951 
_reflns.pdbx_CC_star                     ? 
_reflns.pdbx_R_split                     ? 
# 
loop_
_reflns_shell.d_res_high 
_reflns_shell.d_res_low 
_reflns_shell.meanI_over_sigI_all 
_reflns_shell.meanI_over_sigI_obs 
_reflns_shell.number_measured_all 
_reflns_shell.number_measured_obs 
_reflns_shell.number_possible 
_reflns_shell.number_unique_all 
_reflns_shell.number_unique_obs 
_reflns_shell.percent_possible_all 
_reflns_shell.percent_possible_obs 
_reflns_shell.Rmerge_F_all 
_reflns_shell.Rmerge_F_obs 
_reflns_shell.Rmerge_I_all 
_reflns_shell.Rmerge_I_obs 
_reflns_shell.meanI_over_sigI_gt 
_reflns_shell.meanI_over_uI_all 
_reflns_shell.meanI_over_uI_gt 
_reflns_shell.number_measured_gt 
_reflns_shell.number_unique_gt 
_reflns_shell.percent_possible_gt 
_reflns_shell.Rmerge_F_gt 
_reflns_shell.Rmerge_I_gt 
_reflns_shell.pdbx_redundancy 
_reflns_shell.pdbx_Rsym_value 
_reflns_shell.pdbx_chi_squared 
_reflns_shell.pdbx_netI_over_sigmaI_all 
_reflns_shell.pdbx_netI_over_sigmaI_obs 
_reflns_shell.pdbx_Rrim_I_all 
_reflns_shell.pdbx_Rpim_I_all 
_reflns_shell.pdbx_rejects 
_reflns_shell.pdbx_ordinal 
_reflns_shell.pdbx_diffrn_id 
_reflns_shell.pdbx_CC_half 
_reflns_shell.pdbx_CC_star 
_reflns_shell.pdbx_R_split 
3.150 3.200  ? ? ? ? ? ? 112 44.300  ? ? ? ? 0.462 ? ? ? ? ? ? ? ? 2.400 ? 0.745 ? ? 0.545 0.279 ? 1  1 0.870 ? ? 
3.200 3.260  ? ? ? ? ? ? 118 50.000  ? ? ? ? 0.267 ? ? ? ? ? ? ? ? 2.900 ? 1.574 ? ? 0.302 0.136 ? 2  1 0.930 ? ? 
3.260 3.330  ? ? ? ? ? ? 120 50.200  ? ? ? ? 0.407 ? ? ? ? ? ? ? ? 2.400 ? 0.904 ? ? 0.476 0.240 ? 3  1 0.781 ? ? 
3.330 3.390  ? ? ? ? ? ? 124 51.000  ? ? ? ? 0.261 ? ? ? ? ? ? ? ? 3.200 ? 1.626 ? ? 0.294 0.133 ? 4  1 0.943 ? ? 
3.390 3.470  ? ? ? ? ? ? 155 63.800  ? ? ? ? 0.647 ? ? ? ? ? ? ? ? 2.900 ? 8.596 ? ? 0.800 0.455 ? 5  1 0.185 ? ? 
3.470 3.550  ? ? ? ? ? ? 156 67.500  ? ? ? ? 0.546 ? ? ? ? ? ? ? ? 3.100 ? 0.786 ? ? 0.633 0.312 ? 6  1 0.732 ? ? 
3.550 3.640  ? ? ? ? ? ? 169 64.800  ? ? ? ? 0.707 ? ? ? ? ? ? ? ? 3.000 ? 0.724 ? ? 0.822 0.408 ? 7  1 0.787 ? ? 
3.640 3.730  ? ? ? ? ? ? 175 73.200  ? ? ? ? 0.538 ? ? ? ? ? ? ? ? 3.600 ? 3.036 ? ? 0.620 0.302 ? 8  1 0.431 ? ? 
3.730 3.840  ? ? ? ? ? ? 175 72.600  ? ? ? ? 0.414 ? ? ? ? ? ? ? ? 3.900 ? 0.718 ? ? 0.470 0.219 ? 9  1 0.908 ? ? 
3.840 3.970  ? ? ? ? ? ? 218 83.200  ? ? ? ? 0.593 ? ? ? ? ? ? ? ? 4.100 ? 3.687 ? ? 0.676 0.318 ? 10 1 0.296 ? ? 
3.970 4.110  ? ? ? ? ? ? 205 86.900  ? ? ? ? 0.491 ? ? ? ? ? ? ? ? 4.400 ? 0.759 ? ? 0.553 0.250 ? 11 1 0.853 ? ? 
4.110 4.270  ? ? ? ? ? ? 232 93.900  ? ? ? ? 0.434 ? ? ? ? ? ? ? ? 4.800 ? 0.861 ? ? 0.485 0.213 ? 12 1 0.895 ? ? 
4.270 4.470  ? ? ? ? ? ? 244 99.200  ? ? ? ? 0.347 ? ? ? ? ? ? ? ? 4.900 ? 0.779 ? ? 0.389 0.174 ? 13 1 0.908 ? ? 
4.470 4.700  ? ? ? ? ? ? 234 100.000 ? ? ? ? 0.368 ? ? ? ? ? ? ? ? 5.300 ? 0.861 ? ? 0.409 0.176 ? 14 1 0.916 ? ? 
4.700 5.000  ? ? ? ? ? ? 245 100.000 ? ? ? ? 0.232 ? ? ? ? ? ? ? ? 5.600 ? 1.147 ? ? 0.256 0.107 ? 15 1 0.969 ? ? 
5.000 5.380  ? ? ? ? ? ? 253 100.000 ? ? ? ? 0.150 ? ? ? ? ? ? ? ? 5.700 ? 1.493 ? ? 0.165 0.069 ? 16 1 0.985 ? ? 
5.380 5.930  ? ? ? ? ? ? 237 100.000 ? ? ? ? 0.122 ? ? ? ? ? ? ? ? 5.800 ? 1.726 ? ? 0.135 0.056 ? 17 1 0.991 ? ? 
5.930 6.780  ? ? ? ? ? ? 255 100.000 ? ? ? ? 0.098 ? ? ? ? ? ? ? ? 5.800 ? 1.993 ? ? 0.108 0.045 ? 18 1 0.992 ? ? 
6.780 8.540  ? ? ? ? ? ? 235 100.000 ? ? ? ? 0.052 ? ? ? ? ? ? ? ? 5.600 ? 1.813 ? ? 0.058 0.024 ? 19 1 0.997 ? ? 
8.540 50.000 ? ? ? ? ? ? 244 98.800  ? ? ? ? 0.050 ? ? ? ? ? ? ? ? 5.800 ? 3.989 ? ? 0.055 0.023 ? 20 1 0.999 ? ? 
# 
_refine.aniso_B[1][1]                            ? 
_refine.aniso_B[1][2]                            ? 
_refine.aniso_B[1][3]                            ? 
_refine.aniso_B[2][2]                            ? 
_refine.aniso_B[2][3]                            ? 
_refine.aniso_B[3][3]                            ? 
_refine.B_iso_max                                172.900 
_refine.B_iso_mean                               117.9718 
_refine.B_iso_min                                66.730 
_refine.correlation_coeff_Fo_to_Fc               ? 
_refine.correlation_coeff_Fo_to_Fc_free          ? 
_refine.details                                  ? 
_refine.diff_density_max                         ? 
_refine.diff_density_max_esd                     ? 
_refine.diff_density_min                         ? 
_refine.diff_density_min_esd                     ? 
_refine.diff_density_rms                         ? 
_refine.diff_density_rms_esd                     ? 
_refine.entry_id                                 7JP9 
_refine.pdbx_refine_id                           'X-RAY DIFFRACTION' 
_refine.ls_abs_structure_details                 ? 
_refine.ls_abs_structure_Flack                   ? 
_refine.ls_abs_structure_Flack_esd               ? 
_refine.ls_abs_structure_Rogers                  ? 
_refine.ls_abs_structure_Rogers_esd              ? 
_refine.ls_d_res_high                            3.1570 
_refine.ls_d_res_low                             34.1520 
_refine.ls_extinction_coef                       ? 
_refine.ls_extinction_coef_esd                   ? 
_refine.ls_extinction_expression                 ? 
_refine.ls_extinction_method                     ? 
_refine.ls_goodness_of_fit_all                   ? 
_refine.ls_goodness_of_fit_all_esd               ? 
_refine.ls_goodness_of_fit_obs                   ? 
_refine.ls_goodness_of_fit_obs_esd               ? 
_refine.ls_hydrogen_treatment                    ? 
_refine.ls_matrix_type                           ? 
_refine.ls_number_constraints                    ? 
_refine.ls_number_parameters                     ? 
_refine.ls_number_reflns_all                     ? 
_refine.ls_number_reflns_obs                     3886 
_refine.ls_number_reflns_R_free                  228 
_refine.ls_number_reflns_R_work                  3658 
_refine.ls_number_restraints                     ? 
_refine.ls_percent_reflns_obs                    79.8600 
_refine.ls_percent_reflns_R_free                 5.8700 
_refine.ls_R_factor_all                          ? 
_refine.ls_R_factor_obs                          0.2580 
_refine.ls_R_factor_R_free                       0.2733 
_refine.ls_R_factor_R_free_error                 ? 
_refine.ls_R_factor_R_free_error_details         ? 
_refine.ls_R_factor_R_work                       0.2569 
_refine.ls_R_Fsqd_factor_obs                     ? 
_refine.ls_R_I_factor_obs                        ? 
_refine.ls_redundancy_reflns_all                 ? 
_refine.ls_redundancy_reflns_obs                 ? 
_refine.ls_restrained_S_all                      ? 
_refine.ls_restrained_S_obs                      ? 
_refine.ls_shift_over_esd_max                    ? 
_refine.ls_shift_over_esd_mean                   ? 
_refine.ls_structure_factor_coef                 ? 
_refine.ls_weighting_details                     ? 
_refine.ls_weighting_scheme                      ? 
_refine.ls_wR_factor_all                         ? 
_refine.ls_wR_factor_obs                         ? 
_refine.ls_wR_factor_R_free                      ? 
_refine.ls_wR_factor_R_work                      ? 
_refine.occupancy_max                            ? 
_refine.occupancy_min                            ? 
_refine.solvent_model_details                    'FLAT BULK SOLVENT MODEL' 
_refine.solvent_model_param_bsol                 ? 
_refine.solvent_model_param_ksol                 ? 
_refine.pdbx_R_complete                          ? 
_refine.ls_R_factor_gt                           ? 
_refine.ls_goodness_of_fit_gt                    ? 
_refine.ls_goodness_of_fit_ref                   ? 
_refine.ls_shift_over_su_max                     ? 
_refine.ls_shift_over_su_max_lt                  ? 
_refine.ls_shift_over_su_mean                    ? 
_refine.ls_shift_over_su_mean_lt                 ? 
_refine.pdbx_ls_sigma_I                          ? 
_refine.pdbx_ls_sigma_F                          2.000 
_refine.pdbx_ls_sigma_Fsqd                       ? 
_refine.pdbx_data_cutoff_high_absF               ? 
_refine.pdbx_data_cutoff_high_rms_absF           ? 
_refine.pdbx_data_cutoff_low_absF                ? 
_refine.pdbx_isotropic_thermal_model             ? 
_refine.pdbx_ls_cross_valid_method               THROUGHOUT 
_refine.pdbx_method_to_determine_struct          'MOLECULAR REPLACEMENT' 
_refine.pdbx_starting_model                      5VY6 
_refine.pdbx_stereochemistry_target_values       ML 
_refine.pdbx_R_Free_selection_details            ? 
_refine.pdbx_stereochem_target_val_spec_case     ? 
_refine.pdbx_overall_ESU_R                       ? 
_refine.pdbx_overall_ESU_R_Free                  ? 
_refine.pdbx_solvent_vdw_probe_radii             1.1100 
_refine.pdbx_solvent_ion_probe_radii             ? 
_refine.pdbx_solvent_shrinkage_radii             0.9000 
_refine.pdbx_real_space_R                        ? 
_refine.pdbx_density_correlation                 ? 
_refine.pdbx_pd_number_of_powder_patterns        ? 
_refine.pdbx_pd_number_of_points                 ? 
_refine.pdbx_pd_meas_number_of_points            ? 
_refine.pdbx_pd_proc_ls_prof_R_factor            ? 
_refine.pdbx_pd_proc_ls_prof_wR_factor           ? 
_refine.pdbx_pd_Marquardt_correlation_coeff      ? 
_refine.pdbx_pd_Fsqrd_R_factor                   ? 
_refine.pdbx_pd_ls_matrix_band_width             ? 
_refine.pdbx_overall_phase_error                 35.2000 
_refine.pdbx_overall_SU_R_free_Cruickshank_DPI   ? 
_refine.pdbx_overall_SU_R_free_Blow_DPI          ? 
_refine.pdbx_overall_SU_R_Blow_DPI               ? 
_refine.pdbx_TLS_residual_ADP_flag               ? 
_refine.pdbx_diffrn_id                           1 
_refine.overall_SU_B                             ? 
_refine.overall_SU_ML                            0.4200 
_refine.overall_SU_R_Cruickshank_DPI             ? 
_refine.overall_SU_R_free                        ? 
_refine.overall_FOM_free_R_set                   ? 
_refine.overall_FOM_work_R_set                   ? 
_refine.pdbx_average_fsc_overall                 ? 
_refine.pdbx_average_fsc_work                    ? 
_refine.pdbx_average_fsc_free                    ? 
# 
_refine_hist.pdbx_refine_id                   'X-RAY DIFFRACTION' 
_refine_hist.cycle_id                         final 
_refine_hist.details                          ? 
_refine_hist.d_res_high                       3.1570 
_refine_hist.d_res_low                        34.1520 
_refine_hist.number_atoms_solvent             0 
_refine_hist.number_atoms_total               857 
_refine_hist.number_reflns_all                ? 
_refine_hist.number_reflns_obs                ? 
_refine_hist.number_reflns_R_free             ? 
_refine_hist.number_reflns_R_work             ? 
_refine_hist.R_factor_all                     ? 
_refine_hist.R_factor_obs                     ? 
_refine_hist.R_factor_R_free                  ? 
_refine_hist.R_factor_R_work                  ? 
_refine_hist.pdbx_number_residues_total       42 
_refine_hist.pdbx_B_iso_mean_ligand           135.24 
_refine_hist.pdbx_B_iso_mean_solvent          ? 
_refine_hist.pdbx_number_atoms_protein        0 
_refine_hist.pdbx_number_atoms_nucleic_acid   855 
_refine_hist.pdbx_number_atoms_ligand         2 
_refine_hist.pdbx_number_atoms_lipid          ? 
_refine_hist.pdbx_number_atoms_carb           ? 
_refine_hist.pdbx_pseudo_atom_details         ? 
# 
loop_
_refine_ls_restr.pdbx_refine_id 
_refine_ls_restr.criterion 
_refine_ls_restr.dev_ideal 
_refine_ls_restr.dev_ideal_target 
_refine_ls_restr.number 
_refine_ls_restr.rejects 
_refine_ls_restr.type 
_refine_ls_restr.weight 
_refine_ls_restr.pdbx_restraint_function 
'X-RAY DIFFRACTION' ? 0.006  ? 956  ? f_bond_d           ? ? 
'X-RAY DIFFRACTION' ? 0.734  ? 1467 ? f_angle_d          ? ? 
'X-RAY DIFFRACTION' ? 0.036  ? 166  ? f_chiral_restr     ? ? 
'X-RAY DIFFRACTION' ? 0.005  ? 42   ? f_plane_restr      ? ? 
'X-RAY DIFFRACTION' ? 35.749 ? 406  ? f_dihedral_angle_d ? ? 
# 
loop_
_refine_ls_shell.pdbx_refine_id 
_refine_ls_shell.d_res_high 
_refine_ls_shell.d_res_low 
_refine_ls_shell.number_reflns_all 
_refine_ls_shell.number_reflns_obs 
_refine_ls_shell.number_reflns_R_free 
_refine_ls_shell.number_reflns_R_work 
_refine_ls_shell.percent_reflns_obs 
_refine_ls_shell.percent_reflns_R_free 
_refine_ls_shell.R_factor_all 
_refine_ls_shell.R_factor_obs 
_refine_ls_shell.R_factor_R_free 
_refine_ls_shell.R_factor_R_free_error 
_refine_ls_shell.R_factor_R_work 
_refine_ls_shell.redundancy_reflns_all 
_refine_ls_shell.redundancy_reflns_obs 
_refine_ls_shell.wR_factor_all 
_refine_ls_shell.wR_factor_obs 
_refine_ls_shell.wR_factor_R_free 
_refine_ls_shell.wR_factor_R_work 
_refine_ls_shell.pdbx_R_complete 
_refine_ls_shell.pdbx_total_number_of_bins_used 
_refine_ls_shell.pdbx_phase_error 
_refine_ls_shell.pdbx_fsc_work 
_refine_ls_shell.pdbx_fsc_free 
'X-RAY DIFFRACTION' 3.1574 3.9770 . . 92  1418 62.0000 . . . 0.3467 0.0000 0.3727 . . . . . . . . . . . 
'X-RAY DIFFRACTION' 3.9770 34.152 . . 136 2240 98.0000 . . . 0.2583 0.0000 0.2324 . . . . . . . . . . . 
# 
_struct.entry_id                     7JP9 
_struct.title                        
'Self-assembly of a 3D DNA crystal lattice (4x6 duplex version) containing the J8 immobile Holliday junction' 
_struct.pdbx_model_details           ? 
_struct.pdbx_formula_weight          ? 
_struct.pdbx_formula_weight_method   ? 
_struct.pdbx_model_type_details      ? 
_struct.pdbx_CASP_flag               N 
# 
_struct_keywords.entry_id        7JP9 
_struct_keywords.text            
'Structural DNA nanotechnology, immobile Holliday junctions, 3D DNA self-assembly, designer DNA crystals, DNA' 
_struct_keywords.pdbx_keywords   DNA 
# 
loop_
_struct_asym.id 
_struct_asym.pdbx_blank_PDB_chainid_flag 
_struct_asym.pdbx_modified 
_struct_asym.entity_id 
_struct_asym.details 
A N N 1 ? 
B N N 2 ? 
C N N 3 ? 
D N N 4 ? 
E N N 5 ? 
F N N 6 ? 
# 
loop_
_struct_conn.id 
_struct_conn.conn_type_id 
_struct_conn.pdbx_leaving_atom_flag 
_struct_conn.pdbx_PDB_id 
_struct_conn.ptnr1_label_asym_id 
_struct_conn.ptnr1_label_comp_id 
_struct_conn.ptnr1_label_seq_id 
_struct_conn.ptnr1_label_atom_id 
_struct_conn.pdbx_ptnr1_label_alt_id 
_struct_conn.pdbx_ptnr1_PDB_ins_code 
_struct_conn.pdbx_ptnr1_standard_comp_id 
_struct_conn.ptnr1_symmetry 
_struct_conn.ptnr2_label_asym_id 
_struct_conn.ptnr2_label_comp_id 
_struct_conn.ptnr2_label_seq_id 
_struct_conn.ptnr2_label_atom_id 
_struct_conn.pdbx_ptnr2_label_alt_id 
_struct_conn.pdbx_ptnr2_PDB_ins_code 
_struct_conn.ptnr1_auth_asym_id 
_struct_conn.ptnr1_auth_comp_id 
_struct_conn.ptnr1_auth_seq_id 
_struct_conn.ptnr2_auth_asym_id 
_struct_conn.ptnr2_auth_comp_id 
_struct_conn.ptnr2_auth_seq_id 
_struct_conn.ptnr2_symmetry 
_struct_conn.pdbx_ptnr3_label_atom_id 
_struct_conn.pdbx_ptnr3_label_seq_id 
_struct_conn.pdbx_ptnr3_label_comp_id 
_struct_conn.pdbx_ptnr3_label_asym_id 
_struct_conn.pdbx_ptnr3_label_alt_id 
_struct_conn.pdbx_ptnr3_PDB_ins_code 
_struct_conn.details 
_struct_conn.pdbx_dist_value 
_struct_conn.pdbx_value_order 
_struct_conn.pdbx_role 
hydrog1  hydrog ? ? A DG 3  N2 ? ? ? 1_555 D DC 7 N3 ? ? A DG 3  D DC 16 1_555 ? ? ? ? ? ? 'DG-DC PAIR' ? ? ? 
hydrog2  hydrog ? ? A DC 4  N3 ? ? ? 1_555 D DG 6 N1 ? ? A DC 4  D DG 15 1_555 ? ? ? ? ? ? WATSON-CRICK ? ? ? 
hydrog3  hydrog ? ? A DC 4  N4 ? ? ? 1_555 D DG 6 O6 ? ? A DC 4  D DG 15 1_555 ? ? ? ? ? ? WATSON-CRICK ? ? ? 
hydrog4  hydrog ? ? A DC 4  O2 ? ? ? 1_555 D DG 6 N2 ? ? A DC 4  D DG 15 1_555 ? ? ? ? ? ? WATSON-CRICK ? ? ? 
hydrog5  hydrog ? ? A DA 5  N1 ? ? ? 1_555 D DT 5 N3 ? ? A DA 5  D DT 14 1_555 ? ? ? ? ? ? WATSON-CRICK ? ? ? 
hydrog6  hydrog ? ? A DA 5  N6 ? ? ? 1_555 D DT 5 O4 ? ? A DA 5  D DT 14 1_555 ? ? ? ? ? ? WATSON-CRICK ? ? ? 
hydrog7  hydrog ? ? A DG 6  N1 ? ? ? 1_555 D DC 4 N3 ? ? A DG 6  D DC 13 1_555 ? ? ? ? ? ? WATSON-CRICK ? ? ? 
hydrog8  hydrog ? ? A DG 6  N2 ? ? ? 1_555 D DC 4 O2 ? ? A DG 6  D DC 13 1_555 ? ? ? ? ? ? WATSON-CRICK ? ? ? 
hydrog9  hydrog ? ? A DG 6  O6 ? ? ? 1_555 D DC 4 N4 ? ? A DG 6  D DC 13 1_555 ? ? ? ? ? ? WATSON-CRICK ? ? ? 
hydrog10 hydrog ? ? A DA 7  N1 ? ? ? 1_555 D DT 3 N3 ? ? A DA 7  D DT 12 1_555 ? ? ? ? ? ? WATSON-CRICK ? ? ? 
hydrog11 hydrog ? ? A DA 7  N6 ? ? ? 1_555 D DT 3 O4 ? ? A DA 7  D DT 12 1_555 ? ? ? ? ? ? WATSON-CRICK ? ? ? 
hydrog12 hydrog ? ? A DC 8  N3 ? ? ? 1_555 D DG 2 N1 ? ? A DC 8  D DG 11 1_555 ? ? ? ? ? ? WATSON-CRICK ? ? ? 
hydrog13 hydrog ? ? A DC 8  N4 ? ? ? 1_555 D DG 2 O6 ? ? A DC 8  D DG 11 1_555 ? ? ? ? ? ? WATSON-CRICK ? ? ? 
hydrog14 hydrog ? ? A DC 8  O2 ? ? ? 1_555 D DG 2 N2 ? ? A DC 8  D DG 11 1_555 ? ? ? ? ? ? WATSON-CRICK ? ? ? 
hydrog15 hydrog ? ? A DC 9  N3 ? ? ? 1_555 D DG 1 N1 ? ? A DC 9  D DG 10 1_555 ? ? ? ? ? ? WATSON-CRICK ? ? ? 
hydrog16 hydrog ? ? A DC 9  N4 ? ? ? 1_555 D DG 1 O6 ? ? A DC 9  D DG 10 1_555 ? ? ? ? ? ? WATSON-CRICK ? ? ? 
hydrog17 hydrog ? ? A DC 9  O2 ? ? ? 1_555 D DG 1 N2 ? ? A DC 9  D DG 10 1_555 ? ? ? ? ? ? WATSON-CRICK ? ? ? 
hydrog18 hydrog ? ? A DA 10 N1 ? ? ? 1_555 B DT 6 N3 ? ? A DA 10 B DT 5  1_555 ? ? ? ? ? ? WATSON-CRICK ? ? ? 
hydrog19 hydrog ? ? A DA 10 N6 ? ? ? 1_555 B DT 6 O4 ? ? A DA 10 B DT 5  1_555 ? ? ? ? ? ? WATSON-CRICK ? ? ? 
hydrog20 hydrog ? ? A DG 11 N1 ? ? ? 1_555 B DC 5 N3 ? ? A DG 11 B DC 4  1_555 ? ? ? ? ? ? WATSON-CRICK ? ? ? 
hydrog21 hydrog ? ? A DG 11 N2 ? ? ? 1_555 B DC 5 O2 ? ? A DG 11 B DC 4  1_555 ? ? ? ? ? ? WATSON-CRICK ? ? ? 
hydrog22 hydrog ? ? A DG 11 O6 ? ? ? 1_555 B DC 5 N4 ? ? A DG 11 B DC 4  1_555 ? ? ? ? ? ? WATSON-CRICK ? ? ? 
hydrog23 hydrog ? ? A DA 12 N1 ? ? ? 1_555 B DT 4 N3 ? ? A DA 12 B DT 3  1_555 ? ? ? ? ? ? WATSON-CRICK ? ? ? 
hydrog24 hydrog ? ? A DA 12 N6 ? ? ? 1_555 B DT 4 O4 ? ? A DA 12 B DT 3  1_555 ? ? ? ? ? ? WATSON-CRICK ? ? ? 
hydrog25 hydrog ? ? A DC 13 N3 ? ? ? 1_555 B DG 3 N1 ? ? A DC 13 B DG 2  1_555 ? ? ? ? ? ? WATSON-CRICK ? ? ? 
hydrog26 hydrog ? ? A DC 13 N4 ? ? ? 1_555 B DG 3 O6 ? ? A DC 13 B DG 2  1_555 ? ? ? ? ? ? WATSON-CRICK ? ? ? 
hydrog27 hydrog ? ? A DC 13 O2 ? ? ? 1_555 B DG 3 N2 ? ? A DC 13 B DG 2  1_555 ? ? ? ? ? ? WATSON-CRICK ? ? ? 
hydrog28 hydrog ? ? A DG 14 N1 ? ? ? 1_555 B DC 2 N3 ? ? A DG 14 B DC 1  1_555 ? ? ? ? ? ? WATSON-CRICK ? ? ? 
hydrog29 hydrog ? ? A DG 14 N2 ? ? ? 1_555 B DC 2 O2 ? ? A DG 14 B DC 1  1_555 ? ? ? ? ? ? WATSON-CRICK ? ? ? 
hydrog30 hydrog ? ? A DG 14 O6 ? ? ? 1_555 B DC 2 N4 ? ? A DG 14 B DC 1  1_555 ? ? ? ? ? ? WATSON-CRICK ? ? ? 
hydrog31 hydrog ? ? A DA 15 N1 ? ? ? 1_555 B DT 1 N3 ? ? A DA 15 B DT 0  1_555 ? ? ? ? ? ? WATSON-CRICK ? ? ? 
hydrog32 hydrog ? ? A DA 15 N6 ? ? ? 1_555 B DT 1 O4 ? ? A DA 15 B DT 0  1_555 ? ? ? ? ? ? WATSON-CRICK ? ? ? 
hydrog33 hydrog ? ? A DC 16 N3 ? ? ? 1_555 C DG 8 N1 ? ? A DC 16 C DG 8  1_555 ? ? ? ? ? ? WATSON-CRICK ? ? ? 
hydrog34 hydrog ? ? A DC 16 N4 ? ? ? 1_555 C DG 8 O6 ? ? A DC 16 C DG 8  1_555 ? ? ? ? ? ? WATSON-CRICK ? ? ? 
hydrog35 hydrog ? ? A DC 16 O2 ? ? ? 1_555 C DG 8 N2 ? ? A DC 16 C DG 8  1_555 ? ? ? ? ? ? WATSON-CRICK ? ? ? 
hydrog36 hydrog ? ? A DA 17 N1 ? ? ? 1_555 C DT 7 N3 ? ? A DA 17 C DT 7  1_555 ? ? ? ? ? ? WATSON-CRICK ? ? ? 
hydrog37 hydrog ? ? A DA 17 N6 ? ? ? 1_555 C DT 7 O4 ? ? A DA 17 C DT 7  1_555 ? ? ? ? ? ? WATSON-CRICK ? ? ? 
hydrog38 hydrog ? ? A DC 18 N3 ? ? ? 1_555 C DG 6 N1 ? ? A DC 18 C DG 6  1_555 ? ? ? ? ? ? WATSON-CRICK ? ? ? 
hydrog39 hydrog ? ? A DC 18 N4 ? ? ? 1_555 C DG 6 O6 ? ? A DC 18 C DG 6  1_555 ? ? ? ? ? ? WATSON-CRICK ? ? ? 
hydrog40 hydrog ? ? A DC 18 O2 ? ? ? 1_555 C DG 6 N2 ? ? A DC 18 C DG 6  1_555 ? ? ? ? ? ? WATSON-CRICK ? ? ? 
hydrog41 hydrog ? ? A DT 19 N3 ? ? ? 1_555 C DA 5 N1 ? ? A DT 19 C DA 5  1_555 ? ? ? ? ? ? WATSON-CRICK ? ? ? 
hydrog42 hydrog ? ? A DT 19 O4 ? ? ? 1_555 C DA 5 N6 ? ? A DT 19 C DA 5  1_555 ? ? ? ? ? ? WATSON-CRICK ? ? ? 
hydrog43 hydrog ? ? A DC 20 N3 ? ? ? 1_555 C DG 4 N1 ? ? A DC 20 C DG 4  1_555 ? ? ? ? ? ? WATSON-CRICK ? ? ? 
hydrog44 hydrog ? ? A DC 20 N4 ? ? ? 1_555 C DG 4 O6 ? ? A DC 20 C DG 4  1_555 ? ? ? ? ? ? WATSON-CRICK ? ? ? 
hydrog45 hydrog ? ? A DC 20 O2 ? ? ? 1_555 C DG 4 N2 ? ? A DC 20 C DG 4  1_555 ? ? ? ? ? ? WATSON-CRICK ? ? ? 
hydrog46 hydrog ? ? A DA 21 N1 ? ? ? 1_555 C DT 3 N3 ? ? A DA 21 C DT 3  1_555 ? ? ? ? ? ? WATSON-CRICK ? ? ? 
hydrog47 hydrog ? ? A DA 21 N6 ? ? ? 1_555 C DT 3 O4 ? ? A DA 21 C DT 3  1_555 ? ? ? ? ? ? WATSON-CRICK ? ? ? 
# 
_struct_conn_type.id          hydrog 
_struct_conn_type.criteria    ? 
_struct_conn_type.reference   ? 
# 
_atom_sites.entry_id                    7JP9 
_atom_sites.Cartn_transf_matrix[1][1]   ? 
_atom_sites.Cartn_transf_matrix[1][2]   ? 
_atom_sites.Cartn_transf_matrix[1][3]   ? 
_atom_sites.Cartn_transf_matrix[2][1]   ? 
_atom_sites.Cartn_transf_matrix[2][2]   ? 
_atom_sites.Cartn_transf_matrix[2][3]   ? 
_atom_sites.Cartn_transf_matrix[3][1]   ? 
_atom_sites.Cartn_transf_matrix[3][2]   ? 
_atom_sites.Cartn_transf_matrix[3][3]   ? 
_atom_sites.Cartn_transf_vector[1]      ? 
_atom_sites.Cartn_transf_vector[2]      ? 
_atom_sites.Cartn_transf_vector[3]      ? 
_atom_sites.fract_transf_matrix[1][1]   -0.00682324 
_atom_sites.fract_transf_matrix[1][2]   -0.00976272 
_atom_sites.fract_transf_matrix[1][3]   -0.01199648 
_atom_sites.fract_transf_matrix[2][1]   -0.01157028 
_atom_sites.fract_transf_matrix[2][2]   -0.01161544 
_atom_sites.fract_transf_matrix[2][3]   0.00412180 
_atom_sites.fract_transf_matrix[3][1]   -0.01336746 
_atom_sites.fract_transf_matrix[3][2]   0.01242528 
_atom_sites.fract_transf_matrix[3][3]   -0.00250867 
_atom_sites.fract_transf_vector[1]      1.150179 
_atom_sites.fract_transf_vector[2]      1.103411 
_atom_sites.fract_transf_vector[3]      -0.122285 
_atom_sites.solution_primary            ? 
_atom_sites.solution_secondary          ? 
_atom_sites.solution_hydrogens          ? 
_atom_sites.special_details             ? 
# 
loop_
_atom_type.symbol 
AS 
C  
MG 
N  
O  
P  
# 
loop_
_atom_site.group_PDB 
_atom_site.id 
_atom_site.type_symbol 
_atom_site.label_atom_id 
_atom_site.label_alt_id 
_atom_site.label_comp_id 
_atom_site.label_asym_id 
_atom_site.label_entity_id 
_atom_site.label_seq_id 
_atom_site.pdbx_PDB_ins_code 
_atom_site.Cartn_x 
_atom_site.Cartn_y 
_atom_site.Cartn_z 
_atom_site.occupancy 
_atom_site.B_iso_or_equiv 
_atom_site.pdbx_formal_charge 
_atom_site.auth_seq_id 
_atom_site.auth_comp_id 
_atom_site.auth_asym_id 
_atom_site.auth_atom_id 
_atom_site.pdbx_PDB_model_num 
ATOM   1   O  "O5'" . DG  A 1 1  ? -19.222 -8.371  29.292  1.00 124.88 ? 1   DG  A "O5'" 1 
ATOM   2   C  "C5'" . DG  A 1 1  ? -20.270 -8.979  28.541  1.00 116.15 ? 1   DG  A "C5'" 1 
ATOM   3   C  "C4'" . DG  A 1 1  ? -20.147 -10.491 28.568  1.00 112.31 ? 1   DG  A "C4'" 1 
ATOM   4   O  "O4'" . DG  A 1 1  ? -21.243 -11.065 27.850  1.00 105.58 ? 1   DG  A "O4'" 1 
ATOM   5   C  "C3'" . DG  A 1 1  ? -18.900 -11.041 27.886  1.00 121.28 ? 1   DG  A "C3'" 1 
ATOM   6   O  "O3'" . DG  A 1 1  ? -17.881 -11.245 28.849  1.00 127.55 ? 1   DG  A "O3'" 1 
ATOM   7   C  "C2'" . DG  A 1 1  ? -19.360 -12.372 27.263  1.00 114.93 ? 1   DG  A "C2'" 1 
ATOM   8   C  "C1'" . DG  A 1 1  ? -20.880 -12.356 27.433  1.00 110.34 ? 1   DG  A "C1'" 1 
ATOM   9   N  N9    . DG  A 1 1  ? -21.637 -12.680 26.223  1.00 108.51 ? 1   DG  A N9    1 
ATOM   10  C  C8    . DG  A 1 1  ? -22.646 -11.937 25.662  1.00 108.31 ? 1   DG  A C8    1 
ATOM   11  N  N7    . DG  A 1 1  ? -23.165 -12.482 24.598  1.00 101.64 ? 1   DG  A N7    1 
ATOM   12  C  C5    . DG  A 1 1  ? -22.456 -13.661 24.440  1.00 105.33 ? 1   DG  A C5    1 
ATOM   13  C  C6    . DG  A 1 1  ? -22.572 -14.666 23.453  1.00 106.85 ? 1   DG  A C6    1 
ATOM   14  O  O6    . DG  A 1 1  ? -23.351 -14.710 22.494  1.00 106.13 ? 1   DG  A O6    1 
ATOM   15  N  N1    . DG  A 1 1  ? -21.661 -15.700 23.658  1.00 110.77 ? 1   DG  A N1    1 
ATOM   16  C  C2    . DG  A 1 1  ? -20.750 -15.751 24.687  1.00 113.16 ? 1   DG  A C2    1 
ATOM   17  N  N2    . DG  A 1 1  ? -19.949 -16.829 24.722  1.00 110.21 ? 1   DG  A N2    1 
ATOM   18  N  N3    . DG  A 1 1  ? -20.632 -14.814 25.621  1.00 111.91 ? 1   DG  A N3    1 
ATOM   19  C  C4    . DG  A 1 1  ? -21.512 -13.802 25.434  1.00 109.22 ? 1   DG  A C4    1 
ATOM   20  P  P     . DA  A 1 2  ? -16.562 -10.329 28.829  1.00 137.20 ? 2   DA  A P     1 
ATOM   21  O  OP1   . DA  A 1 2  ? -16.035 -10.296 30.212  1.00 126.81 ? 2   DA  A OP1   1 
ATOM   22  O  OP2   . DA  A 1 2  ? -16.889 -9.064  28.133  1.00 131.20 ? 2   DA  A OP2   1 
ATOM   23  O  "O5'" . DA  A 1 2  ? -15.547 -11.151 27.908  1.00 129.96 ? 2   DA  A "O5'" 1 
ATOM   24  C  "C5'" . DA  A 1 2  ? -14.950 -12.328 28.413  1.00 126.94 ? 2   DA  A "C5'" 1 
ATOM   25  C  "C4'" . DA  A 1 2  ? -14.911 -13.419 27.363  1.00 125.48 ? 2   DA  A "C4'" 1 
ATOM   26  O  "O4'" . DA  A 1 2  ? -16.146 -13.429 26.606  1.00 119.34 ? 2   DA  A "O4'" 1 
ATOM   27  C  "C3'" . DA  A 1 2  ? -13.785 -13.297 26.333  1.00 128.62 ? 2   DA  A "C3'" 1 
ATOM   28  O  "O3'" . DA  A 1 2  ? -13.041 -14.507 26.316  1.00 136.89 ? 2   DA  A "O3'" 1 
ATOM   29  C  "C2'" . DA  A 1 2  ? -14.523 -13.063 25.006  1.00 126.88 ? 2   DA  A "C2'" 1 
ATOM   30  C  "C1'" . DA  A 1 2  ? -15.840 -13.762 25.279  1.00 119.88 ? 2   DA  A "C1'" 1 
ATOM   31  N  N9    . DA  A 1 2  ? -16.946 -13.332 24.431  1.00 118.55 ? 2   DA  A N9    1 
ATOM   32  C  C8    . DA  A 1 2  ? -17.623 -12.146 24.492  1.00 118.51 ? 2   DA  A C8    1 
ATOM   33  N  N7    . DA  A 1 2  ? -18.593 -12.044 23.614  1.00 110.11 ? 2   DA  A N7    1 
ATOM   34  C  C5    . DA  A 1 2  ? -18.552 -13.249 22.934  1.00 113.50 ? 2   DA  A C5    1 
ATOM   35  C  C6    . DA  A 1 2  ? -19.322 -13.767 21.876  1.00 111.11 ? 2   DA  A C6    1 
ATOM   36  N  N6    . DA  A 1 2  ? -20.327 -13.097 21.300  1.00 107.61 ? 2   DA  A N6    1 
ATOM   37  N  N1    . DA  A 1 2  ? -19.019 -15.006 21.429  1.00 110.25 ? 2   DA  A N1    1 
ATOM   38  C  C2    . DA  A 1 2  ? -18.011 -15.672 22.007  1.00 112.97 ? 2   DA  A C2    1 
ATOM   39  N  N3    . DA  A 1 2  ? -17.219 -15.289 23.006  1.00 115.74 ? 2   DA  A N3    1 
ATOM   40  C  C4    . DA  A 1 2  ? -17.545 -14.058 23.428  1.00 116.56 ? 2   DA  A C4    1 
ATOM   41  P  P     . DG  A 1 3  ? -11.778 -14.676 25.341  1.00 143.02 ? 3   DG  A P     1 
ATOM   42  O  OP1   . DG  A 1 3  ? -10.962 -15.801 25.848  1.00 136.88 ? 3   DG  A OP1   1 
ATOM   43  O  OP2   . DG  A 1 3  ? -11.178 -13.335 25.166  1.00 137.05 ? 3   DG  A OP2   1 
ATOM   44  O  "O5'" . DG  A 1 3  ? -12.429 -15.124 23.952  1.00 136.95 ? 3   DG  A "O5'" 1 
ATOM   45  C  "C5'" . DG  A 1 3  ? -11.620 -15.254 22.802  1.00 137.88 ? 3   DG  A "C5'" 1 
ATOM   46  C  "C4'" . DG  A 1 3  ? -12.160 -16.341 21.897  1.00 139.19 ? 3   DG  A "C4'" 1 
ATOM   47  O  "O4'" . DG  A 1 3  ? -13.585 -16.157 21.717  1.00 136.36 ? 3   DG  A "O4'" 1 
ATOM   48  C  "C3'" . DG  A 1 3  ? -11.566 -16.359 20.504  1.00 137.74 ? 3   DG  A "C3'" 1 
ATOM   49  O  "O3'" . DG  A 1 3  ? -11.575 -17.683 19.989  1.00 149.29 ? 3   DG  A "O3'" 1 
ATOM   50  C  "C2'" . DG  A 1 3  ? -12.501 -15.435 19.724  1.00 130.26 ? 3   DG  A "C2'" 1 
ATOM   51  C  "C1'" . DG  A 1 3  ? -13.849 -15.604 20.441  1.00 132.27 ? 3   DG  A "C1'" 1 
ATOM   52  N  N9    . DG  A 1 3  ? -14.568 -14.343 20.629  1.00 129.17 ? 3   DG  A N9    1 
ATOM   53  C  C8    . DG  A 1 3  ? -14.267 -13.350 21.531  1.00 126.14 ? 3   DG  A C8    1 
ATOM   54  N  N7    . DG  A 1 3  ? -15.078 -12.330 21.476  1.00 121.61 ? 3   DG  A N7    1 
ATOM   55  C  C5    . DG  A 1 3  ? -15.980 -12.666 20.472  1.00 121.83 ? 3   DG  A C5    1 
ATOM   56  C  C6    . DG  A 1 3  ? -17.091 -11.946 19.965  1.00 113.60 ? 3   DG  A C6    1 
ATOM   57  O  O6    . DG  A 1 3  ? -17.510 -10.833 20.318  1.00 108.79 ? 3   DG  A O6    1 
ATOM   58  N  N1    . DG  A 1 3  ? -17.739 -12.645 18.945  1.00 111.44 ? 3   DG  A N1    1 
ATOM   59  C  C2    . DG  A 1 3  ? -17.361 -13.884 18.475  1.00 113.97 ? 3   DG  A C2    1 
ATOM   60  N  N2    . DG  A 1 3  ? -18.108 -14.402 17.487  1.00 100.39 ? 3   DG  A N2    1 
ATOM   61  N  N3    . DG  A 1 3  ? -16.322 -14.570 18.943  1.00 117.65 ? 3   DG  A N3    1 
ATOM   62  C  C4    . DG  A 1 3  ? -15.680 -13.903 19.937  1.00 122.24 ? 3   DG  A C4    1 
ATOM   63  P  P     . DC  A 1 4  ? -10.542 -18.107 18.834  1.00 147.69 ? 4   DC  A P     1 
ATOM   64  O  OP1   . DC  A 1 4  ? -10.396 -19.582 18.853  1.00 133.74 ? 4   DC  A OP1   1 
ATOM   65  O  OP2   . DC  A 1 4  ? -9.355  -17.236 18.981  1.00 138.97 ? 4   DC  A OP2   1 
ATOM   66  O  "O5'" . DC  A 1 4  ? -11.303 -17.700 17.493  1.00 136.99 ? 4   DC  A "O5'" 1 
ATOM   67  C  "C5'" . DC  A 1 4  ? -12.651 -18.094 17.308  1.00 134.19 ? 4   DC  A "C5'" 1 
ATOM   68  C  "C4'" . DC  A 1 4  ? -13.274 -17.337 16.156  1.00 127.16 ? 4   DC  A "C4'" 1 
ATOM   69  O  "O4'" . DC  A 1 4  ? -13.953 -16.159 16.647  1.00 119.57 ? 4   DC  A "O4'" 1 
ATOM   70  C  "C3'" . DC  A 1 4  ? -12.279 -16.843 15.100  1.00 128.85 ? 4   DC  A "C3'" 1 
ATOM   71  O  "O3'" . DC  A 1 4  ? -12.611 -17.395 13.839  1.00 138.56 ? 4   DC  A "O3'" 1 
ATOM   72  C  "C2'" . DC  A 1 4  ? -12.452 -15.317 15.114  1.00 125.71 ? 4   DC  A "C2'" 1 
ATOM   73  C  "C1'" . DC  A 1 4  ? -13.860 -15.174 15.657  1.00 117.87 ? 4   DC  A "C1'" 1 
ATOM   74  N  N1    . DC  A 1 4  ? -14.153 -13.844 16.267  1.00 115.46 ? 4   DC  A N1    1 
ATOM   75  C  C2    . DC  A 1 4  ? -15.213 -13.080 15.773  1.00 116.42 ? 4   DC  A C2    1 
ATOM   76  O  O2    . DC  A 1 4  ? -15.886 -13.526 14.836  1.00 118.40 ? 4   DC  A O2    1 
ATOM   77  N  N3    . DC  A 1 4  ? -15.474 -11.871 16.336  1.00 116.05 ? 4   DC  A N3    1 
ATOM   78  C  C4    . DC  A 1 4  ? -14.719 -11.430 17.346  1.00 116.41 ? 4   DC  A C4    1 
ATOM   79  N  N4    . DC  A 1 4  ? -15.011 -10.233 17.873  1.00 117.29 ? 4   DC  A N4    1 
ATOM   80  C  C5    . DC  A 1 4  ? -13.635 -12.197 17.862  1.00 115.04 ? 4   DC  A C5    1 
ATOM   81  C  C6    . DC  A 1 4  ? -13.389 -13.383 17.297  1.00 117.47 ? 4   DC  A C6    1 
ATOM   82  P  P     . DA  A 1 5  ? -11.456 -17.843 12.814  1.00 157.66 ? 5   DA  A P     1 
ATOM   83  O  OP1   . DA  A 1 5  ? -11.338 -19.320 12.859  1.00 137.62 ? 5   DA  A OP1   1 
ATOM   84  O  OP2   . DA  A 1 5  ? -10.267 -17.000 13.076  1.00 151.93 ? 5   DA  A OP2   1 
ATOM   85  O  "O5'" . DA  A 1 5  ? -12.050 -17.429 11.392  1.00 145.26 ? 5   DA  A "O5'" 1 
ATOM   86  C  "C5'" . DA  A 1 5  ? -13.399 -17.740 11.078  1.00 139.38 ? 5   DA  A "C5'" 1 
ATOM   87  C  "C4'" . DA  A 1 5  ? -14.074 -16.571 10.382  1.00 142.53 ? 5   DA  A "C4'" 1 
ATOM   88  O  "O4'" . DA  A 1 5  ? -14.285 -15.496 11.322  1.00 135.68 ? 5   DA  A "O4'" 1 
ATOM   89  C  "C3'" . DA  A 1 5  ? -13.288 -15.975 9.215   1.00 139.29 ? 5   DA  A "C3'" 1 
ATOM   90  O  "O3'" . DA  A 1 5  ? -13.998 -16.206 8.005   1.00 138.25 ? 5   DA  A "O3'" 1 
ATOM   91  C  "C2'" . DA  A 1 5  ? -13.162 -14.472 9.545   1.00 134.47 ? 5   DA  A "C2'" 1 
ATOM   92  C  "C1'" . DA  A 1 5  ? -14.194 -14.266 10.651  1.00 129.03 ? 5   DA  A "C1'" 1 
ATOM   93  N  N9    . DA  A 1 5  ? -13.826 -13.260 11.648  1.00 123.29 ? 5   DA  A N9    1 
ATOM   94  C  C8    . DA  A 1 5  ? -12.793 -13.335 12.539  1.00 120.34 ? 5   DA  A C8    1 
ATOM   95  N  N7    . DA  A 1 5  ? -12.708 -12.305 13.346  1.00 115.74 ? 5   DA  A N7    1 
ATOM   96  C  C5    . DA  A 1 5  ? -13.767 -11.497 12.970  1.00 120.62 ? 5   DA  A C5    1 
ATOM   97  C  C6    . DA  A 1 5  ? -14.227 -10.252 13.448  1.00 119.82 ? 5   DA  A C6    1 
ATOM   98  N  N6    . DA  A 1 5  ? -13.634 -9.590  14.446  1.00 116.47 ? 5   DA  A N6    1 
ATOM   99  N  N1    . DA  A 1 5  ? -15.313 -9.711  12.852  1.00 119.82 ? 5   DA  A N1    1 
ATOM   100 C  C2    . DA  A 1 5  ? -15.900 -10.381 11.851  1.00 121.03 ? 5   DA  A C2    1 
ATOM   101 N  N3    . DA  A 1 5  ? -15.560 -11.558 11.316  1.00 125.10 ? 5   DA  A N3    1 
ATOM   102 C  C4    . DA  A 1 5  ? -14.476 -12.070 11.927  1.00 124.76 ? 5   DA  A C4    1 
ATOM   103 P  P     . DG  A 1 6  ? -13.269 -16.056 6.583   1.00 151.85 ? 6   DG  A P     1 
ATOM   104 O  OP1   . DG  A 1 6  ? -13.767 -17.137 5.702   1.00 151.60 ? 6   DG  A OP1   1 
ATOM   105 O  OP2   . DG  A 1 6  ? -11.814 -15.915 6.820   1.00 151.90 ? 6   DG  A OP2   1 
ATOM   106 O  "O5'" . DG  A 1 6  ? -13.825 -14.664 6.044   1.00 136.40 ? 6   DG  A "O5'" 1 
ATOM   107 C  "C5'" . DG  A 1 6  ? -15.191 -14.344 6.238   1.00 133.93 ? 6   DG  A "C5'" 1 
ATOM   108 C  "C4'" . DG  A 1 6  ? -15.388 -12.846 6.243   1.00 127.51 ? 6   DG  A "C4'" 1 
ATOM   109 O  "O4'" . DG  A 1 6  ? -15.052 -12.316 7.537   1.00 123.03 ? 6   DG  A "O4'" 1 
ATOM   110 C  "C3'" . DG  A 1 6  ? -14.512 -12.093 5.251   1.00 130.77 ? 6   DG  A "C3'" 1 
ATOM   111 O  "O3'" . DG  A 1 6  ? -15.291 -11.709 4.137   1.00 133.98 ? 6   DG  A "O3'" 1 
ATOM   112 C  "C2'" . DG  A 1 6  ? -13.982 -10.873 6.037   1.00 131.04 ? 6   DG  A "C2'" 1 
ATOM   113 C  "C1'" . DG  A 1 6  ? -14.707 -10.966 7.378   1.00 127.21 ? 6   DG  A "C1'" 1 
ATOM   114 N  N9    . DG  A 1 6  ? -13.897 -10.560 8.531   1.00 127.07 ? 6   DG  A N9    1 
ATOM   115 C  C8    . DG  A 1 6  ? -12.837 -11.242 9.079   1.00 127.72 ? 6   DG  A C8    1 
ATOM   116 N  N7    . DG  A 1 6  ? -12.311 -10.647 10.114  1.00 122.01 ? 6   DG  A N7    1 
ATOM   117 C  C5    . DG  A 1 6  ? -13.073 -9.498  10.267  1.00 123.32 ? 6   DG  A C5    1 
ATOM   118 C  C6    . DG  A 1 6  ? -12.973 -8.462  11.221  1.00 122.26 ? 6   DG  A C6    1 
ATOM   119 O  O6    . DG  A 1 6  ? -12.165 -8.354  12.154  1.00 123.80 ? 6   DG  A O6    1 
ATOM   120 N  N1    . DG  A 1 6  ? -13.942 -7.485  11.024  1.00 120.61 ? 6   DG  A N1    1 
ATOM   121 C  C2    . DG  A 1 6  ? -14.886 -7.503  10.024  1.00 123.08 ? 6   DG  A C2    1 
ATOM   122 N  N2    . DG  A 1 6  ? -15.741 -6.472  9.985   1.00 123.98 ? 6   DG  A N2    1 
ATOM   123 N  N3    . DG  A 1 6  ? -14.990 -8.469  9.121   1.00 117.56 ? 6   DG  A N3    1 
ATOM   124 C  C4    . DG  A 1 6  ? -14.055 -9.430  9.302   1.00 123.50 ? 6   DG  A C4    1 
ATOM   125 P  P     . DA  A 1 7  ? -14.606 -10.986 2.883   1.00 140.06 ? 7   DA  A P     1 
ATOM   126 O  OP1   . DA  A 1 7  ? -15.438 -11.282 1.695   1.00 138.55 ? 7   DA  A OP1   1 
ATOM   127 O  OP2   . DA  A 1 7  ? -13.170 -11.347 2.883   1.00 139.63 ? 7   DA  A OP2   1 
ATOM   128 O  "O5'" . DA  A 1 7  ? -14.722 -9.433  3.239   1.00 135.00 ? 7   DA  A "O5'" 1 
ATOM   129 C  "C5'" . DA  A 1 7  ? -15.947 -8.912  3.734   1.00 132.83 ? 7   DA  A "C5'" 1 
ATOM   130 C  "C4'" . DA  A 1 7  ? -15.756 -7.493  4.226   1.00 135.28 ? 7   DA  A "C4'" 1 
ATOM   131 O  "O4'" . DA  A 1 7  ? -15.152 -7.516  5.542   1.00 134.42 ? 7   DA  A "O4'" 1 
ATOM   132 C  "C3'" . DA  A 1 7  ? -14.842 -6.638  3.347   1.00 143.09 ? 7   DA  A "C3'" 1 
ATOM   133 O  "O3'" . DA  A 1 7  ? -15.559 -5.518  2.837   1.00 153.59 ? 7   DA  A "O3'" 1 
ATOM   134 C  "C2'" . DA  A 1 7  ? -13.695 -6.212  4.274   1.00 142.16 ? 7   DA  A "C2'" 1 
ATOM   135 C  "C1'" . DA  A 1 7  ? -14.274 -6.426  5.665   1.00 135.98 ? 7   DA  A "C1'" 1 
ATOM   136 N  N9    . DA  A 1 7  ? -13.260 -6.772  6.661   1.00 131.28 ? 7   DA  A N9    1 
ATOM   137 C  C8    . DA  A 1 7  ? -12.519 -7.920  6.700   1.00 124.25 ? 7   DA  A C8    1 
ATOM   138 N  N7    . DA  A 1 7  ? -11.679 -7.977  7.703   1.00 123.06 ? 7   DA  A N7    1 
ATOM   139 C  C5    . DA  A 1 7  ? -11.876 -6.781  8.376   1.00 126.23 ? 7   DA  A C5    1 
ATOM   140 C  C6    . DA  A 1 7  ? -11.279 -6.239  9.532   1.00 123.91 ? 7   DA  A C6    1 
ATOM   141 N  N6    . DA  A 1 7  ? -10.334 -6.875  10.227  1.00 122.71 ? 7   DA  A N6    1 
ATOM   142 N  N1    . DA  A 1 7  ? -11.698 -5.022  9.950   1.00 122.29 ? 7   DA  A N1    1 
ATOM   143 C  C2    . DA  A 1 7  ? -12.652 -4.393  9.243   1.00 126.22 ? 7   DA  A C2    1 
ATOM   144 N  N3    . DA  A 1 7  ? -13.288 -4.804  8.136   1.00 129.39 ? 7   DA  A N3    1 
ATOM   145 C  C4    . DA  A 1 7  ? -12.848 -6.020  7.751   1.00 129.07 ? 7   DA  A C4    1 
ATOM   146 P  P     . DC  A 1 8  ? -14.866 -4.524  1.781   1.00 166.68 ? 8   DC  A P     1 
ATOM   147 O  OP1   . DC  A 1 8  ? -15.940 -3.875  0.997   1.00 161.63 ? 8   DC  A OP1   1 
ATOM   148 O  OP2   . DC  A 1 8  ? -13.801 -5.279  1.080   1.00 158.37 ? 8   DC  A OP2   1 
ATOM   149 O  "O5'" . DC  A 1 8  ? -14.161 -3.426  2.706   1.00 152.31 ? 8   DC  A "O5'" 1 
ATOM   150 C  "C5'" . DC  A 1 8  ? -14.854 -2.908  3.835   1.00 151.64 ? 8   DC  A "C5'" 1 
ATOM   151 C  "C4'" . DC  A 1 8  ? -13.925 -2.093  4.717   1.00 151.60 ? 8   DC  A "C4'" 1 
ATOM   152 O  "O4'" . DC  A 1 8  ? -13.147 -2.969  5.576   1.00 146.60 ? 8   DC  A "O4'" 1 
ATOM   153 C  "C3'" . DC  A 1 8  ? -12.911 -1.228  3.964   1.00 149.31 ? 8   DC  A "C3'" 1 
ATOM   154 O  "O3'" . DC  A 1 8  ? -13.025 0.118   4.391   1.00 159.30 ? 8   DC  A "O3'" 1 
ATOM   155 C  "C2'" . DC  A 1 8  ? -11.553 -1.830  4.347   1.00 140.29 ? 8   DC  A "C2'" 1 
ATOM   156 C  "C1'" . DC  A 1 8  ? -11.859 -2.425  5.709   1.00 143.01 ? 8   DC  A "C1'" 1 
ATOM   157 N  N1    . DC  A 1 8  ? -10.913 -3.510  6.113   1.00 135.66 ? 8   DC  A N1    1 
ATOM   158 C  C2    . DC  A 1 8  ? -10.055 -3.322  7.210   1.00 128.36 ? 8   DC  A C2    1 
ATOM   159 O  O2    . DC  A 1 8  ? -10.095 -2.253  7.834   1.00 122.88 ? 8   DC  A O2    1 
ATOM   160 N  N3    . DC  A 1 8  ? -9.203  -4.322  7.552   1.00 123.89 ? 8   DC  A N3    1 
ATOM   161 C  C4    . DC  A 1 8  ? -9.191  -5.457  6.848   1.00 123.68 ? 8   DC  A C4    1 
ATOM   162 N  N4    . DC  A 1 8  ? -8.339  -6.417  7.218   1.00 122.87 ? 8   DC  A N4    1 
ATOM   163 C  C5    . DC  A 1 8  ? -10.055 -5.661  5.733   1.00 122.73 ? 8   DC  A C5    1 
ATOM   164 C  C6    . DC  A 1 8  ? -10.888 -4.672  5.404   1.00 126.65 ? 8   DC  A C6    1 
ATOM   165 P  P     . DC  A 1 9  ? -12.021 1.234   3.823   1.00 172.90 ? 9   DC  A P     1 
ATOM   166 O  OP1   . DC  A 1 9  ? -12.660 2.554   4.025   1.00 161.23 ? 9   DC  A OP1   1 
ATOM   167 O  OP2   . DC  A 1 9  ? -11.602 0.812   2.465   1.00 162.01 ? 9   DC  A OP2   1 
ATOM   168 O  "O5'" . DC  A 1 9  ? -10.750 1.131   4.789   1.00 156.61 ? 9   DC  A "O5'" 1 
ATOM   169 C  "C5'" . DC  A 1 9  ? -9.645  1.991   4.599   1.00 152.65 ? 9   DC  A "C5'" 1 
ATOM   170 C  "C4'" . DC  A 1 9  ? -9.166  2.540   5.925   1.00 146.93 ? 9   DC  A "C4'" 1 
ATOM   171 O  "O4'" . DC  A 1 9  ? -8.886  1.440   6.830   1.00 141.92 ? 9   DC  A "O4'" 1 
ATOM   172 C  "C3'" . DC  A 1 9  ? -7.876  3.327   5.849   1.00 143.43 ? 9   DC  A "C3'" 1 
ATOM   173 O  "O3'" . DC  A 1 9  ? -7.799  4.236   6.928   1.00 147.15 ? 9   DC  A "O3'" 1 
ATOM   174 C  "C2'" . DC  A 1 9  ? -6.830  2.227   5.970   1.00 140.14 ? 9   DC  A "C2'" 1 
ATOM   175 C  "C1'" . DC  A 1 9  ? -7.486  1.278   6.972   1.00 139.83 ? 9   DC  A "C1'" 1 
ATOM   176 N  N1    . DC  A 1 9  ? -7.141  -0.155  6.729   1.00 132.45 ? 9   DC  A N1    1 
ATOM   177 C  C2    . DC  A 1 9  ? -6.123  -0.756  7.477   1.00 120.04 ? 9   DC  A C2    1 
ATOM   178 O  O2    . DC  A 1 9  ? -5.546  -0.087  8.340   1.00 123.45 ? 9   DC  A O2    1 
ATOM   179 N  N3    . DC  A 1 9  ? -5.808  -2.056  7.237   1.00 115.83 ? 9   DC  A N3    1 
ATOM   180 C  C4    . DC  A 1 9  ? -6.467  -2.738  6.293   1.00 120.79 ? 9   DC  A C4    1 
ATOM   181 N  N4    . DC  A 1 9  ? -6.129  -4.016  6.089   1.00 113.17 ? 9   DC  A N4    1 
ATOM   182 C  C5    . DC  A 1 9  ? -7.504  -2.136  5.516   1.00 130.42 ? 9   DC  A C5    1 
ATOM   183 C  C6    . DC  A 1 9  ? -7.803  -0.857  5.763   1.00 133.96 ? 9   DC  A C6    1 
ATOM   184 P  P     . DA  A 1 10 ? -6.543  5.228   7.045   1.00 156.19 ? 10  DA  A P     1 
ATOM   185 O  OP1   . DA  A 1 10 ? -6.876  6.286   8.028   1.00 152.65 ? 10  DA  A OP1   1 
ATOM   186 O  OP2   . DA  A 1 10 ? -6.127  5.578   5.668   1.00 150.33 ? 10  DA  A OP2   1 
ATOM   187 O  "O5'" . DA  A 1 10 ? -5.396  4.305   7.654   1.00 140.81 ? 10  DA  A "O5'" 1 
ATOM   188 C  "C5'" . DA  A 1 10 ? -5.423  3.965   9.020   1.00 140.79 ? 10  DA  A "C5'" 1 
ATOM   189 C  "C4'" . DA  A 1 10 ? -4.150  4.423   9.704   1.00 138.96 ? 10  DA  A "C4'" 1 
ATOM   190 O  "O4'" . DA  A 1 10 ? -3.281  3.290   9.919   1.00 134.79 ? 10  DA  A "O4'" 1 
ATOM   191 C  "C3'" . DA  A 1 10 ? -3.319  5.418   8.919   1.00 131.48 ? 10  DA  A "C3'" 1 
ATOM   192 O  "O3'" . DA  A 1 10 ? -2.568  6.221   9.816   1.00 135.77 ? 10  DA  A "O3'" 1 
ATOM   193 C  "C2'" . DA  A 1 10 ? -2.419  4.516   8.068   1.00 125.83 ? 10  DA  A "C2'" 1 
ATOM   194 C  "C1'" . DA  A 1 10 ? -2.257  3.266   8.940   1.00 125.50 ? 10  DA  A "C1'" 1 
ATOM   195 N  N9    . DA  A 1 10 ? -2.380  2.014   8.199   1.00 120.27 ? 10  DA  A N9    1 
ATOM   196 C  C8    . DA  A 1 10 ? -3.376  1.671   7.330   1.00 121.83 ? 10  DA  A C8    1 
ATOM   197 N  N7    . DA  A 1 10 ? -3.238  0.470   6.815   1.00 126.43 ? 10  DA  A N7    1 
ATOM   198 C  C5    . DA  A 1 10 ? -2.075  -0.011  7.394   1.00 120.14 ? 10  DA  A C5    1 
ATOM   199 C  C6    . DA  A 1 10 ? -1.380  -1.236  7.262   1.00 114.05 ? 10  DA  A C6    1 
ATOM   200 N  N6    . DA  A 1 10 ? -1.791  -2.229  6.469   1.00 112.94 ? 10  DA  A N6    1 
ATOM   201 N  N1    . DA  A 1 10 ? -0.246  -1.397  7.984   1.00 116.05 ? 10  DA  A N1    1 
ATOM   202 C  C2    . DA  A 1 10 ? 0.159   -0.394  8.776   1.00 117.76 ? 10  DA  A C2    1 
ATOM   203 N  N3    . DA  A 1 10 ? -0.410  0.797   8.982   1.00 118.05 ? 10  DA  A N3    1 
ATOM   204 C  C4    . DA  A 1 10 ? -1.532  0.925   8.255   1.00 122.58 ? 10  DA  A C4    1 
ATOM   205 P  P     . DG  A 1 11 ? -1.847  7.555   9.292   1.00 148.42 ? 11  DG  A P     1 
ATOM   206 O  OP1   . DG  A 1 11 ? -1.886  8.571   10.372  1.00 140.39 ? 11  DG  A OP1   1 
ATOM   207 O  OP2   . DG  A 1 11 ? -2.432  7.858   7.966   1.00 142.48 ? 11  DG  A OP2   1 
ATOM   208 O  "O5'" . DG  A 1 11 ? -0.332  7.092   9.061   1.00 139.16 ? 11  DG  A "O5'" 1 
ATOM   209 C  "C5'" . DG  A 1 11 ? 0.231   6.071   9.878   1.00 127.62 ? 11  DG  A "C5'" 1 
ATOM   210 C  "C4'" . DG  A 1 11 ? 1.415   5.428   9.182   1.00 124.15 ? 11  DG  A "C4'" 1 
ATOM   211 O  "O4'" . DG  A 1 11 ? 1.007   4.194   8.529   1.00 120.88 ? 11  DG  A "O4'" 1 
ATOM   212 C  "C3'" . DG  A 1 11 ? 2.055   6.282   8.078   1.00 119.30 ? 11  DG  A "C3'" 1 
ATOM   213 O  "O3'" . DG  A 1 11 ? 3.462   6.242   8.196   1.00 113.82 ? 11  DG  A "O3'" 1 
ATOM   214 C  "C2'" . DG  A 1 11 ? 1.602   5.580   6.804   1.00 114.00 ? 11  DG  A "C2'" 1 
ATOM   215 C  "C1'" . DG  A 1 11 ? 1.647   4.152   7.284   1.00 112.75 ? 11  DG  A "C1'" 1 
ATOM   216 N  N9    . DG  A 1 11 ? 0.977   3.204   6.412   1.00 111.99 ? 11  DG  A N9    1 
ATOM   217 C  C8    . DG  A 1 11 ? -0.198  3.384   5.726   1.00 110.67 ? 11  DG  A C8    1 
ATOM   218 N  N7    . DG  A 1 11 ? -0.542  2.345   5.013   1.00 115.36 ? 11  DG  A N7    1 
ATOM   219 C  C5    . DG  A 1 11 ? 0.474   1.423   5.242   1.00 117.00 ? 11  DG  A C5    1 
ATOM   220 C  C6    . DG  A 1 11 ? 0.654   0.109   4.741   1.00 114.85 ? 11  DG  A C6    1 
ATOM   221 O  O6    . DG  A 1 11 ? -0.075  -0.529  3.970   1.00 119.06 ? 11  DG  A O6    1 
ATOM   222 N  N1    . DG  A 1 11 ? 1.823   -0.475  5.228   1.00 110.18 ? 11  DG  A N1    1 
ATOM   223 C  C2    . DG  A 1 11 ? 2.703   0.136   6.089   1.00 112.34 ? 11  DG  A C2    1 
ATOM   224 N  N2    . DG  A 1 11 ? 3.782   -0.573  6.453   1.00 113.19 ? 11  DG  A N2    1 
ATOM   225 N  N3    . DG  A 1 11 ? 2.544   1.363   6.561   1.00 110.84 ? 11  DG  A N3    1 
ATOM   226 C  C4    . DG  A 1 11 ? 1.414   1.943   6.097   1.00 115.59 ? 11  DG  A C4    1 
ATOM   227 P  P     . DA  A 1 12 ? 4.352   7.392   7.519   1.00 120.66 ? 12  DA  A P     1 
ATOM   228 O  OP1   . DA  A 1 12 ? 4.490   8.453   8.542   1.00 123.26 ? 12  DA  A OP1   1 
ATOM   229 O  OP2   . DA  A 1 12 ? 3.797   7.703   6.180   1.00 115.73 ? 12  DA  A OP2   1 
ATOM   230 O  "O5'" . DA  A 1 12 ? 5.772   6.700   7.289   1.00 122.05 ? 12  DA  A "O5'" 1 
ATOM   231 C  "C5'" . DA  A 1 12 ? 6.616   6.432   8.394   1.00 122.25 ? 12  DA  A "C5'" 1 
ATOM   232 C  "C4'" . DA  A 1 12 ? 7.374   5.141   8.178   1.00 115.45 ? 12  DA  A "C4'" 1 
ATOM   233 O  "O4'" . DA  A 1 12 ? 6.450   4.125   7.709   1.00 119.71 ? 12  DA  A "O4'" 1 
ATOM   234 C  "C3'" . DA  A 1 12 ? 8.482   5.211   7.134   1.00 114.38 ? 12  DA  A "C3'" 1 
ATOM   235 O  "O3'" . DA  A 1 12 ? 9.558   4.357   7.503   1.00 128.67 ? 12  DA  A "O3'" 1 
ATOM   236 C  "C2'" . DA  A 1 12 ? 7.788   4.726   5.869   1.00 110.74 ? 12  DA  A "C2'" 1 
ATOM   237 C  "C1'" . DA  A 1 12 ? 6.814   3.691   6.416   1.00 114.74 ? 12  DA  A "C1'" 1 
ATOM   238 N  N9    . DA  A 1 12 ? 5.602   3.579   5.611   1.00 115.20 ? 12  DA  A N9    1 
ATOM   239 C  C8    . DA  A 1 12 ? 4.619   4.517   5.479   1.00 109.54 ? 12  DA  A C8    1 
ATOM   240 N  N7    . DA  A 1 12 ? 3.648   4.155   4.676   1.00 111.36 ? 12  DA  A N7    1 
ATOM   241 C  C5    . DA  A 1 12 ? 4.019   2.890   4.251   1.00 115.00 ? 12  DA  A C5    1 
ATOM   242 C  C6    . DA  A 1 12 ? 3.411   1.961   3.379   1.00 117.01 ? 12  DA  A C6    1 
ATOM   243 N  N6    . DA  A 1 12 ? 2.247   2.184   2.760   1.00 113.13 ? 12  DA  A N6    1 
ATOM   244 N  N1    . DA  A 1 12 ? 4.051   0.788   3.169   1.00 115.01 ? 12  DA  A N1    1 
ATOM   245 C  C2    . DA  A 1 12 ? 5.216   0.567   3.791   1.00 108.06 ? 12  DA  A C2    1 
ATOM   246 N  N3    . DA  A 1 12 ? 5.884   1.363   4.626   1.00 106.33 ? 12  DA  A N3    1 
ATOM   247 C  C4    . DA  A 1 12 ? 5.222   2.517   4.821   1.00 114.25 ? 12  DA  A C4    1 
ATOM   248 P  P     . DC  A 1 13 ? 11.019  4.567   6.858   1.00 137.98 ? 13  DC  A P     1 
ATOM   249 O  OP1   . DC  A 1 13 ? 11.918  3.518   7.393   1.00 132.13 ? 13  DC  A OP1   1 
ATOM   250 O  OP2   . DC  A 1 13 ? 11.375  5.999   6.998   1.00 130.53 ? 13  DC  A OP2   1 
ATOM   251 O  "O5'" . DC  A 1 13 ? 10.793  4.276   5.306   1.00 117.98 ? 13  DC  A "O5'" 1 
ATOM   252 C  "C5'" . DC  A 1 13 ? 11.756  3.542   4.584   1.00 122.73 ? 13  DC  A "C5'" 1 
ATOM   253 C  "C4'" . DC  A 1 13 ? 11.165  2.237   4.092   1.00 125.80 ? 13  DC  A "C4'" 1 
ATOM   254 O  "O4'" . DC  A 1 13 ? 9.745   2.392   3.920   1.00 120.42 ? 13  DC  A "O4'" 1 
ATOM   255 C  "C3'" . DC  A 1 13 ? 11.698  1.768   2.742   1.00 129.56 ? 13  DC  A "C3'" 1 
ATOM   256 O  "O3'" . DC  A 1 13 ? 12.630  0.718   2.928   1.00 134.19 ? 13  DC  A "O3'" 1 
ATOM   257 C  "C2'" . DC  A 1 13 ? 10.455  1.294   1.968   1.00 119.90 ? 13  DC  A "C2'" 1 
ATOM   258 C  "C1'" . DC  A 1 13 ? 9.302   1.478   2.952   1.00 115.56 ? 13  DC  A "C1'" 1 
ATOM   259 N  N1    . DC  A 1 13 ? 8.045   2.024   2.338   1.00 116.70 ? 13  DC  A N1    1 
ATOM   260 C  C2    . DC  A 1 13 ? 7.324   1.266   1.401   1.00 116.75 ? 13  DC  A C2    1 
ATOM   261 O  O2    . DC  A 1 13 ? 7.740   0.151   1.068   1.00 119.35 ? 13  DC  A O2    1 
ATOM   262 N  N3    . DC  A 1 13 ? 6.189   1.790   0.872   1.00 113.69 ? 13  DC  A N3    1 
ATOM   263 C  C4    . DC  A 1 13 ? 5.768   2.996   1.253   1.00 111.56 ? 13  DC  A C4    1 
ATOM   264 N  N4    . DC  A 1 13 ? 4.643   3.467   0.708   1.00 111.24 ? 13  DC  A N4    1 
ATOM   265 C  C5    . DC  A 1 13 ? 6.484   3.778   2.204   1.00 108.64 ? 13  DC  A C5    1 
ATOM   266 C  C6    . DC  A 1 13 ? 7.601   3.257   2.718   1.00 114.85 ? 13  DC  A C6    1 
ATOM   267 P  P     . DG  A 1 14 ? 13.861  0.554   1.913   1.00 144.89 ? 14  DG  A P     1 
ATOM   268 O  OP1   . DG  A 1 14 ? 14.854  -0.344  2.544   1.00 149.16 ? 14  DG  A OP1   1 
ATOM   269 O  OP2   . DG  A 1 14 ? 14.276  1.912   1.496   1.00 135.45 ? 14  DG  A OP2   1 
ATOM   270 O  "O5'" . DG  A 1 14 ? 13.211  -0.180  0.645   1.00 139.57 ? 14  DG  A "O5'" 1 
ATOM   271 C  "C5'" . DG  A 1 14 ? 12.489  -1.402  0.817   1.00 135.46 ? 14  DG  A "C5'" 1 
ATOM   272 C  "C4'" . DG  A 1 14 ? 12.004  -1.940  -0.518  1.00 136.90 ? 14  DG  A "C4'" 1 
ATOM   273 O  "O4'" . DG  A 1 14 ? 10.630  -1.519  -0.752  1.00 134.78 ? 14  DG  A "O4'" 1 
ATOM   274 C  "C3'" . DG  A 1 14 ? 12.804  -1.472  -1.731  1.00 138.53 ? 14  DG  A "C3'" 1 
ATOM   275 O  "O3'" . DG  A 1 14 ? 12.971  -2.548  -2.647  1.00 136.89 ? 14  DG  A "O3'" 1 
ATOM   276 C  "C2'" . DG  A 1 14 ? 11.924  -0.366  -2.309  1.00 131.65 ? 14  DG  A "C2'" 1 
ATOM   277 C  "C1'" . DG  A 1 14 ? 10.532  -0.901  -2.014  1.00 123.74 ? 14  DG  A "C1'" 1 
ATOM   278 N  N9    . DG  A 1 14 ? 9.520   0.144   -1.928  1.00 114.94 ? 14  DG  A N9    1 
ATOM   279 C  C8    . DG  A 1 14 ? 9.527   1.213   -1.076  1.00 117.00 ? 14  DG  A C8    1 
ATOM   280 N  N7    . DG  A 1 14 ? 8.496   1.991   -1.204  1.00 114.27 ? 14  DG  A N7    1 
ATOM   281 C  C5    . DG  A 1 14 ? 7.749   1.402   -2.206  1.00 115.37 ? 14  DG  A C5    1 
ATOM   282 C  C6    . DG  A 1 14 ? 6.523   1.805   -2.774  1.00 120.97 ? 14  DG  A C6    1 
ATOM   283 O  O6    . DG  A 1 14 ? 5.831   2.791   -2.488  1.00 120.48 ? 14  DG  A O6    1 
ATOM   284 N  N1    . DG  A 1 14 ? 6.105   0.932   -3.770  1.00 122.91 ? 14  DG  A N1    1 
ATOM   285 C  C2    . DG  A 1 14 ? 6.786   -0.194  -4.167  1.00 121.84 ? 14  DG  A C2    1 
ATOM   286 N  N2    . DG  A 1 14 ? 6.223   -0.911  -5.152  1.00 124.93 ? 14  DG  A N2    1 
ATOM   287 N  N3    . DG  A 1 14 ? 7.946   -0.586  -3.641  1.00 117.67 ? 14  DG  A N3    1 
ATOM   288 C  C4    . DG  A 1 14 ? 8.363   0.258   -2.666  1.00 114.37 ? 14  DG  A C4    1 
ATOM   289 P  P     . DA  A 1 15 ? 14.078  -2.475  -3.811  1.00 135.78 ? 15  DA  A P     1 
ATOM   290 O  OP1   . DA  A 1 15 ? 15.075  -3.533  -3.535  1.00 139.66 ? 15  DA  A OP1   1 
ATOM   291 O  OP2   . DA  A 1 15 ? 14.532  -1.076  -3.969  1.00 126.52 ? 15  DA  A OP2   1 
ATOM   292 O  "O5'" . DA  A 1 15 ? 13.252  -2.862  -5.120  1.00 129.13 ? 15  DA  A "O5'" 1 
ATOM   293 C  "C5'" . DA  A 1 15 ? 12.179  -3.792  -5.015  1.00 135.02 ? 15  DA  A "C5'" 1 
ATOM   294 C  "C4'" . DA  A 1 15 ? 11.270  -3.723  -6.230  1.00 134.30 ? 15  DA  A "C4'" 1 
ATOM   295 O  "O4'" . DA  A 1 15 ? 10.189  -2.782  -5.993  1.00 131.11 ? 15  DA  A "O4'" 1 
ATOM   296 C  "C3'" . DA  A 1 15 ? 11.939  -3.286  -7.523  1.00 129.92 ? 15  DA  A "C3'" 1 
ATOM   297 O  "O3'" . DA  A 1 15 ? 11.367  -4.001  -8.595  1.00 126.21 ? 15  DA  A "O3'" 1 
ATOM   298 C  "C2'" . DA  A 1 15 ? 11.606  -1.796  -7.591  1.00 125.92 ? 15  DA  A "C2'" 1 
ATOM   299 C  "C1'" . DA  A 1 15 ? 10.227  -1.742  -6.950  1.00 125.43 ? 15  DA  A "C1'" 1 
ATOM   300 N  N9    . DA  A 1 15 ? 9.976   -0.492  -6.247  1.00 123.66 ? 15  DA  A N9    1 
ATOM   301 C  C8    . DA  A 1 15 ? 10.706  0.017   -5.218  1.00 122.36 ? 15  DA  A C8    1 
ATOM   302 N  N7    . DA  A 1 15 ? 10.255  1.156   -4.754  1.00 120.99 ? 15  DA  A N7    1 
ATOM   303 C  C5    . DA  A 1 15 ? 9.151   1.419   -5.541  1.00 119.77 ? 15  DA  A C5    1 
ATOM   304 C  C6    . DA  A 1 15 ? 8.231   2.480   -5.552  1.00 110.43 ? 15  DA  A C6    1 
ATOM   305 N  N6    . DA  A 1 15 ? 8.299   3.515   -4.710  1.00 109.37 ? 15  DA  A N6    1 
ATOM   306 N  N1    . DA  A 1 15 ? 7.239   2.436   -6.463  1.00 109.87 ? 15  DA  A N1    1 
ATOM   307 C  C2    . DA  A 1 15 ? 7.177   1.396   -7.304  1.00 113.16 ? 15  DA  A C2    1 
ATOM   308 N  N3    . DA  A 1 15 ? 7.984   0.337   -7.389  1.00 115.09 ? 15  DA  A N3    1 
ATOM   309 C  C4    . DA  A 1 15 ? 8.953   0.405   -6.463  1.00 121.35 ? 15  DA  A C4    1 
ATOM   310 P  P     . DC  A 1 16 ? 11.972  -3.915  -10.079 1.00 137.59 ? 16  DC  A P     1 
ATOM   311 O  OP1   . DC  A 1 16 ? 12.793  -5.127  -10.299 1.00 137.70 ? 16  DC  A OP1   1 
ATOM   312 O  OP2   . DC  A 1 16 ? 12.588  -2.585  -10.299 1.00 122.62 ? 16  DC  A OP2   1 
ATOM   313 O  "O5'" . DC  A 1 16 ? 10.656  -4.004  -10.979 1.00 133.39 ? 16  DC  A "O5'" 1 
ATOM   314 C  "C5'" . DC  A 1 16 ? 9.436   -3.431  -10.494 1.00 125.95 ? 16  DC  A "C5'" 1 
ATOM   315 C  "C4'" . DC  A 1 16 ? 8.965   -2.336  -11.428 1.00 118.02 ? 16  DC  A "C4'" 1 
ATOM   316 O  "O4'" . DC  A 1 16 ? 8.647   -1.130  -10.674 1.00 107.23 ? 16  DC  A "O4'" 1 
ATOM   317 C  "C3'" . DC  A 1 16 ? 9.999   -1.915  -12.474 1.00 110.39 ? 16  DC  A "C3'" 1 
ATOM   318 O  "O3'" . DC  A 1 16 ? 9.368   -1.744  -13.718 1.00 108.03 ? 16  DC  A "O3'" 1 
ATOM   319 C  "C2'" . DC  A 1 16 ? 10.514  -0.588  -11.928 1.00 108.34 ? 16  DC  A "C2'" 1 
ATOM   320 C  "C1'" . DC  A 1 16 ? 9.240   -0.032  -11.326 1.00 107.22 ? 16  DC  A "C1'" 1 
ATOM   321 N  N1    . DC  A 1 16 ? 9.467   1.057   -10.341 1.00 108.81 ? 16  DC  A N1    1 
ATOM   322 C  C2    . DC  A 1 16 ? 8.656   2.199   -10.372 1.00 104.06 ? 16  DC  A C2    1 
ATOM   323 O  O2    . DC  A 1 16 ? 7.758   2.275   -11.219 1.00 101.33 ? 16  DC  A O2    1 
ATOM   324 N  N3    . DC  A 1 16 ? 8.876   3.185   -9.466  1.00 103.22 ? 16  DC  A N3    1 
ATOM   325 C  C4    . DC  A 1 16 ? 9.853   3.059   -8.566  1.00 105.27 ? 16  DC  A C4    1 
ATOM   326 N  N4    . DC  A 1 16 ? 10.035  4.054   -7.690  1.00 95.03  ? 16  DC  A N4    1 
ATOM   327 C  C5    . DC  A 1 16 ? 10.697  1.908   -8.531  1.00 118.82 ? 16  DC  A C5    1 
ATOM   328 C  C6    . DC  A 1 16 ? 10.467  0.941   -9.425  1.00 117.10 ? 16  DC  A C6    1 
ATOM   329 P  P     . DA  A 1 17 ? 10.175  -2.004  -15.080 1.00 113.50 ? 17  DA  A P     1 
ATOM   330 O  OP1   . DA  A 1 17 ? 10.397  -3.463  -15.200 1.00 114.01 ? 17  DA  A OP1   1 
ATOM   331 O  OP2   . DA  A 1 17 ? 11.334  -1.079  -15.112 1.00 96.30  ? 17  DA  A OP2   1 
ATOM   332 O  "O5'" . DA  A 1 17 ? 9.131   -1.555  -16.204 1.00 112.45 ? 17  DA  A "O5'" 1 
ATOM   333 C  "C5'" . DA  A 1 17 ? 7.789   -2.024  -16.133 1.00 105.11 ? 17  DA  A "C5'" 1 
ATOM   334 C  "C4'" . DA  A 1 17 ? 6.790   -0.893  -16.322 1.00 101.17 ? 17  DA  A "C4'" 1 
ATOM   335 O  "O4'" . DA  A 1 17 ? 6.962   0.112   -15.290 1.00 98.26  ? 17  DA  A "O4'" 1 
ATOM   336 C  "C3'" . DA  A 1 17 ? 6.882   -0.139  -17.636 1.00 103.77 ? 17  DA  A "C3'" 1 
ATOM   337 O  "O3'" . DA  A 1 17 ? 5.571   0.291   -18.003 1.00 109.23 ? 17  DA  A "O3'" 1 
ATOM   338 C  "C2'" . DA  A 1 17 ? 7.801   1.036   -17.276 1.00 97.58  ? 17  DA  A "C2'" 1 
ATOM   339 C  "C1'" . DA  A 1 17 ? 7.323   1.357   -15.871 1.00 96.31  ? 17  DA  A "C1'" 1 
ATOM   340 N  N9    . DA  A 1 17 ? 8.330   1.952   -14.997 1.00 103.00 ? 17  DA  A N9    1 
ATOM   341 C  C8    . DA  A 1 17 ? 9.423   1.320   -14.476 1.00 104.16 ? 17  DA  A C8    1 
ATOM   342 N  N7    . DA  A 1 17 ? 10.141  2.069   -13.677 1.00 101.03 ? 17  DA  A N7    1 
ATOM   343 C  C5    . DA  A 1 17 ? 9.465   3.271   -13.650 1.00 99.67  ? 17  DA  A C5    1 
ATOM   344 C  C6    . DA  A 1 17 ? 9.724   4.475   -12.979 1.00 93.26  ? 17  DA  A C6    1 
ATOM   345 N  N6    . DA  A 1 17 ? 10.777  4.645   -12.181 1.00 96.46  ? 17  DA  A N6    1 
ATOM   346 N  N1    . DA  A 1 17 ? 8.860   5.497   -13.161 1.00 89.03  ? 17  DA  A N1    1 
ATOM   347 C  C2    . DA  A 1 17 ? 7.799   5.310   -13.962 1.00 89.02  ? 17  DA  A C2    1 
ATOM   348 N  N3    . DA  A 1 17 ? 7.451   4.218   -14.653 1.00 88.79  ? 17  DA  A N3    1 
ATOM   349 C  C4    . DA  A 1 17 ? 8.335   3.222   -14.448 1.00 102.42 ? 17  DA  A C4    1 
ATOM   350 P  P     . DC  A 1 18 ? 5.331   1.185   -19.313 1.00 117.17 ? 18  DC  A P     1 
ATOM   351 O  OP1   . DC  A 1 18 ? 3.880   1.204   -19.606 1.00 103.37 ? 18  DC  A OP1   1 
ATOM   352 O  OP2   . DC  A 1 18 ? 6.287   0.752   -20.357 1.00 110.86 ? 18  DC  A OP2   1 
ATOM   353 O  "O5'" . DC  A 1 18 ? 5.757   2.640   -18.840 1.00 103.11 ? 18  DC  A "O5'" 1 
ATOM   354 C  "C5'" . DC  A 1 18 ? 5.929   3.651   -19.779 1.00 98.01  ? 18  DC  A "C5'" 1 
ATOM   355 C  "C4'" . DC  A 1 18 ? 5.473   4.961   -19.202 1.00 92.28  ? 18  DC  A "C4'" 1 
ATOM   356 O  "O4'" . DC  A 1 18 ? 6.161   5.200   -17.947 1.00 96.92  ? 18  DC  A "O4'" 1 
ATOM   357 C  "C3'" . DC  A 1 18 ? 5.795   6.160   -20.045 1.00 88.42  ? 18  DC  A "C3'" 1 
ATOM   358 O  "O3'" . DC  A 1 18 ? 4.948   7.205   -19.659 1.00 94.11  ? 18  DC  A "O3'" 1 
ATOM   359 C  "C2'" . DC  A 1 18 ? 7.236   6.428   -19.633 1.00 88.89  ? 18  DC  A "C2'" 1 
ATOM   360 C  "C1'" . DC  A 1 18 ? 7.153   6.197   -18.130 1.00 90.70  ? 18  DC  A "C1'" 1 
ATOM   361 N  N1    . DC  A 1 18 ? 8.425   5.708   -17.484 1.00 93.51  ? 18  DC  A N1    1 
ATOM   362 C  C2    . DC  A 1 18 ? 9.129   6.542   -16.600 1.00 90.05  ? 18  DC  A C2    1 
ATOM   363 O  O2    . DC  A 1 18 ? 8.707   7.683   -16.388 1.00 88.74  ? 18  DC  A O2    1 
ATOM   364 N  N3    . DC  A 1 18 ? 10.255  6.067   -16.001 1.00 91.63  ? 18  DC  A N3    1 
ATOM   365 C  C4    . DC  A 1 18 ? 10.676  4.824   -16.258 1.00 89.15  ? 18  DC  A C4    1 
ATOM   366 N  N4    . DC  A 1 18 ? 11.790  4.400   -15.652 1.00 79.89  ? 18  DC  A N4    1 
ATOM   367 C  C5    . DC  A 1 18 ? 9.970   3.961   -17.147 1.00 90.35  ? 18  DC  A C5    1 
ATOM   368 C  C6    . DC  A 1 18 ? 8.858   4.435   -17.724 1.00 94.53  ? 18  DC  A C6    1 
ATOM   369 P  P     . DT  A 1 19 ? 4.657   8.416   -20.662 1.00 119.55 ? 19  DT  A P     1 
ATOM   370 O  OP1   . DT  A 1 19 ? 3.205   8.409   -20.953 1.00 123.37 ? 19  DT  A OP1   1 
ATOM   371 O  OP2   . DT  A 1 19 ? 5.638   8.319   -21.769 1.00 115.72 ? 19  DT  A OP2   1 
ATOM   372 O  "O5'" . DT  A 1 19 ? 5.013   9.702   -19.788 1.00 97.78  ? 19  DT  A "O5'" 1 
ATOM   373 C  "C5'" . DT  A 1 19 ? 5.969   9.600   -18.746 1.00 93.90  ? 19  DT  A "C5'" 1 
ATOM   374 C  "C4'" . DT  A 1 19 ? 6.044   10.899  -17.987 1.00 99.38  ? 19  DT  A "C4'" 1 
ATOM   375 O  "O4'" . DT  A 1 19 ? 7.261   10.948  -17.207 1.00 101.47 ? 19  DT  A "O4'" 1 
ATOM   376 C  "C3'" . DT  A 1 19 ? 6.147   12.115  -18.853 1.00 99.61  ? 19  DT  A "C3'" 1 
ATOM   377 O  "O3'" . DT  A 1 19 ? 5.869   13.235  -18.043 1.00 94.57  ? 19  DT  A "O3'" 1 
ATOM   378 C  "C2'" . DT  A 1 19 ? 7.626   12.046  -19.256 1.00 100.06 ? 19  DT  A "C2'" 1 
ATOM   379 C  "C1'" . DT  A 1 19 ? 8.264   11.665  -17.925 1.00 94.87  ? 19  DT  A "C1'" 1 
ATOM   380 N  N1    . DT  A 1 19 ? 9.443   10.755  -17.990 1.00 96.50  ? 19  DT  A N1    1 
ATOM   381 C  C2    . DT  A 1 19 ? 10.485  10.957  -17.109 1.00 101.28 ? 19  DT  A C2    1 
ATOM   382 O  O2    . DT  A 1 19 ? 10.531  11.897  -16.326 1.00 95.78  ? 19  DT  A O2    1 
ATOM   383 N  N3    . DT  A 1 19 ? 11.486  10.020  -17.190 1.00 100.76 ? 19  DT  A N3    1 
ATOM   384 C  C4    . DT  A 1 19 ? 11.542  8.921   -18.018 1.00 92.15  ? 19  DT  A C4    1 
ATOM   385 O  O4    . DT  A 1 19 ? 12.487  8.142   -18.014 1.00 91.50  ? 19  DT  A O4    1 
ATOM   386 C  C5    . DT  A 1 19 ? 10.416  8.750   -18.891 1.00 88.15  ? 19  DT  A C5    1 
ATOM   387 C  C7    . DT  A 1 19 ? 10.386  7.594   -19.836 1.00 77.40  ? 19  DT  A C7    1 
ATOM   388 C  C6    . DT  A 1 19 ? 9.421   9.653   -18.828 1.00 96.84  ? 19  DT  A C6    1 
ATOM   389 P  P     . DC  A 1 20 ? 5.353   14.607  -18.685 1.00 109.16 ? 20  DC  A P     1 
ATOM   390 O  OP1   . DC  A 1 20 ? 4.284   15.141  -17.811 1.00 101.66 ? 20  DC  A OP1   1 
ATOM   391 O  OP2   . DC  A 1 20 ? 5.069   14.348  -20.115 1.00 113.49 ? 20  DC  A OP2   1 
ATOM   392 O  "O5'" . DC  A 1 20 ? 6.642   15.551  -18.568 1.00 119.23 ? 20  DC  A "O5'" 1 
ATOM   393 C  "C5'" . DC  A 1 20 ? 7.555   15.363  -17.479 1.00 107.38 ? 20  DC  A "C5'" 1 
ATOM   394 C  "C4'" . DC  A 1 20 ? 8.914   15.969  -17.789 1.00 105.39 ? 20  DC  A "C4'" 1 
ATOM   395 O  "O4'" . DC  A 1 20 ? 9.876   14.916  -18.072 1.00 104.36 ? 20  DC  A "O4'" 1 
ATOM   396 C  "C3'" . DC  A 1 20 ? 8.948   16.900  -18.999 1.00 107.83 ? 20  DC  A "C3'" 1 
ATOM   397 O  "O3'" . DC  A 1 20 ? 9.843   17.976  -18.747 1.00 114.96 ? 20  DC  A "O3'" 1 
ATOM   398 C  "C2'" . DC  A 1 20 ? 9.479   15.985  -20.098 1.00 102.41 ? 20  DC  A "C2'" 1 
ATOM   399 C  "C1'" . DC  A 1 20 ? 10.498  15.179  -19.312 1.00 102.47 ? 20  DC  A "C1'" 1 
ATOM   400 N  N1    . DC  A 1 20 ? 10.864  13.882  -19.935 1.00 100.08 ? 20  DC  A N1    1 
ATOM   401 C  C2    . DC  A 1 20 ? 11.980  13.185  -19.461 1.00 99.71  ? 20  DC  A C2    1 
ATOM   402 O  O2    . DC  A 1 20 ? 12.641  13.670  -18.539 1.00 101.99 ? 20  DC  A O2    1 
ATOM   403 N  N3    . DC  A 1 20 ? 12.302  11.997  -20.027 1.00 97.45  ? 20  DC  A N3    1 
ATOM   404 C  C4    . DC  A 1 20 ? 11.560  11.512  -21.018 1.00 98.61  ? 20  DC  A C4    1 
ATOM   405 N  N4    . DC  A 1 20 ? 11.914  10.337  -21.547 1.00 94.10  ? 20  DC  A N4    1 
ATOM   406 C  C5    . DC  A 1 20 ? 10.418  12.210  -21.515 1.00 98.40  ? 20  DC  A C5    1 
ATOM   407 C  C6    . DC  A 1 20 ? 10.113  13.382  -20.952 1.00 95.53  ? 20  DC  A C6    1 
ATOM   408 P  P     . DA  A 1 21 ? 9.366   19.257  -17.902 1.00 114.64 ? 21  DA  A P     1 
ATOM   409 O  OP1   . DA  A 1 21 ? 7.979   19.005  -17.446 1.00 100.62 ? 21  DA  A OP1   1 
ATOM   410 O  OP2   . DA  A 1 21 ? 9.662   20.459  -18.718 1.00 110.90 ? 21  DA  A OP2   1 
ATOM   411 O  "O5'" . DA  A 1 21 ? 10.355  19.269  -16.640 1.00 102.69 ? 21  DA  A "O5'" 1 
ATOM   412 C  "C5'" . DA  A 1 21 ? 11.378  18.274  -16.524 1.00 102.26 ? 21  DA  A "C5'" 1 
ATOM   413 C  "C4'" . DA  A 1 21 ? 12.762  18.905  -16.538 1.00 104.89 ? 21  DA  A "C4'" 1 
ATOM   414 O  "O4'" . DA  A 1 21 ? 13.613  18.183  -17.460 1.00 106.88 ? 21  DA  A "O4'" 1 
ATOM   415 C  "C3'" . DA  A 1 21 ? 12.809  20.343  -17.019 1.00 110.18 ? 21  DA  A "C3'" 1 
ATOM   416 O  "O3'" . DA  A 1 21 ? 13.974  20.987  -16.511 1.00 105.92 ? 21  DA  A "O3'" 1 
ATOM   417 C  "C2'" . DA  A 1 21 ? 12.883  20.171  -18.534 1.00 110.71 ? 21  DA  A "C2'" 1 
ATOM   418 C  "C1'" . DA  A 1 21 ? 13.736  18.909  -18.676 1.00 109.35 ? 21  DA  A "C1'" 1 
ATOM   419 N  N9    . DA  A 1 21 ? 13.303  18.037  -19.764 1.00 109.77 ? 21  DA  A N9    1 
ATOM   420 C  C8    . DA  A 1 21 ? 12.265  18.249  -20.630 1.00 109.10 ? 21  DA  A C8    1 
ATOM   421 N  N7    . DA  A 1 21 ? 12.098  17.282  -21.502 1.00 108.34 ? 21  DA  A N7    1 
ATOM   422 C  C5    . DA  A 1 21 ? 13.094  16.372  -21.182 1.00 108.29 ? 21  DA  A C5    1 
ATOM   423 C  C6    . DA  A 1 21 ? 13.453  15.126  -21.732 1.00 101.91 ? 21  DA  A C6    1 
ATOM   424 N  N6    . DA  A 1 21 ? 12.817  14.566  -22.766 1.00 100.11 ? 21  DA  A N6    1 
ATOM   425 N  N1    . DA  A 1 21 ? 14.495  14.476  -21.176 1.00 99.85  ? 21  DA  A N1    1 
ATOM   426 C  C2    . DA  A 1 21 ? 15.128  15.038  -20.140 1.00 103.49 ? 21  DA  A C2    1 
ATOM   427 N  N3    . DA  A 1 21 ? 14.886  16.200  -19.540 1.00 105.61 ? 21  DA  A N3    1 
ATOM   428 C  C4    . DA  A 1 21 ? 13.844  16.822  -20.112 1.00 109.00 ? 21  DA  A C4    1 
ATOM   429 P  P     . DT  B 2 1  ? -2.516  7.641   -7.305  1.00 136.20 ? 0   DT  B P     1 
ATOM   430 O  OP1   . DT  B 2 1  ? -2.502  7.060   -5.943  1.00 132.20 ? 0   DT  B OP1   1 
ATOM   431 O  OP2   . DT  B 2 1  ? -3.256  8.892   -7.567  1.00 134.27 ? 0   DT  B OP2   1 
ATOM   432 O  "O5'" . DT  B 2 1  ? -1.009  7.881   -7.767  1.00 117.49 ? 0   DT  B "O5'" 1 
ATOM   433 C  "C5'" . DT  B 2 1  ? -0.016  6.958   -7.397  1.00 117.49 ? 0   DT  B "C5'" 1 
ATOM   434 C  "C4'" . DT  B 2 1  ? 0.303   6.033   -8.551  1.00 117.49 ? 0   DT  B "C4'" 1 
ATOM   435 O  "O4'" . DT  B 2 1  ? 1.660   6.278   -8.974  1.00 117.49 ? 0   DT  B "O4'" 1 
ATOM   436 C  "C3'" . DT  B 2 1  ? 0.196   4.547   -8.230  1.00 118.03 ? 0   DT  B "C3'" 1 
ATOM   437 O  "O3'" . DT  B 2 1  ? -0.995  4.020   -8.811  1.00 119.04 ? 0   DT  B "O3'" 1 
ATOM   438 C  "C2'" . DT  B 2 1  ? 1.440   3.931   -8.873  1.00 117.49 ? 0   DT  B "C2'" 1 
ATOM   439 C  "C1'" . DT  B 2 1  ? 2.413   5.094   -8.959  1.00 117.49 ? 0   DT  B "C1'" 1 
ATOM   440 N  N1    . DT  B 2 1  ? 3.395   5.165   -7.842  1.00 117.49 ? 0   DT  B N1    1 
ATOM   441 C  C2    . DT  B 2 1  ? 4.455   4.298   -7.829  1.00 117.49 ? 0   DT  B C2    1 
ATOM   442 O  O2    . DT  B 2 1  ? 4.630   3.449   -8.683  1.00 118.22 ? 0   DT  B O2    1 
ATOM   443 N  N3    . DT  B 2 1  ? 5.307   4.450   -6.772  1.00 117.49 ? 0   DT  B N3    1 
ATOM   444 C  C4    . DT  B 2 1  ? 5.214   5.379   -5.754  1.00 117.49 ? 0   DT  B C4    1 
ATOM   445 O  O4    . DT  B 2 1  ? 6.034   5.442   -4.845  1.00 117.49 ? 0   DT  B O4    1 
ATOM   446 C  C5    . DT  B 2 1  ? 4.082   6.265   -5.833  1.00 117.49 ? 0   DT  B C5    1 
ATOM   447 C  C7    . DT  B 2 1  ? 3.869   7.309   -4.780  1.00 122.51 ? 0   DT  B C7    1 
ATOM   448 C  C6    . DT  B 2 1  ? 3.241   6.120   -6.862  1.00 117.49 ? 0   DT  B C6    1 
ATOM   449 P  P     . DC  B 2 2  ? -2.231  3.581   -7.882  1.00 114.29 ? 1   DC  B P     1 
ATOM   450 O  OP1   . DC  B 2 2  ? -3.455  3.665   -8.705  1.00 114.29 ? 1   DC  B OP1   1 
ATOM   451 O  OP2   . DC  B 2 2  ? -2.136  4.334   -6.614  1.00 123.07 ? 1   DC  B OP2   1 
ATOM   452 O  "O5'" . DC  B 2 2  ? -1.928  2.053   -7.526  1.00 114.29 ? 1   DC  B "O5'" 1 
ATOM   453 C  "C5'" . DC  B 2 2  ? -2.001  1.069   -8.534  1.00 114.29 ? 1   DC  B "C5'" 1 
ATOM   454 C  "C4'" . DC  B 2 2  ? -0.708  0.285   -8.602  1.00 114.29 ? 1   DC  B "C4'" 1 
ATOM   455 O  "O4'" . DC  B 2 2  ? 0.390   1.159   -8.295  1.00 114.29 ? 1   DC  B "O4'" 1 
ATOM   456 C  "C3'" . DC  B 2 2  ? -0.579  -0.825  -7.588  1.00 114.29 ? 1   DC  B "C3'" 1 
ATOM   457 O  "O3'" . DC  B 2 2  ? -1.202  -1.978  -8.069  1.00 117.46 ? 1   DC  B "O3'" 1 
ATOM   458 C  "C2'" . DC  B 2 2  ? 0.929   -1.013  -7.520  1.00 114.32 ? 1   DC  B "C2'" 1 
ATOM   459 C  "C1'" . DC  B 2 2  ? 1.440   0.411   -7.712  1.00 114.29 ? 1   DC  B "C1'" 1 
ATOM   460 N  N1    . DC  B 2 2  ? 1.832   1.061   -6.450  1.00 114.29 ? 1   DC  B N1    1 
ATOM   461 C  C2    . DC  B 2 2  ? 3.035   0.699   -5.827  1.00 122.04 ? 1   DC  B C2    1 
ATOM   462 O  O2    . DC  B 2 2  ? 3.752   -0.168  -6.344  1.00 123.08 ? 1   DC  B O2    1 
ATOM   463 N  N3    . DC  B 2 2  ? 3.378   1.311   -4.671  1.00 119.46 ? 1   DC  B N3    1 
ATOM   464 C  C4    . DC  B 2 2  ? 2.577   2.241   -4.146  1.00 119.84 ? 1   DC  B C4    1 
ATOM   465 N  N4    . DC  B 2 2  ? 2.961   2.816   -3.005  1.00 123.05 ? 1   DC  B N4    1 
ATOM   466 C  C5    . DC  B 2 2  ? 1.350   2.621   -4.767  1.00 115.04 ? 1   DC  B C5    1 
ATOM   467 C  C6    . DC  B 2 2  ? 1.021   2.009   -5.906  1.00 114.29 ? 1   DC  B C6    1 
ATOM   468 P  P     . DG  B 2 3  ? -1.866  -3.006  -7.038  1.00 130.05 ? 2   DG  B P     1 
ATOM   469 O  OP1   . DG  B 2 3  ? -2.326  -4.169  -7.828  1.00 134.08 ? 2   DG  B OP1   1 
ATOM   470 O  OP2   . DG  B 2 3  ? -2.813  -2.231  -6.204  1.00 119.42 ? 2   DG  B OP2   1 
ATOM   471 O  "O5'" . DG  B 2 3  ? -0.650  -3.469  -6.109  1.00 112.54 ? 2   DG  B "O5'" 1 
ATOM   472 C  "C5'" . DG  B 2 3  ? 0.321   -4.364  -6.619  1.00 112.54 ? 2   DG  B "C5'" 1 
ATOM   473 C  "C4'" . DG  B 2 3  ? 1.543   -4.388  -5.726  1.00 115.20 ? 2   DG  B "C4'" 1 
ATOM   474 O  "O4'" . DG  B 2 3  ? 1.816   -3.060  -5.267  1.00 118.94 ? 2   DG  B "O4'" 1 
ATOM   475 C  "C3'" . DG  B 2 3  ? 1.392   -5.215  -4.457  1.00 118.86 ? 2   DG  B "C3'" 1 
ATOM   476 O  "O3'" . DG  B 2 3  ? 1.925   -6.513  -4.669  1.00 126.46 ? 2   DG  B "O3'" 1 
ATOM   477 C  "C2'" . DG  B 2 3  ? 2.198   -4.440  -3.398  1.00 115.90 ? 2   DG  B "C2'" 1 
ATOM   478 C  "C1'" . DG  B 2 3  ? 2.603   -3.147  -4.111  1.00 118.39 ? 2   DG  B "C1'" 1 
ATOM   479 N  N9    . DG  B 2 3  ? 2.387   -1.942  -3.320  1.00 115.06 ? 2   DG  B N9    1 
ATOM   480 C  C8    . DG  B 2 3  ? 1.296   -1.113  -3.362  1.00 116.58 ? 2   DG  B C8    1 
ATOM   481 N  N7    . DG  B 2 3  ? 1.380   -0.102  -2.547  1.00 112.54 ? 2   DG  B N7    1 
ATOM   482 C  C5    . DG  B 2 3  ? 2.610   -0.266  -1.932  1.00 112.54 ? 2   DG  B C5    1 
ATOM   483 C  C6    . DG  B 2 3  ? 3.246   0.523   -0.951  1.00 114.20 ? 2   DG  B C6    1 
ATOM   484 O  O6    . DG  B 2 3  ? 2.837   1.559   -0.416  1.00 112.54 ? 2   DG  B O6    1 
ATOM   485 N  N1    . DG  B 2 3  ? 4.484   0.002   -0.598  1.00 118.79 ? 2   DG  B N1    1 
ATOM   486 C  C2    . DG  B 2 3  ? 5.039   -1.139  -1.125  1.00 115.22 ? 2   DG  B C2    1 
ATOM   487 N  N2    . DG  B 2 3  ? 6.245   -1.487  -0.657  1.00 118.68 ? 2   DG  B N2    1 
ATOM   488 N  N3    . DG  B 2 3  ? 4.450   -1.891  -2.044  1.00 112.54 ? 2   DG  B N3    1 
ATOM   489 C  C4    . DG  B 2 3  ? 3.244   -1.394  -2.399  1.00 112.54 ? 2   DG  B C4    1 
ATOM   490 P  P     . DT  B 2 4  ? 1.545   -7.719  -3.678  1.00 135.92 ? 3   DT  B P     1 
ATOM   491 O  OP1   . DT  B 2 4  ? 1.762   -8.986  -4.412  1.00 127.36 ? 3   DT  B OP1   1 
ATOM   492 O  OP2   . DT  B 2 4  ? 0.220   -7.424  -3.091  1.00 132.05 ? 3   DT  B OP2   1 
ATOM   493 O  "O5'" . DT  B 2 4  ? 2.627   -7.609  -2.507  1.00 122.00 ? 3   DT  B "O5'" 1 
ATOM   494 C  "C5'" . DT  B 2 4  ? 4.001   -7.636  -2.828  1.00 121.34 ? 3   DT  B "C5'" 1 
ATOM   495 C  "C4'" . DT  B 2 4  ? 4.847   -7.281  -1.623  1.00 119.31 ? 3   DT  B "C4'" 1 
ATOM   496 O  "O4'" . DT  B 2 4  ? 4.609   -5.907  -1.235  1.00 119.68 ? 3   DT  B "O4'" 1 
ATOM   497 C  "C3'" . DT  B 2 4  ? 4.597   -8.125  -0.369  1.00 116.01 ? 3   DT  B "C3'" 1 
ATOM   498 O  "O3'" . DT  B 2 4  ? 5.851   -8.577  0.140   1.00 116.17 ? 3   DT  B "O3'" 1 
ATOM   499 C  "C2'" . DT  B 2 4  ? 3.912   -7.141  0.589   1.00 113.08 ? 3   DT  B "C2'" 1 
ATOM   500 C  "C1'" . DT  B 2 4  ? 4.576   -5.847  0.168   1.00 115.54 ? 3   DT  B "C1'" 1 
ATOM   501 N  N1    . DT  B 2 4  ? 3.864   -4.604  0.578   1.00 111.91 ? 3   DT  B N1    1 
ATOM   502 C  C2    . DT  B 2 4  ? 4.463   -3.766  1.484   1.00 116.15 ? 3   DT  B C2    1 
ATOM   503 O  O2    . DT  B 2 4  ? 5.542   -4.002  1.995   1.00 121.81 ? 3   DT  B O2    1 
ATOM   504 N  N3    . DT  B 2 4  ? 3.749   -2.638  1.784   1.00 115.55 ? 3   DT  B N3    1 
ATOM   505 C  C4    . DT  B 2 4  ? 2.524   -2.268  1.271   1.00 112.87 ? 3   DT  B C4    1 
ATOM   506 O  O4    . DT  B 2 4  ? 1.958   -1.232  1.605   1.00 108.00 ? 3   DT  B O4    1 
ATOM   507 C  C5    . DT  B 2 4  ? 1.954   -3.186  0.316   1.00 112.54 ? 3   DT  B C5    1 
ATOM   508 C  C7    . DT  B 2 4  ? 0.627   -2.892  -0.308  1.00 119.74 ? 3   DT  B C7    1 
ATOM   509 C  C6    . DT  B 2 4  ? 2.646   -4.295  0.015   1.00 113.65 ? 3   DT  B C6    1 
ATOM   510 P  P     . DC  B 2 5  ? 5.932   -9.441  1.490   1.00 122.81 ? 4   DC  B P     1 
ATOM   511 O  OP1   . DC  B 2 5  ? 7.242   -10.130 1.529   1.00 107.04 ? 4   DC  B OP1   1 
ATOM   512 O  OP2   . DC  B 2 5  ? 4.685   -10.223 1.617   1.00 124.11 ? 4   DC  B OP2   1 
ATOM   513 O  "O5'" . DC  B 2 5  ? 5.926   -8.342  2.637   1.00 105.16 ? 4   DC  B "O5'" 1 
ATOM   514 C  "C5'" . DC  B 2 5  ? 6.542   -8.620  3.861   1.00 104.14 ? 4   DC  B "C5'" 1 
ATOM   515 C  "C4'" . DC  B 2 5  ? 6.573   -7.380  4.713   1.00 104.14 ? 4   DC  B "C4'" 1 
ATOM   516 O  "O4'" . DC  B 2 5  ? 5.679   -6.395  4.147   1.00 104.14 ? 4   DC  B "O4'" 1 
ATOM   517 C  "C3'" . DC  B 2 5  ? 6.116   -7.595  6.153   1.00 104.14 ? 4   DC  B "C3'" 1 
ATOM   518 O  "O3'" . DC  B 2 5  ? 7.142   -7.213  7.049   1.00 104.14 ? 4   DC  B "O3'" 1 
ATOM   519 C  "C2'" . DC  B 2 5  ? 4.880   -6.705  6.289   1.00 104.14 ? 4   DC  B "C2'" 1 
ATOM   520 C  "C1'" . DC  B 2 5  ? 5.087   -5.684  5.193   1.00 104.14 ? 4   DC  B "C1'" 1 
ATOM   521 N  N1    . DC  B 2 5  ? 3.821   -5.088  4.704   1.00 104.14 ? 4   DC  B N1    1 
ATOM   522 C  C2    . DC  B 2 5  ? 3.438   -3.817  5.144   1.00 105.65 ? 4   DC  B C2    1 
ATOM   523 O  O2    . DC  B 2 5  ? 4.168   -3.211  5.931   1.00 104.14 ? 4   DC  B O2    1 
ATOM   524 N  N3    . DC  B 2 5  ? 2.275   -3.288  4.691   1.00 117.91 ? 4   DC  B N3    1 
ATOM   525 C  C4    . DC  B 2 5  ? 1.516   -3.981  3.841   1.00 124.17 ? 4   DC  B C4    1 
ATOM   526 N  N4    . DC  B 2 5  ? 0.377   -3.422  3.416   1.00 123.68 ? 4   DC  B N4    1 
ATOM   527 C  C5    . DC  B 2 5  ? 1.892   -5.281  3.384   1.00 120.22 ? 4   DC  B C5    1 
ATOM   528 C  C6    . DC  B 2 5  ? 3.039   -5.790  3.839   1.00 109.06 ? 4   DC  B C6    1 
ATOM   529 P  P     . DT  B 2 6  ? 8.046   -8.336  7.756   1.00 98.27  ? 5   DT  B P     1 
ATOM   530 O  OP1   . DT  B 2 6  ? 9.461   -7.982  7.545   1.00 120.65 ? 5   DT  B OP1   1 
ATOM   531 O  OP2   . DT  B 2 6  ? 7.559   -9.663  7.326   1.00 107.16 ? 5   DT  B OP2   1 
ATOM   532 O  "O5'" . DT  B 2 6  ? 7.731   -8.164  9.308   1.00 98.27  ? 5   DT  B "O5'" 1 
ATOM   533 C  "C5'" . DT  B 2 6  ? 6.391   -8.097  9.755   1.00 98.27  ? 5   DT  B "C5'" 1 
ATOM   534 C  "C4'" . DT  B 2 6  ? 6.018   -6.672  10.097  1.00 98.27  ? 5   DT  B "C4'" 1 
ATOM   535 O  "O4'" . DT  B 2 6  ? 4.967   -6.225  9.216   1.00 100.12 ? 5   DT  B "O4'" 1 
ATOM   536 C  "C3'" . DT  B 2 6  ? 5.487   -6.469  11.516  1.00 98.27  ? 5   DT  B "C3'" 1 
ATOM   537 O  "O3'" . DT  B 2 6  ? 6.253   -5.492  12.178  1.00 98.27  ? 5   DT  B "O3'" 1 
ATOM   538 C  "C2'" . DT  B 2 6  ? 4.044   -5.999  11.307  1.00 98.27  ? 5   DT  B "C2'" 1 
ATOM   539 C  "C1'" . DT  B 2 6  ? 4.123   -5.376  9.936   1.00 103.89 ? 5   DT  B "C1'" 1 
ATOM   540 N  N1    . DT  B 2 6  ? 2.809   -5.258  9.206   1.00 108.20 ? 5   DT  B N1    1 
ATOM   541 C  C2    . DT  B 2 6  ? 2.089   -4.086  9.305   1.00 112.41 ? 5   DT  B C2    1 
ATOM   542 O  O2    . DT  B 2 6  ? 2.441   -3.145  9.992   1.00 118.31 ? 5   DT  B O2    1 
ATOM   543 N  N3    . DT  B 2 6  ? 0.923   -4.060  8.580   1.00 104.95 ? 5   DT  B N3    1 
ATOM   544 C  C4    . DT  B 2 6  ? 0.429   -5.061  7.770   1.00 107.65 ? 5   DT  B C4    1 
ATOM   545 O  O4    . DT  B 2 6  ? -0.627  -4.945  7.156   1.00 112.99 ? 5   DT  B O4    1 
ATOM   546 C  C5    . DT  B 2 6  ? 1.240   -6.255  7.698   1.00 101.38 ? 5   DT  B C5    1 
ATOM   547 C  C7    . DT  B 2 6  ? 0.803   -7.408  6.851   1.00 98.27  ? 5   DT  B C7    1 
ATOM   548 C  C6    . DT  B 2 6  ? 2.376   -6.295  8.409   1.00 98.27  ? 5   DT  B C6    1 
ATOM   549 O  "O5'" . DT  C 3 1  ? 15.125  13.512  -32.725 1.00 113.33 ? 1   DT  C "O5'" 1 
ATOM   550 C  "C5'" . DT  C 3 1  ? 16.160  12.779  -33.361 1.00 122.83 ? 1   DT  C "C5'" 1 
ATOM   551 C  "C4'" . DT  C 3 1  ? 16.848  11.874  -32.362 1.00 121.84 ? 1   DT  C "C4'" 1 
ATOM   552 O  "O4'" . DT  C 3 1  ? 17.588  12.693  -31.429 1.00 116.87 ? 1   DT  C "O4'" 1 
ATOM   553 C  "C3'" . DT  C 3 1  ? 15.894  11.006  -31.547 1.00 115.79 ? 1   DT  C "C3'" 1 
ATOM   554 O  "O3'" . DT  C 3 1  ? 16.235  9.584   -31.595 1.00 124.61 ? 1   DT  C "O3'" 1 
ATOM   555 C  "C2'" . DT  C 3 1  ? 15.925  11.583  -30.134 1.00 116.89 ? 1   DT  C "C2'" 1 
ATOM   556 C  "C1'" . DT  C 3 1  ? 17.179  12.455  -30.105 1.00 111.14 ? 1   DT  C "C1'" 1 
ATOM   557 N  N1    . DT  C 3 1  ? 16.969  13.765  -29.428 1.00 111.42 ? 1   DT  C N1    1 
ATOM   558 C  C2    . DT  C 3 1  ? 17.923  14.221  -28.555 1.00 112.83 ? 1   DT  C C2    1 
ATOM   559 O  O2    . DT  C 3 1  ? 18.950  13.610  -28.311 1.00 114.02 ? 1   DT  C O2    1 
ATOM   560 N  N3    . DT  C 3 1  ? 17.635  15.428  -27.974 1.00 116.07 ? 1   DT  C N3    1 
ATOM   561 C  C4    . DT  C 3 1  ? 16.505  16.205  -28.174 1.00 110.47 ? 1   DT  C C4    1 
ATOM   562 O  O4    . DT  C 3 1  ? 16.335  17.278  -27.607 1.00 107.37 ? 1   DT  C O4    1 
ATOM   563 C  C5    . DT  C 3 1  ? 15.542  15.664  -29.100 1.00 106.05 ? 1   DT  C C5    1 
ATOM   564 C  C7    . DT  C 3 1  ? 14.282  16.416  -29.394 1.00 98.69  ? 1   DT  C C7    1 
ATOM   565 C  C6    . DT  C 3 1  ? 15.815  14.483  -29.674 1.00 112.11 ? 1   DT  C C6    1 
ATOM   566 P  P     . DC  C 3 2  ? 17.746  9.019   -31.491 1.00 152.87 ? 2   DC  C P     1 
ATOM   567 O  OP1   . DC  C 3 2  ? 18.547  9.437   -32.664 1.00 139.81 ? 2   DC  C OP1   1 
ATOM   568 O  OP2   . DC  C 3 2  ? 17.608  7.571   -31.219 1.00 137.84 ? 2   DC  C OP2   1 
ATOM   569 O  "O5'" . DC  C 3 2  ? 18.347  9.675   -30.164 1.00 129.66 ? 2   DC  C "O5'" 1 
ATOM   570 C  "C5'" . DC  C 3 2  ? 18.130  9.054   -28.902 1.00 116.43 ? 2   DC  C "C5'" 1 
ATOM   571 C  "C4'" . DC  C 3 2  ? 19.333  9.248   -28.004 1.00 114.21 ? 2   DC  C "C4'" 1 
ATOM   572 O  "O4'" . DC  C 3 2  ? 19.351  10.603  -27.498 1.00 111.65 ? 2   DC  C "O4'" 1 
ATOM   573 C  "C3'" . DC  C 3 2  ? 19.351  8.392   -26.762 1.00 114.99 ? 2   DC  C "C3'" 1 
ATOM   574 O  "O3'" . DC  C 3 2  ? 20.673  8.344   -26.275 1.00 118.43 ? 2   DC  C "O3'" 1 
ATOM   575 C  "C2'" . DC  C 3 2  ? 18.446  9.196   -25.834 1.00 113.53 ? 2   DC  C "C2'" 1 
ATOM   576 C  "C1'" . DC  C 3 2  ? 18.898  10.618  -26.151 1.00 110.52 ? 2   DC  C "C1'" 1 
ATOM   577 N  N1    . DC  C 3 2  ? 17.827  11.648  -26.058 1.00 111.68 ? 2   DC  C N1    1 
ATOM   578 C  C2    . DC  C 3 2  ? 18.009  12.770  -25.240 1.00 112.95 ? 2   DC  C C2    1 
ATOM   579 O  O2    . DC  C 3 2  ? 19.047  12.866  -24.570 1.00 113.88 ? 2   DC  C O2    1 
ATOM   580 N  N3    . DC  C 3 2  ? 17.035  13.717  -25.197 1.00 110.58 ? 2   DC  C N3    1 
ATOM   581 C  C4    . DC  C 3 2  ? 15.931  13.572  -25.936 1.00 106.73 ? 2   DC  C C4    1 
ATOM   582 N  N4    . DC  C 3 2  ? 14.995  14.524  -25.863 1.00 102.19 ? 2   DC  C N4    1 
ATOM   583 C  C5    . DC  C 3 2  ? 15.736  12.441  -26.781 1.00 106.30 ? 2   DC  C C5    1 
ATOM   584 C  C6    . DC  C 3 2  ? 16.702  11.518  -26.815 1.00 108.52 ? 2   DC  C C6    1 
ATOM   585 P  P     . DT  C 3 3  ? 21.105  7.235   -25.203 1.00 137.19 ? 3   DT  C P     1 
ATOM   586 O  OP1   . DT  C 3 3  ? 22.578  7.112   -25.248 1.00 137.52 ? 3   DT  C OP1   1 
ATOM   587 O  OP2   . DT  C 3 3  ? 20.259  6.040   -25.418 1.00 131.54 ? 3   DT  C OP2   1 
ATOM   588 O  "O5'" . DT  C 3 3  ? 20.728  7.907   -23.807 1.00 130.80 ? 3   DT  C "O5'" 1 
ATOM   589 C  "C5'" . DT  C 3 3  ? 21.189  9.216   -23.502 1.00 125.15 ? 3   DT  C "C5'" 1 
ATOM   590 C  "C4'" . DT  C 3 3  ? 20.776  9.593   -22.097 1.00 121.64 ? 3   DT  C "C4'" 1 
ATOM   591 O  "O4'" . DT  C 3 3  ? 19.726  10.592  -22.151 1.00 115.46 ? 3   DT  C "O4'" 1 
ATOM   592 C  "C3'" . DT  C 3 3  ? 20.218  8.431   -21.277 1.00 118.35 ? 3   DT  C "C3'" 1 
ATOM   593 O  "O3'" . DT  C 3 3  ? 20.710  8.487   -19.948 1.00 126.18 ? 3   DT  C "O3'" 1 
ATOM   594 C  "C2'" . DT  C 3 3  ? 18.711  8.652   -21.334 1.00 109.58 ? 3   DT  C "C2'" 1 
ATOM   595 C  "C1'" . DT  C 3 3  ? 18.630  10.168  -21.376 1.00 108.20 ? 3   DT  C "C1'" 1 
ATOM   596 N  N1    . DT  C 3 3  ? 17.391  10.676  -22.010 1.00 110.96 ? 3   DT  C N1    1 
ATOM   597 C  C2    . DT  C 3 3  ? 16.942  11.931  -21.684 1.00 109.20 ? 3   DT  C C2    1 
ATOM   598 O  O2    . DT  C 3 3  ? 17.513  12.658  -20.893 1.00 108.76 ? 3   DT  C O2    1 
ATOM   599 N  N3    . DT  C 3 3  ? 15.794  12.314  -22.324 1.00 102.56 ? 3   DT  C N3    1 
ATOM   600 C  C4    . DT  C 3 3  ? 15.065  11.578  -23.237 1.00 101.71 ? 3   DT  C C4    1 
ATOM   601 O  O4    . DT  C 3 3  ? 14.044  12.012  -23.759 1.00 99.05  ? 3   DT  C O4    1 
ATOM   602 C  C5    . DT  C 3 3  ? 15.593  10.265  -23.533 1.00 103.32 ? 3   DT  C C5    1 
ATOM   603 C  C7    . DT  C 3 3  ? 14.892  9.370   -24.509 1.00 98.53  ? 3   DT  C C7    1 
ATOM   604 C  C6    . DT  C 3 3  ? 16.716  9.882   -22.911 1.00 106.82 ? 3   DT  C C6    1 
ATOM   605 P  P     . DG  C 3 4  ? 21.670  7.320   -19.402 1.00 139.64 ? 4   DG  C P     1 
ATOM   606 O  OP1   . DG  C 3 4  ? 23.056  7.675   -19.785 1.00 125.11 ? 4   DG  C OP1   1 
ATOM   607 O  OP2   . DG  C 3 4  ? 21.091  6.027   -19.841 1.00 134.90 ? 4   DG  C OP2   1 
ATOM   608 O  "O5'" . DG  C 3 4  ? 21.540  7.420   -17.810 1.00 120.50 ? 4   DG  C "O5'" 1 
ATOM   609 C  "C5'" . DG  C 3 4  ? 22.132  8.509   -17.122 1.00 117.06 ? 4   DG  C "C5'" 1 
ATOM   610 C  "C4'" . DG  C 3 4  ? 21.095  9.269   -16.316 1.00 114.10 ? 4   DG  C "C4'" 1 
ATOM   611 O  "O4'" . DG  C 3 4  ? 19.948  9.575   -17.157 1.00 115.23 ? 4   DG  C "O4'" 1 
ATOM   612 C  "C3'" . DG  C 3 4  ? 20.535  8.515   -15.112 1.00 113.91 ? 4   DG  C "C3'" 1 
ATOM   613 O  "O3'" . DG  C 3 4  ? 20.321  9.419   -14.044 1.00 114.07 ? 4   DG  C "O3'" 1 
ATOM   614 C  "C2'" . DG  C 3 4  ? 19.215  7.969   -15.645 1.00 116.20 ? 4   DG  C "C2'" 1 
ATOM   615 C  "C1'" . DG  C 3 4  ? 18.774  9.133   -16.510 1.00 110.02 ? 4   DG  C "C1'" 1 
ATOM   616 N  N9    . DG  C 3 4  ? 17.770  8.792   -17.518 1.00 105.01 ? 4   DG  C N9    1 
ATOM   617 C  C8    . DG  C 3 4  ? 17.645  7.607   -18.209 1.00 106.08 ? 4   DG  C C8    1 
ATOM   618 N  N7    . DG  C 3 4  ? 16.642  7.599   -19.049 1.00 104.13 ? 4   DG  C N7    1 
ATOM   619 C  C5    . DG  C 3 4  ? 16.069  8.859   -18.907 1.00 104.14 ? 4   DG  C C5    1 
ATOM   620 C  C6    . DG  C 3 4  ? 14.950  9.436   -19.560 1.00 94.77  ? 4   DG  C C6    1 
ATOM   621 O  O6    . DG  C 3 4  ? 14.220  8.935   -20.423 1.00 87.45  ? 4   DG  C O6    1 
ATOM   622 N  N1    . DG  C 3 4  ? 14.709  10.732  -19.116 1.00 90.39  ? 4   DG  C N1    1 
ATOM   623 C  C2    . DG  C 3 4  ? 15.451  11.389  -18.164 1.00 98.99  ? 4   DG  C C2    1 
ATOM   624 N  N2    . DG  C 3 4  ? 15.074  12.638  -17.868 1.00 98.66  ? 4   DG  C N2    1 
ATOM   625 N  N3    . DG  C 3 4  ? 16.500  10.863  -17.548 1.00 103.61 ? 4   DG  C N3    1 
ATOM   626 C  C4    . DG  C 3 4  ? 16.750  9.600   -17.967 1.00 105.09 ? 4   DG  C C4    1 
ATOM   627 P  P     . DA  C 3 5  ? 20.819  9.041   -12.567 1.00 121.61 ? 5   DA  C P     1 
ATOM   628 O  OP1   . DA  C 3 5  ? 22.241  9.439   -12.472 1.00 128.03 ? 5   DA  C OP1   1 
ATOM   629 O  OP2   . DA  C 3 5  ? 20.412  7.644   -12.302 1.00 116.11 ? 5   DA  C OP2   1 
ATOM   630 O  "O5'" . DA  C 3 5  ? 19.951  9.985   -11.611 1.00 119.65 ? 5   DA  C "O5'" 1 
ATOM   631 C  "C5'" . DA  C 3 5  ? 20.360  11.321  -11.366 1.00 118.58 ? 5   DA  C "C5'" 1 
ATOM   632 C  "C4'" . DA  C 3 5  ? 19.159  12.247  -11.277 1.00 114.24 ? 5   DA  C "C4'" 1 
ATOM   633 O  "O4'" . DA  C 3 5  ? 18.239  11.950  -12.356 1.00 109.62 ? 5   DA  C "O4'" 1 
ATOM   634 C  "C3'" . DA  C 3 5  ? 18.330  12.127  -10.005 1.00 111.51 ? 5   DA  C "C3'" 1 
ATOM   635 O  "O3'" . DA  C 3 5  ? 17.703  13.362  -9.749  1.00 114.37 ? 5   DA  C "O3'" 1 
ATOM   636 C  "C2'" . DA  C 3 5  ? 17.308  11.073  -10.392 1.00 110.33 ? 5   DA  C "C2'" 1 
ATOM   637 C  "C1'" . DA  C 3 5  ? 17.011  11.497  -11.822 1.00 110.70 ? 5   DA  C "C1'" 1 
ATOM   638 N  N9    . DA  C 3 5  ? 16.526  10.422  -12.674 1.00 111.85 ? 5   DA  C N9    1 
ATOM   639 C  C8    . DA  C 3 5  ? 17.019  9.150   -12.764 1.00 108.29 ? 5   DA  C C8    1 
ATOM   640 N  N7    . DA  C 3 5  ? 16.384  8.399   -13.635 1.00 105.54 ? 5   DA  C N7    1 
ATOM   641 C  C5    . DA  C 3 5  ? 15.417  9.246   -14.157 1.00 106.50 ? 5   DA  C C5    1 
ATOM   642 C  C6    . DA  C 3 5  ? 14.418  9.059   -15.128 1.00 97.36  ? 5   DA  C C6    1 
ATOM   643 N  N6    . DA  C 3 5  ? 14.229  7.904   -15.769 1.00 90.79  ? 5   DA  C N6    1 
ATOM   644 N  N1    . DA  C 3 5  ? 13.620  10.109  -15.414 1.00 94.56  ? 5   DA  C N1    1 
ATOM   645 C  C2    . DA  C 3 5  ? 13.812  11.265  -14.770 1.00 98.36  ? 5   DA  C C2    1 
ATOM   646 N  N3    . DA  C 3 5  ? 14.716  11.560  -13.839 1.00 101.67 ? 5   DA  C N3    1 
ATOM   647 C  C4    . DA  C 3 5  ? 15.495  10.498  -13.577 1.00 107.75 ? 5   DA  C C4    1 
ATOM   648 P  P     . DG  C 3 6  ? 17.346  13.787  -8.246  1.00 154.81 ? 6   DG  C P     1 
ATOM   649 O  OP1   . DG  C 3 6  ? 18.027  15.071  -7.966  1.00 158.62 ? 6   DG  C OP1   1 
ATOM   650 O  OP2   . DG  C 3 6  ? 17.605  12.607  -7.388  1.00 136.30 ? 6   DG  C OP2   1 
ATOM   651 O  "O5'" . DG  C 3 6  ? 15.768  14.037  -8.285  1.00 133.24 ? 6   DG  C "O5'" 1 
ATOM   652 C  "C5'" . DG  C 3 6  ? 14.876  12.947  -8.123  1.00 123.55 ? 6   DG  C "C5'" 1 
ATOM   653 C  "C4'" . DG  C 3 6  ? 13.865  12.903  -9.252  1.00 110.53 ? 6   DG  C "C4'" 1 
ATOM   654 O  "O4'" . DG  C 3 6  ? 14.169  11.800  -10.121 1.00 113.27 ? 6   DG  C "O4'" 1 
ATOM   655 C  "C3'" . DG  C 3 6  ? 12.420  12.691  -8.805  1.00 100.22 ? 6   DG  C "C3'" 1 
ATOM   656 O  "O3'" . DG  C 3 6  ? 11.697  13.904  -8.932  1.00 97.28  ? 6   DG  C "O3'" 1 
ATOM   657 C  "C2'" . DG  C 3 6  ? 11.868  11.592  -9.736  1.00 99.49  ? 6   DG  C "C2'" 1 
ATOM   658 C  "C1'" . DG  C 3 6  ? 12.987  11.388  -10.750 1.00 104.98 ? 6   DG  C "C1'" 1 
ATOM   659 N  N9    . DG  C 3 6  ? 13.162  10.002  -11.188 1.00 100.12 ? 6   DG  C N9    1 
ATOM   660 C  C8    . DG  C 3 6  ? 14.075  9.091   -10.711 1.00 98.69  ? 6   DG  C C8    1 
ATOM   661 N  N7    . DG  C 3 6  ? 14.012  7.930   -11.307 1.00 96.99  ? 6   DG  C N7    1 
ATOM   662 C  C5    . DG  C 3 6  ? 12.997  8.086   -12.242 1.00 95.87  ? 6   DG  C C5    1 
ATOM   663 C  C6    . DG  C 3 6  ? 12.476  7.166   -13.185 1.00 96.14  ? 6   DG  C C6    1 
ATOM   664 O  O6    . DG  C 3 6  ? 12.822  5.991   -13.386 1.00 92.17  ? 6   DG  C O6    1 
ATOM   665 N  N1    . DG  C 3 6  ? 11.448  7.731   -13.943 1.00 99.52  ? 6   DG  C N1    1 
ATOM   666 C  C2    . DG  C 3 6  ? 10.987  9.022   -13.806 1.00 94.98  ? 6   DG  C C2    1 
ATOM   667 N  N2    . DG  C 3 6  ? 9.990   9.395   -14.620 1.00 87.65  ? 6   DG  C N2    1 
ATOM   668 N  N3    . DG  C 3 6  ? 11.470  9.890   -12.927 1.00 95.27  ? 6   DG  C N3    1 
ATOM   669 C  C4    . DG  C 3 6  ? 12.468  9.357   -12.184 1.00 96.13  ? 6   DG  C C4    1 
ATOM   670 P  P     . DT  C 3 7  ? 10.547  14.271  -7.872  1.00 105.61 ? 7   DT  C P     1 
ATOM   671 O  OP1   . DT  C 3 7  ? 10.500  15.748  -7.760  1.00 100.57 ? 7   DT  C OP1   1 
ATOM   672 O  OP2   . DT  C 3 7  ? 10.772  13.446  -6.663  1.00 98.58  ? 7   DT  C OP2   1 
ATOM   673 O  "O5'" . DT  C 3 7  ? 9.205   13.751  -8.572  1.00 94.50  ? 7   DT  C "O5'" 1 
ATOM   674 C  "C5'" . DT  C 3 7  ? 8.832   14.273  -9.830  1.00 88.62  ? 7   DT  C "C5'" 1 
ATOM   675 C  "C4'" . DT  C 3 7  ? 7.824   13.378  -10.525 1.00 71.64  ? 7   DT  C "C4'" 1 
ATOM   676 O  "O4'" . DT  C 3 7  ? 8.433   12.112  -10.889 1.00 88.60  ? 7   DT  C "O4'" 1 
ATOM   677 C  "C3'" . DT  C 3 7  ? 6.589   13.025  -9.705  1.00 77.03  ? 7   DT  C "C3'" 1 
ATOM   678 O  "O3'" . DT  C 3 7  ? 5.450   13.183  -10.512 1.00 87.60  ? 7   DT  C "O3'" 1 
ATOM   679 C  "C2'" . DT  C 3 7  ? 6.811   11.555  -9.361  1.00 76.44  ? 7   DT  C "C2'" 1 
ATOM   680 C  "C1'" . DT  C 3 7  ? 7.515   11.082  -10.609 1.00 85.92  ? 7   DT  C "C1'" 1 
ATOM   681 N  N1    . DT  C 3 7  ? 8.271   9.797   -10.447 1.00 87.90  ? 7   DT  C N1    1 
ATOM   682 C  C2    . DT  C 3 7  ? 8.137   8.800   -11.396 1.00 89.24  ? 7   DT  C C2    1 
ATOM   683 O  O2    . DT  C 3 7  ? 7.411   8.894   -12.372 1.00 89.23  ? 7   DT  C O2    1 
ATOM   684 N  N3    . DT  C 3 7  ? 8.889   7.678   -11.152 1.00 89.67  ? 7   DT  C N3    1 
ATOM   685 C  C4    . DT  C 3 7  ? 9.741   7.464   -10.084 1.00 92.35  ? 7   DT  C C4    1 
ATOM   686 O  O4    . DT  C 3 7  ? 10.378  6.425   -9.944  1.00 92.41  ? 7   DT  C O4    1 
ATOM   687 C  C5    . DT  C 3 7  ? 9.833   8.547   -9.140  1.00 89.55  ? 7   DT  C C5    1 
ATOM   688 C  C7    . DT  C 3 7  ? 10.724  8.426   -7.947  1.00 100.91 ? 7   DT  C C7    1 
ATOM   689 C  C6    . DT  C 3 7  ? 9.106   9.646   -9.365  1.00 83.51  ? 7   DT  C C6    1 
ATOM   690 P  P     . DG  C 3 8  ? 4.335   14.272  -10.135 1.00 75.35  ? 8   DG  C P     1 
ATOM   691 O  OP1   . DG  C 3 8  ? 4.514   15.412  -11.061 1.00 77.46  ? 8   DG  C OP1   1 
ATOM   692 O  OP2   . DG  C 3 8  ? 4.387   14.485  -8.671  1.00 67.26  ? 8   DG  C OP2   1 
ATOM   693 O  "O5'" . DG  C 3 8  ? 2.968   13.522  -10.472 1.00 82.91  ? 8   DG  C "O5'" 1 
ATOM   694 C  "C5'" . DG  C 3 8  ? 2.688   12.265  -9.858  1.00 88.30  ? 8   DG  C "C5'" 1 
ATOM   695 C  "C4'" . DG  C 3 8  ? 2.779   11.133  -10.864 1.00 81.79  ? 8   DG  C "C4'" 1 
ATOM   696 O  "O4'" . DG  C 3 8  ? 4.013   10.393  -10.656 1.00 76.85  ? 8   DG  C "O4'" 1 
ATOM   697 C  "C3'" . DG  C 3 8  ? 1.671   10.092  -10.750 1.00 69.35  ? 8   DG  C "C3'" 1 
ATOM   698 O  "O3'" . DG  C 3 8  ? 1.448   9.506   -12.008 1.00 71.22  ? 8   DG  C "O3'" 1 
ATOM   699 C  "C2'" . DG  C 3 8  ? 2.291   9.094   -9.801  1.00 85.76  ? 8   DG  C "C2'" 1 
ATOM   700 C  "C1'" . DG  C 3 8  ? 3.694   9.050   -10.364 1.00 85.15  ? 8   DG  C "C1'" 1 
ATOM   701 N  N9    . DG  C 3 8  ? 4.688   8.531   -9.441  1.00 83.94  ? 8   DG  C N9    1 
ATOM   702 C  C8    . DG  C 3 8  ? 5.107   9.101   -8.272  1.00 88.71  ? 8   DG  C C8    1 
ATOM   703 N  N7    . DG  C 3 8  ? 6.024   8.410   -7.658  1.00 103.26 ? 8   DG  C N7    1 
ATOM   704 C  C5    . DG  C 3 8  ? 6.214   7.307   -8.470  1.00 98.56  ? 8   DG  C C5    1 
ATOM   705 C  C6    . DG  C 3 8  ? 7.086   6.211   -8.321  1.00 95.53  ? 8   DG  C C6    1 
ATOM   706 O  O6    . DG  C 3 8  ? 7.882   5.982   -7.404  1.00 95.91  ? 8   DG  C O6    1 
ATOM   707 N  N1    . DG  C 3 8  ? 6.961   5.310   -9.370  1.00 96.06  ? 8   DG  C N1    1 
ATOM   708 C  C2    . DG  C 3 8  ? 6.108   5.458   -10.433 1.00 98.57  ? 8   DG  C C2    1 
ATOM   709 N  N2    . DG  C 3 8  ? 6.127   4.483   -11.355 1.00 105.80 ? 8   DG  C N2    1 
ATOM   710 N  N3    . DG  C 3 8  ? 5.288   6.488   -10.586 1.00 96.49  ? 8   DG  C N3    1 
ATOM   711 C  C4    . DG  C 3 8  ? 5.397   7.368   -9.571  1.00 89.32  ? 8   DG  C C4    1 
ATOM   712 P  P     . DG  D 4 1  ? 0.204   -8.913  14.653  1.00 97.91  ? 10  DG  D P     1 
ATOM   713 O  OP1   . DG  D 4 1  ? 0.370   -9.816  15.816  1.00 106.88 ? 10  DG  D OP1   1 
ATOM   714 O  OP2   . DG  D 4 1  ? 0.080   -9.446  13.275  1.00 66.73  ? 10  DG  D OP2   1 
ATOM   715 O  "O5'" . DG  D 4 1  ? 1.395   -7.855  14.626  1.00 66.73  ? 10  DG  D "O5'" 1 
ATOM   716 C  "C5'" . DG  D 4 1  ? 1.678   -7.187  13.428  1.00 84.97  ? 10  DG  D "C5'" 1 
ATOM   717 C  "C4'" . DG  D 4 1  ? 1.280   -5.718  13.490  1.00 106.49 ? 10  DG  D "C4'" 1 
ATOM   718 O  "O4'" . DG  D 4 1  ? 1.180   -5.218  12.139  1.00 108.21 ? 10  DG  D "O4'" 1 
ATOM   719 C  "C3'" . DG  D 4 1  ? -0.068  -5.422  14.131  1.00 105.56 ? 10  DG  D "C3'" 1 
ATOM   720 O  "O3'" . DG  D 4 1  ? 0.101   -5.175  15.513  1.00 101.78 ? 10  DG  D "O3'" 1 
ATOM   721 C  "C2'" . DG  D 4 1  ? -0.523  -4.158  13.409  1.00 105.47 ? 10  DG  D "C2'" 1 
ATOM   722 C  "C1'" . DG  D 4 1  ? 0.102   -4.314  12.027  1.00 106.42 ? 10  DG  D "C1'" 1 
ATOM   723 N  N9    . DG  D 4 1  ? -0.813  -4.820  11.016  1.00 95.72  ? 10  DG  D N9    1 
ATOM   724 C  C8    . DG  D 4 1  ? -0.832  -6.079  10.477  1.00 89.73  ? 10  DG  D C8    1 
ATOM   725 N  N7    . DG  D 4 1  ? -1.764  -6.245  9.581   1.00 96.85  ? 10  DG  D N7    1 
ATOM   726 C  C5    . DG  D 4 1  ? -2.403  -5.014  9.523   1.00 109.72 ? 10  DG  D C5    1 
ATOM   727 C  C6    . DG  D 4 1  ? -3.494  -4.587  8.726   1.00 107.60 ? 10  DG  D C6    1 
ATOM   728 O  O6    . DG  D 4 1  ? -4.136  -5.238  7.889   1.00 106.90 ? 10  DG  D O6    1 
ATOM   729 N  N1    . DG  D 4 1  ? -3.827  -3.258  8.979   1.00 107.99 ? 10  DG  D N1    1 
ATOM   730 C  C2    . DG  D 4 1  ? -3.182  -2.445  9.884   1.00 114.14 ? 10  DG  D C2    1 
ATOM   731 N  N2    . DG  D 4 1  ? -3.641  -1.188  9.998   1.00 121.21 ? 10  DG  D N2    1 
ATOM   732 N  N3    . DG  D 4 1  ? -2.159  -2.835  10.634  1.00 111.66 ? 10  DG  D N3    1 
ATOM   733 C  C4    . DG  D 4 1  ? -1.824  -4.126  10.399  1.00 112.50 ? 10  DG  D C4    1 
ATOM   734 P  P     . DG  D 4 2  ? -1.182  -5.096  16.472  1.00 98.03  ? 11  DG  D P     1 
ATOM   735 O  OP1   . DG  D 4 2  ? -0.715  -5.304  17.861  1.00 101.71 ? 11  DG  D OP1   1 
ATOM   736 O  OP2   . DG  D 4 2  ? -2.225  -5.970  15.882  1.00 96.06  ? 11  DG  D OP2   1 
ATOM   737 O  "O5'" . DG  D 4 2  ? -1.677  -3.588  16.331  1.00 104.60 ? 11  DG  D "O5'" 1 
ATOM   738 C  "C5'" . DG  D 4 2  ? -2.938  -3.217  16.839  1.00 109.18 ? 11  DG  D "C5'" 1 
ATOM   739 C  "C4'" . DG  D 4 2  ? -3.637  -2.270  15.886  1.00 111.06 ? 11  DG  D "C4'" 1 
ATOM   740 O  "O4'" . DG  D 4 2  ? -3.429  -2.702  14.533  1.00 108.53 ? 11  DG  D "O4'" 1 
ATOM   741 C  "C3'" . DG  D 4 2  ? -5.140  -2.217  16.049  1.00 119.34 ? 11  DG  D "C3'" 1 
ATOM   742 O  "O3'" . DG  D 4 2  ? -5.455  -1.230  16.996  1.00 129.21 ? 11  DG  D "O3'" 1 
ATOM   743 C  "C2'" . DG  D 4 2  ? -5.645  -1.833  14.648  1.00 120.86 ? 11  DG  D "C2'" 1 
ATOM   744 C  "C1'" . DG  D 4 2  ? -4.496  -2.245  13.723  1.00 113.51 ? 11  DG  D "C1'" 1 
ATOM   745 N  N9    . DG  D 4 2  ? -4.811  -3.308  12.772  1.00 110.83 ? 11  DG  D N9    1 
ATOM   746 C  C8    . DG  D 4 2  ? -4.160  -4.509  12.664  1.00 109.27 ? 11  DG  D C8    1 
ATOM   747 N  N7    . DG  D 4 2  ? -4.616  -5.268  11.714  1.00 106.92 ? 11  DG  D N7    1 
ATOM   748 C  C5    . DG  D 4 2  ? -5.635  -4.524  11.141  1.00 109.70 ? 11  DG  D C5    1 
ATOM   749 C  C6    . DG  D 4 2  ? -6.486  -4.848  10.063  1.00 112.99 ? 11  DG  D C6    1 
ATOM   750 O  O6    . DG  D 4 2  ? -6.501  -5.888  9.392   1.00 113.57 ? 11  DG  D O6    1 
ATOM   751 N  N1    . DG  D 4 2  ? -7.385  -3.825  9.786   1.00 115.95 ? 11  DG  D N1    1 
ATOM   752 C  C2    . DG  D 4 2  ? -7.451  -2.631  10.468  1.00 114.89 ? 11  DG  D C2    1 
ATOM   753 N  N2    . DG  D 4 2  ? -8.388  -1.763  10.054  1.00 120.07 ? 11  DG  D N2    1 
ATOM   754 N  N3    . DG  D 4 2  ? -6.655  -2.311  11.491  1.00 109.56 ? 11  DG  D N3    1 
ATOM   755 C  C4    . DG  D 4 2  ? -5.770  -3.305  11.770  1.00 111.62 ? 11  DG  D C4    1 
ATOM   756 P  P     . DT  D 4 3  ? -6.951  -1.088  17.546  1.00 134.14 ? 12  DT  D P     1 
ATOM   757 O  OP1   . DT  D 4 3  ? -6.848  -0.754  18.985  1.00 135.68 ? 12  DT  D OP1   1 
ATOM   758 O  OP2   . DT  D 4 3  ? -7.713  -2.271  17.086  1.00 111.54 ? 12  DT  D OP2   1 
ATOM   759 O  "O5'" . DT  D 4 3  ? -7.517  0.188   16.771  1.00 128.73 ? 12  DT  D "O5'" 1 
ATOM   760 C  "C5'" . DT  D 4 3  ? -8.706  0.803   17.211  1.00 128.09 ? 12  DT  D "C5'" 1 
ATOM   761 C  "C4'" . DT  D 4 3  ? -9.778  0.722   16.142  1.00 130.23 ? 12  DT  D "C4'" 1 
ATOM   762 O  "O4'" . DT  D 4 3  ? -9.355  -0.163  15.075  1.00 120.43 ? 12  DT  D "O4'" 1 
ATOM   763 C  "C3'" . DT  D 4 3  ? -11.129 0.194   16.628  1.00 137.92 ? 12  DT  D "C3'" 1 
ATOM   764 O  "O3'" . DT  D 4 3  ? -12.141 1.163   16.384  1.00 150.13 ? 12  DT  D "O3'" 1 
ATOM   765 C  "C2'" . DT  D 4 3  ? -11.347 -1.088  15.806  1.00 131.03 ? 12  DT  D "C2'" 1 
ATOM   766 C  "C1'" . DT  D 4 3  ? -10.487 -0.828  14.582  1.00 118.73 ? 12  DT  D "C1'" 1 
ATOM   767 N  N1    . DT  D 4 3  ? -10.043 -2.062  13.882  1.00 115.12 ? 12  DT  D N1    1 
ATOM   768 C  C2    . DT  D 4 3  ? -10.658 -2.430  12.707  1.00 118.87 ? 12  DT  D C2    1 
ATOM   769 O  O2    . DT  D 4 3  ? -11.566 -1.794  12.205  1.00 120.65 ? 12  DT  D O2    1 
ATOM   770 N  N3    . DT  D 4 3  ? -10.162 -3.583  12.138  1.00 124.16 ? 12  DT  D N3    1 
ATOM   771 C  C4    . DT  D 4 3  ? -9.138  -4.375  12.628  1.00 119.45 ? 12  DT  D C4    1 
ATOM   772 O  O4    . DT  D 4 3  ? -8.754  -5.390  12.056  1.00 118.08 ? 12  DT  D O4    1 
ATOM   773 C  C5    . DT  D 4 3  ? -8.541  -3.924  13.858  1.00 111.39 ? 12  DT  D C5    1 
ATOM   774 C  C7    . DT  D 4 3  ? -7.431  -4.707  14.480  1.00 114.63 ? 12  DT  D C7    1 
ATOM   775 C  C6    . DT  D 4 3  ? -9.016  -2.804  14.417  1.00 112.50 ? 12  DT  D C6    1 
ATOM   776 P  P     . DC  D 4 4  ? -13.643 0.909   16.892  1.00 147.08 ? 13  DC  D P     1 
ATOM   777 O  OP1   . DC  D 4 4  ? -14.347 2.213   16.935  1.00 152.40 ? 13  DC  D OP1   1 
ATOM   778 O  OP2   . DC  D 4 4  ? -13.556 0.081   18.113  1.00 147.43 ? 13  DC  D OP2   1 
ATOM   779 O  "O5'" . DC  D 4 4  ? -14.283 0.022   15.728  1.00 126.47 ? 13  DC  D "O5'" 1 
ATOM   780 C  "C5'" . DC  D 4 4  ? -14.137 0.432   14.380  1.00 130.32 ? 13  DC  D "C5'" 1 
ATOM   781 C  "C4'" . DC  D 4 4  ? -15.404 0.164   13.601  1.00 140.47 ? 13  DC  D "C4'" 1 
ATOM   782 O  "O4'" . DC  D 4 4  ? -15.172 -0.910  12.665  1.00 136.94 ? 13  DC  D "O4'" 1 
ATOM   783 C  "C3'" . DC  D 4 4  ? -16.590 -0.268  14.444  1.00 146.94 ? 13  DC  D "C3'" 1 
ATOM   784 O  "O3'" . DC  D 4 4  ? -17.800 0.187   13.856  1.00 153.46 ? 13  DC  D "O3'" 1 
ATOM   785 C  "C2'" . DC  D 4 4  ? -16.493 -1.793  14.440  1.00 141.78 ? 13  DC  D "C2'" 1 
ATOM   786 C  "C1'" . DC  D 4 4  ? -15.768 -2.104  13.128  1.00 134.87 ? 13  DC  D "C1'" 1 
ATOM   787 N  N1    . DC  D 4 4  ? -14.706 -3.124  13.284  1.00 127.37 ? 13  DC  D N1    1 
ATOM   788 C  C2    . DC  D 4 4  ? -14.611 -4.167  12.359  1.00 126.30 ? 13  DC  D C2    1 
ATOM   789 O  O2    . DC  D 4 4  ? -15.412 -4.210  11.421  1.00 123.44 ? 13  DC  D O2    1 
ATOM   790 N  N3    . DC  D 4 4  ? -13.637 -5.095  12.515  1.00 122.60 ? 13  DC  D N3    1 
ATOM   791 C  C4    . DC  D 4 4  ? -12.794 -5.005  13.544  1.00 124.58 ? 13  DC  D C4    1 
ATOM   792 N  N4    . DC  D 4 4  ? -11.850 -5.941  13.663  1.00 122.75 ? 13  DC  D N4    1 
ATOM   793 C  C5    . DC  D 4 4  ? -12.878 -3.949  14.500  1.00 122.35 ? 13  DC  D C5    1 
ATOM   794 C  C6    . DC  D 4 4  ? -13.839 -3.041  14.333  1.00 123.35 ? 13  DC  D C6    1 
ATOM   795 P  P     . DT  D 4 5  ? -19.203 -0.065  14.597  1.00 162.94 ? 14  DT  D P     1 
ATOM   796 O  OP1   . DT  D 4 5  ? -20.141 1.014   14.212  1.00 156.82 ? 14  DT  D OP1   1 
ATOM   797 O  OP2   . DT  D 4 5  ? -18.907 -0.307  16.028  1.00 152.61 ? 14  DT  D OP2   1 
ATOM   798 O  "O5'" . DT  D 4 5  ? -19.713 -1.439  13.965  1.00 157.83 ? 14  DT  D "O5'" 1 
ATOM   799 C  "C5'" . DT  D 4 5  ? -19.620 -1.662  12.558  1.00 152.60 ? 14  DT  D "C5'" 1 
ATOM   800 C  "C4'" . DT  D 4 5  ? -20.135 -3.044  12.219  1.00 156.18 ? 14  DT  D "C4'" 1 
ATOM   801 O  "O4'" . DT  D 4 5  ? -19.038 -4.007  12.299  1.00 151.71 ? 14  DT  D "O4'" 1 
ATOM   802 C  "C3'" . DT  D 4 5  ? -21.215 -3.556  13.178  1.00 160.55 ? 14  DT  D "C3'" 1 
ATOM   803 O  "O3'" . DT  D 4 5  ? -22.235 -4.245  12.467  1.00 159.48 ? 14  DT  D "O3'" 1 
ATOM   804 C  "C2'" . DT  D 4 5  ? -20.436 -4.499  14.080  1.00 154.94 ? 14  DT  D "C2'" 1 
ATOM   805 C  "C1'" . DT  D 4 5  ? -19.456 -5.097  13.089  1.00 153.53 ? 14  DT  D "C1'" 1 
ATOM   806 N  N1    . DT  D 4 5  ? -18.274 -5.736  13.753  1.00 149.45 ? 14  DT  D N1    1 
ATOM   807 C  C2    . DT  D 4 5  ? -17.780 -6.935  13.270  1.00 139.62 ? 14  DT  D C2    1 
ATOM   808 O  O2    . DT  D 4 5  ? -18.234 -7.502  12.288  1.00 134.12 ? 14  DT  D O2    1 
ATOM   809 N  N3    . DT  D 4 5  ? -16.715 -7.440  13.979  1.00 136.20 ? 14  DT  D N3    1 
ATOM   810 C  C4    . DT  D 4 5  ? -16.120 -6.883  15.104  1.00 135.92 ? 14  DT  D C4    1 
ATOM   811 O  O4    . DT  D 4 5  ? -15.167 -7.408  15.674  1.00 131.03 ? 14  DT  D O4    1 
ATOM   812 C  C5    . DT  D 4 5  ? -16.701 -5.638  15.560  1.00 135.60 ? 14  DT  D C5    1 
ATOM   813 C  C7    . DT  D 4 5  ? -16.142 -4.940  16.766  1.00 123.19 ? 14  DT  D C7    1 
ATOM   814 C  C6    . DT  D 4 5  ? -17.739 -5.137  14.876  1.00 141.22 ? 14  DT  D C6    1 
ATOM   815 P  P     . DG  D 4 6  ? -23.602 -4.656  13.207  1.00 158.35 ? 15  DG  D P     1 
ATOM   816 O  OP1   . DG  D 4 6  ? -24.362 -3.412  13.454  1.00 161.94 ? 15  DG  D OP1   1 
ATOM   817 O  OP2   . DG  D 4 6  ? -23.294 -5.558  14.341  1.00 153.18 ? 15  DG  D OP2   1 
ATOM   818 O  "O5'" . DG  D 4 6  ? -24.379 -5.505  12.103  1.00 151.87 ? 15  DG  D "O5'" 1 
ATOM   819 C  "C5'" . DG  D 4 6  ? -23.641 -6.224  11.126  1.00 153.09 ? 15  DG  D "C5'" 1 
ATOM   820 C  "C4'" . DG  D 4 6  ? -23.215 -7.587  11.648  1.00 155.46 ? 15  DG  D "C4'" 1 
ATOM   821 O  "O4'" . DG  D 4 6  ? -21.988 -7.488  12.396  1.00 147.70 ? 15  DG  D "O4'" 1 
ATOM   822 C  "C3'" . DG  D 4 6  ? -24.186 -8.254  12.616  1.00 153.49 ? 15  DG  D "C3'" 1 
ATOM   823 O  "O3'" . DG  D 4 6  ? -25.158 -9.049  11.902  1.00 160.75 ? 15  DG  D "O3'" 1 
ATOM   824 C  "C2'" . DG  D 4 6  ? -23.273 -9.104  13.519  1.00 142.75 ? 15  DG  D "C2'" 1 
ATOM   825 C  "C1'" . DG  D 4 6  ? -21.853 -8.700  13.094  1.00 142.37 ? 15  DG  D "C1'" 1 
ATOM   826 N  N9    . DG  D 4 6  ? -20.945 -8.539  14.231  1.00 139.66 ? 15  DG  D N9    1 
ATOM   827 C  C8    . DG  D 4 6  ? -20.908 -7.503  15.133  1.00 140.91 ? 15  DG  D C8    1 
ATOM   828 N  N7    . DG  D 4 6  ? -20.005 -7.655  16.065  1.00 135.68 ? 15  DG  D N7    1 
ATOM   829 C  C5    . DG  D 4 6  ? -19.419 -8.882  15.773  1.00 135.58 ? 15  DG  D C5    1 
ATOM   830 C  C6    . DG  D 4 6  ? -18.381 -9.583  16.436  1.00 128.03 ? 15  DG  D C6    1 
ATOM   831 O  O6    . DG  D 4 6  ? -17.746 -9.248  17.443  1.00 125.12 ? 15  DG  D O6    1 
ATOM   832 N  N1    . DG  D 4 6  ? -18.090 -10.794 15.806  1.00 125.98 ? 15  DG  D N1    1 
ATOM   833 C  C2    . DG  D 4 6  ? -18.726 -11.266 14.682  1.00 125.70 ? 15  DG  D C2    1 
ATOM   834 N  N2    . DG  D 4 6  ? -18.316 -12.455 14.220  1.00 116.41 ? 15  DG  D N2    1 
ATOM   835 N  N3    . DG  D 4 6  ? -19.699 -10.621 14.054  1.00 132.72 ? 15  DG  D N3    1 
ATOM   836 C  C4    . DG  D 4 6  ? -19.993 -9.440  14.651  1.00 137.25 ? 15  DG  D C4    1 
ATOM   837 P  P     . DC  D 4 7  ? -24.836 -10.548 11.401  1.00 165.04 ? 16  DC  D P     1 
ATOM   838 O  OP1   . DC  D 4 7  ? -23.440 -10.629 10.912  1.00 160.02 ? 16  DC  D OP1   1 
ATOM   839 O  OP2   . DC  D 4 7  ? -25.937 -10.936 10.492  1.00 159.10 ? 16  DC  D OP2   1 
ATOM   840 O  "O5'" . DC  D 4 7  ? -25.012 -11.448 12.709  1.00 145.32 ? 16  DC  D "O5'" 1 
ATOM   841 C  "C5'" . DC  D 4 7  ? -25.337 -12.825 12.579  1.00 147.50 ? 16  DC  D "C5'" 1 
ATOM   842 C  "C4'" . DC  D 4 7  ? -24.311 -13.548 11.727  1.00 148.04 ? 16  DC  D "C4'" 1 
ATOM   843 O  "O4'" . DC  D 4 7  ? -22.984 -13.165 12.155  1.00 143.94 ? 16  DC  D "O4'" 1 
ATOM   844 C  "C3'" . DC  D 4 7  ? -24.331 -15.057 11.857  1.00 141.82 ? 16  DC  D "C3'" 1 
ATOM   845 O  "O3'" . DC  D 4 7  ? -23.707 -15.655 10.726  1.00 134.67 ? 16  DC  D "O3'" 1 
ATOM   846 C  "C2'" . DC  D 4 7  ? -23.511 -15.265 13.124  1.00 134.14 ? 16  DC  D "C2'" 1 
ATOM   847 C  "C1'" . DC  D 4 7  ? -22.448 -14.169 13.002  1.00 135.74 ? 16  DC  D "C1'" 1 
ATOM   848 N  N1    . DC  D 4 7  ? -22.093 -13.534 14.302  1.00 131.43 ? 16  DC  D N1    1 
ATOM   849 C  C2    . DC  D 4 7  ? -21.335 -14.242 15.246  1.00 126.80 ? 16  DC  D C2    1 
ATOM   850 O  O2    . DC  D 4 7  ? -20.968 -15.397 14.989  1.00 120.32 ? 16  DC  D O2    1 
ATOM   851 N  N3    . DC  D 4 7  ? -21.022 -13.635 16.421  1.00 127.27 ? 16  DC  D N3    1 
ATOM   852 C  C4    . DC  D 4 7  ? -21.439 -12.388 16.662  1.00 124.21 ? 16  DC  D C4    1 
ATOM   853 N  N4    . DC  D 4 7  ? -21.108 -11.831 17.833  1.00 114.85 ? 16  DC  D N4    1 
ATOM   854 C  C5    . DC  D 4 7  ? -22.212 -11.659 15.714  1.00 125.17 ? 16  DC  D C5    1 
ATOM   855 C  C6    . DC  D 4 7  ? -22.510 -12.263 14.561  1.00 130.40 ? 16  DC  D C6    1 
HETATM 856 MG MG    . MG  E 5 .  ? -18.797 -7.977  21.798  1.00 99.36  ? 101 MG  A MG    1 
HETATM 857 AS AS    . CAC F 6 .  ? 6.386   9.058   -3.799  1.00 171.13 ? 101 CAC B AS    1 
# 
loop_
_pdbx_poly_seq_scheme.asym_id 
_pdbx_poly_seq_scheme.entity_id 
_pdbx_poly_seq_scheme.seq_id 
_pdbx_poly_seq_scheme.mon_id 
_pdbx_poly_seq_scheme.ndb_seq_num 
_pdbx_poly_seq_scheme.pdb_seq_num 
_pdbx_poly_seq_scheme.auth_seq_num 
_pdbx_poly_seq_scheme.pdb_mon_id 
_pdbx_poly_seq_scheme.auth_mon_id 
_pdbx_poly_seq_scheme.pdb_strand_id 
_pdbx_poly_seq_scheme.pdb_ins_code 
_pdbx_poly_seq_scheme.hetero 
A 1 1  DG 1  1  1  DG DG A . n 
A 1 2  DA 2  2  2  DA DA A . n 
A 1 3  DG 3  3  3  DG DG A . n 
A 1 4  DC 4  4  4  DC DC A . n 
A 1 5  DA 5  5  5  DA DA A . n 
A 1 6  DG 6  6  6  DG DG A . n 
A 1 7  DA 7  7  7  DA DA A . n 
A 1 8  DC 8  8  8  DC DC A . n 
A 1 9  DC 9  9  9  DC DC A . n 
A 1 10 DA 10 10 10 DA DA A . n 
A 1 11 DG 11 11 11 DG DG A . n 
A 1 12 DA 12 12 12 DA DA A . n 
A 1 13 DC 13 13 13 DC DC A . n 
A 1 14 DG 14 14 14 DG DG A . n 
A 1 15 DA 15 15 15 DA DA A . n 
A 1 16 DC 16 16 16 DC DC A . n 
A 1 17 DA 17 17 17 DA DA A . n 
A 1 18 DC 18 18 18 DC DC A . n 
A 1 19 DT 19 19 19 DT DT A . n 
A 1 20 DC 20 20 20 DC DC A . n 
A 1 21 DA 21 21 21 DA DA A . n 
B 2 1  DT 1  0  0  DT DT B . n 
B 2 2  DC 2  1  1  DC DC B . n 
B 2 3  DG 3  2  2  DG DG B . n 
B 2 4  DT 4  3  3  DT DT B . n 
B 2 5  DC 5  4  4  DC DC B . n 
B 2 6  DT 6  5  5  DT DT B . n 
C 3 1  DT 1  1  1  DT DT C . n 
C 3 2  DC 2  2  2  DC DC C . n 
C 3 3  DT 3  3  3  DT DT C . n 
C 3 4  DG 4  4  4  DG DG C . n 
C 3 5  DA 5  5  5  DA DA C . n 
C 3 6  DG 6  6  6  DG DG C . n 
C 3 7  DT 7  7  7  DT DT C . n 
C 3 8  DG 8  8  8  DG DG C . n 
D 4 1  DG 1  10 10 DG DG D . n 
D 4 2  DG 2  11 11 DG DG D . n 
D 4 3  DT 3  12 12 DT DT D . n 
D 4 4  DC 4  13 13 DC DC D . n 
D 4 5  DT 5  14 14 DT DT D . n 
D 4 6  DG 6  15 15 DG DG D . n 
D 4 7  DC 7  16 16 DC DC D . n 
# 
loop_
_pdbx_nonpoly_scheme.asym_id 
_pdbx_nonpoly_scheme.entity_id 
_pdbx_nonpoly_scheme.mon_id 
_pdbx_nonpoly_scheme.ndb_seq_num 
_pdbx_nonpoly_scheme.pdb_seq_num 
_pdbx_nonpoly_scheme.auth_seq_num 
_pdbx_nonpoly_scheme.pdb_mon_id 
_pdbx_nonpoly_scheme.auth_mon_id 
_pdbx_nonpoly_scheme.pdb_strand_id 
_pdbx_nonpoly_scheme.pdb_ins_code 
E 5 MG  1 101 1 MG  MG A . 
F 6 CAC 1 101 1 CAC AS B . 
# 
_pdbx_struct_assembly.id                   1 
_pdbx_struct_assembly.details              author_defined_assembly 
_pdbx_struct_assembly.method_details       ? 
_pdbx_struct_assembly.oligomeric_details   tetrameric 
_pdbx_struct_assembly.oligomeric_count     4 
# 
_pdbx_struct_assembly_gen.assembly_id       1 
_pdbx_struct_assembly_gen.oper_expression   1 
_pdbx_struct_assembly_gen.asym_id_list      A,B,C,D,E,F 
# 
_pdbx_struct_oper_list.id                   1 
_pdbx_struct_oper_list.type                 'identity operation' 
_pdbx_struct_oper_list.name                 1_555 
_pdbx_struct_oper_list.symmetry_operation   x,y,z 
_pdbx_struct_oper_list.matrix[1][1]         1.0000000000 
_pdbx_struct_oper_list.matrix[1][2]         0.0000000000 
_pdbx_struct_oper_list.matrix[1][3]         0.0000000000 
_pdbx_struct_oper_list.vector[1]            0.0000000000 
_pdbx_struct_oper_list.matrix[2][1]         0.0000000000 
_pdbx_struct_oper_list.matrix[2][2]         1.0000000000 
_pdbx_struct_oper_list.matrix[2][3]         0.0000000000 
_pdbx_struct_oper_list.vector[2]            0.0000000000 
_pdbx_struct_oper_list.matrix[3][1]         0.0000000000 
_pdbx_struct_oper_list.matrix[3][2]         0.0000000000 
_pdbx_struct_oper_list.matrix[3][3]         1.0000000000 
_pdbx_struct_oper_list.vector[3]            0.0000000000 
# 
loop_
_pdbx_audit_revision_history.ordinal 
_pdbx_audit_revision_history.data_content_type 
_pdbx_audit_revision_history.major_revision 
_pdbx_audit_revision_history.minor_revision 
_pdbx_audit_revision_history.revision_date 
1 'Structure model' 1 0 2021-07-14 
2 'Structure model' 1 1 2022-07-06 
3 'Structure model' 1 2 2023-10-18 
# 
_pdbx_audit_revision_details.ordinal             1 
_pdbx_audit_revision_details.revision_ordinal    1 
_pdbx_audit_revision_details.data_content_type   'Structure model' 
_pdbx_audit_revision_details.provider            repository 
_pdbx_audit_revision_details.type                'Initial release' 
_pdbx_audit_revision_details.description         ? 
_pdbx_audit_revision_details.details             ? 
# 
loop_
_pdbx_audit_revision_group.ordinal 
_pdbx_audit_revision_group.revision_ordinal 
_pdbx_audit_revision_group.data_content_type 
_pdbx_audit_revision_group.group 
1 2 'Structure model' 'Database references'    
2 3 'Structure model' 'Data collection'        
3 3 'Structure model' 'Refinement description' 
# 
loop_
_pdbx_audit_revision_category.ordinal 
_pdbx_audit_revision_category.revision_ordinal 
_pdbx_audit_revision_category.data_content_type 
_pdbx_audit_revision_category.category 
1 2 'Structure model' citation                      
2 2 'Structure model' citation_author               
3 2 'Structure model' database_2                    
4 3 'Structure model' chem_comp_atom                
5 3 'Structure model' chem_comp_bond                
6 3 'Structure model' pdbx_initial_refinement_model 
# 
loop_
_pdbx_audit_revision_item.ordinal 
_pdbx_audit_revision_item.revision_ordinal 
_pdbx_audit_revision_item.data_content_type 
_pdbx_audit_revision_item.item 
1  2 'Structure model' '_citation.country'                   
2  2 'Structure model' '_citation.journal_abbrev'            
3  2 'Structure model' '_citation.journal_id_CSD'            
4  2 'Structure model' '_citation.journal_id_ISSN'           
5  2 'Structure model' '_citation.journal_volume'            
6  2 'Structure model' '_citation.page_first'                
7  2 'Structure model' '_citation.page_last'                 
8  2 'Structure model' '_citation.pdbx_database_id_DOI'      
9  2 'Structure model' '_citation.pdbx_database_id_PubMed'   
10 2 'Structure model' '_citation.title'                     
11 2 'Structure model' '_citation.year'                      
12 2 'Structure model' '_database_2.pdbx_DOI'                
13 2 'Structure model' '_database_2.pdbx_database_accession' 
# 
loop_
_software.citation_id 
_software.classification 
_software.compiler_name 
_software.compiler_version 
_software.contact_author 
_software.contact_author_email 
_software.date 
_software.description 
_software.dependencies 
_software.hardware 
_software.language 
_software.location 
_software.mods 
_software.name 
_software.os 
_software.os_version 
_software.type 
_software.version 
_software.pdbx_ordinal 
? 'data reduction'  ? ? ? ? ? ? ? ? ? ? ? HKL-2000    ? ? ? .           1 
? 'data scaling'    ? ? ? ? ? ? ? ? ? ? ? HKL-2000    ? ? ? .           2 
? refinement        ? ? ? ? ? ? ? ? ? ? ? PHENIX      ? ? ? 1.11.1_2575 3 
? 'data extraction' ? ? ? ? ? ? ? ? ? ? ? PDB_EXTRACT ? ? ? 3.25        4 
? phasing           ? ? ? ? ? ? ? ? ? ? ? PHASER      ? ? ? .           5 
# 
_pdbx_entry_details.entry_id                 7JP9 
_pdbx_entry_details.has_ligand_of_interest   N 
_pdbx_entry_details.compound_details         ? 
_pdbx_entry_details.source_details           ? 
_pdbx_entry_details.nonpolymer_details       ? 
_pdbx_entry_details.sequence_details         ? 
# 
loop_
_pdbx_validate_rmsd_angle.id 
_pdbx_validate_rmsd_angle.PDB_model_num 
_pdbx_validate_rmsd_angle.auth_atom_id_1 
_pdbx_validate_rmsd_angle.auth_asym_id_1 
_pdbx_validate_rmsd_angle.auth_comp_id_1 
_pdbx_validate_rmsd_angle.auth_seq_id_1 
_pdbx_validate_rmsd_angle.PDB_ins_code_1 
_pdbx_validate_rmsd_angle.label_alt_id_1 
_pdbx_validate_rmsd_angle.auth_atom_id_2 
_pdbx_validate_rmsd_angle.auth_asym_id_2 
_pdbx_validate_rmsd_angle.auth_comp_id_2 
_pdbx_validate_rmsd_angle.auth_seq_id_2 
_pdbx_validate_rmsd_angle.PDB_ins_code_2 
_pdbx_validate_rmsd_angle.label_alt_id_2 
_pdbx_validate_rmsd_angle.auth_atom_id_3 
_pdbx_validate_rmsd_angle.auth_asym_id_3 
_pdbx_validate_rmsd_angle.auth_comp_id_3 
_pdbx_validate_rmsd_angle.auth_seq_id_3 
_pdbx_validate_rmsd_angle.PDB_ins_code_3 
_pdbx_validate_rmsd_angle.label_alt_id_3 
_pdbx_validate_rmsd_angle.angle_value 
_pdbx_validate_rmsd_angle.angle_target_value 
_pdbx_validate_rmsd_angle.angle_deviation 
_pdbx_validate_rmsd_angle.angle_standard_deviation 
_pdbx_validate_rmsd_angle.linker_flag 
1 1 "O4'" D DT 14 ? ? "C1'" D DT 14 ? ? N1 D DT 14 ? ? 110.15 108.30 1.85 0.30 N 
2 1 "O4'" D DG 15 ? ? "C1'" D DG 15 ? ? N9 D DG 15 ? ? 110.57 108.30 2.27 0.30 N 
# 
loop_
_pdbx_unobs_or_zero_occ_atoms.id 
_pdbx_unobs_or_zero_occ_atoms.PDB_model_num 
_pdbx_unobs_or_zero_occ_atoms.polymer_flag 
_pdbx_unobs_or_zero_occ_atoms.occupancy_flag 
_pdbx_unobs_or_zero_occ_atoms.auth_asym_id 
_pdbx_unobs_or_zero_occ_atoms.auth_comp_id 
_pdbx_unobs_or_zero_occ_atoms.auth_seq_id 
_pdbx_unobs_or_zero_occ_atoms.PDB_ins_code 
_pdbx_unobs_or_zero_occ_atoms.auth_atom_id 
_pdbx_unobs_or_zero_occ_atoms.label_alt_id 
_pdbx_unobs_or_zero_occ_atoms.label_asym_id 
_pdbx_unobs_or_zero_occ_atoms.label_comp_id 
_pdbx_unobs_or_zero_occ_atoms.label_seq_id 
_pdbx_unobs_or_zero_occ_atoms.label_atom_id 
1 1 N 1 B CAC 101 ? O1 ? F CAC 1 O1 
2 1 N 1 B CAC 101 ? O2 ? F CAC 1 O2 
3 1 N 1 B CAC 101 ? C1 ? F CAC 1 C1 
4 1 N 1 B CAC 101 ? C2 ? F CAC 1 C2 
# 
loop_
_chem_comp_atom.comp_id 
_chem_comp_atom.atom_id 
_chem_comp_atom.type_symbol 
_chem_comp_atom.pdbx_aromatic_flag 
_chem_comp_atom.pdbx_stereo_config 
_chem_comp_atom.pdbx_ordinal 
CAC AS     AS N N 1   
CAC O1     O  N N 2   
CAC O2     O  N N 3   
CAC C1     C  N N 4   
CAC C2     C  N N 5   
CAC H11    H  N N 6   
CAC H12    H  N N 7   
CAC H13    H  N N 8   
CAC H21    H  N N 9   
CAC H22    H  N N 10  
CAC H23    H  N N 11  
DA  OP3    O  N N 12  
DA  P      P  N N 13  
DA  OP1    O  N N 14  
DA  OP2    O  N N 15  
DA  "O5'"  O  N N 16  
DA  "C5'"  C  N N 17  
DA  "C4'"  C  N R 18  
DA  "O4'"  O  N N 19  
DA  "C3'"  C  N S 20  
DA  "O3'"  O  N N 21  
DA  "C2'"  C  N N 22  
DA  "C1'"  C  N R 23  
DA  N9     N  Y N 24  
DA  C8     C  Y N 25  
DA  N7     N  Y N 26  
DA  C5     C  Y N 27  
DA  C6     C  Y N 28  
DA  N6     N  N N 29  
DA  N1     N  Y N 30  
DA  C2     C  Y N 31  
DA  N3     N  Y N 32  
DA  C4     C  Y N 33  
DA  HOP3   H  N N 34  
DA  HOP2   H  N N 35  
DA  "H5'"  H  N N 36  
DA  "H5''" H  N N 37  
DA  "H4'"  H  N N 38  
DA  "H3'"  H  N N 39  
DA  "HO3'" H  N N 40  
DA  "H2'"  H  N N 41  
DA  "H2''" H  N N 42  
DA  "H1'"  H  N N 43  
DA  H8     H  N N 44  
DA  H61    H  N N 45  
DA  H62    H  N N 46  
DA  H2     H  N N 47  
DC  OP3    O  N N 48  
DC  P      P  N N 49  
DC  OP1    O  N N 50  
DC  OP2    O  N N 51  
DC  "O5'"  O  N N 52  
DC  "C5'"  C  N N 53  
DC  "C4'"  C  N R 54  
DC  "O4'"  O  N N 55  
DC  "C3'"  C  N S 56  
DC  "O3'"  O  N N 57  
DC  "C2'"  C  N N 58  
DC  "C1'"  C  N R 59  
DC  N1     N  N N 60  
DC  C2     C  N N 61  
DC  O2     O  N N 62  
DC  N3     N  N N 63  
DC  C4     C  N N 64  
DC  N4     N  N N 65  
DC  C5     C  N N 66  
DC  C6     C  N N 67  
DC  HOP3   H  N N 68  
DC  HOP2   H  N N 69  
DC  "H5'"  H  N N 70  
DC  "H5''" H  N N 71  
DC  "H4'"  H  N N 72  
DC  "H3'"  H  N N 73  
DC  "HO3'" H  N N 74  
DC  "H2'"  H  N N 75  
DC  "H2''" H  N N 76  
DC  "H1'"  H  N N 77  
DC  H41    H  N N 78  
DC  H42    H  N N 79  
DC  H5     H  N N 80  
DC  H6     H  N N 81  
DG  OP3    O  N N 82  
DG  P      P  N N 83  
DG  OP1    O  N N 84  
DG  OP2    O  N N 85  
DG  "O5'"  O  N N 86  
DG  "C5'"  C  N N 87  
DG  "C4'"  C  N R 88  
DG  "O4'"  O  N N 89  
DG  "C3'"  C  N S 90  
DG  "O3'"  O  N N 91  
DG  "C2'"  C  N N 92  
DG  "C1'"  C  N R 93  
DG  N9     N  Y N 94  
DG  C8     C  Y N 95  
DG  N7     N  Y N 96  
DG  C5     C  Y N 97  
DG  C6     C  N N 98  
DG  O6     O  N N 99  
DG  N1     N  N N 100 
DG  C2     C  N N 101 
DG  N2     N  N N 102 
DG  N3     N  N N 103 
DG  C4     C  Y N 104 
DG  HOP3   H  N N 105 
DG  HOP2   H  N N 106 
DG  "H5'"  H  N N 107 
DG  "H5''" H  N N 108 
DG  "H4'"  H  N N 109 
DG  "H3'"  H  N N 110 
DG  "HO3'" H  N N 111 
DG  "H2'"  H  N N 112 
DG  "H2''" H  N N 113 
DG  "H1'"  H  N N 114 
DG  H8     H  N N 115 
DG  H1     H  N N 116 
DG  H21    H  N N 117 
DG  H22    H  N N 118 
DT  OP3    O  N N 119 
DT  P      P  N N 120 
DT  OP1    O  N N 121 
DT  OP2    O  N N 122 
DT  "O5'"  O  N N 123 
DT  "C5'"  C  N N 124 
DT  "C4'"  C  N R 125 
DT  "O4'"  O  N N 126 
DT  "C3'"  C  N S 127 
DT  "O3'"  O  N N 128 
DT  "C2'"  C  N N 129 
DT  "C1'"  C  N R 130 
DT  N1     N  N N 131 
DT  C2     C  N N 132 
DT  O2     O  N N 133 
DT  N3     N  N N 134 
DT  C4     C  N N 135 
DT  O4     O  N N 136 
DT  C5     C  N N 137 
DT  C7     C  N N 138 
DT  C6     C  N N 139 
DT  HOP3   H  N N 140 
DT  HOP2   H  N N 141 
DT  "H5'"  H  N N 142 
DT  "H5''" H  N N 143 
DT  "H4'"  H  N N 144 
DT  "H3'"  H  N N 145 
DT  "HO3'" H  N N 146 
DT  "H2'"  H  N N 147 
DT  "H2''" H  N N 148 
DT  "H1'"  H  N N 149 
DT  H3     H  N N 150 
DT  H71    H  N N 151 
DT  H72    H  N N 152 
DT  H73    H  N N 153 
DT  H6     H  N N 154 
MG  MG     MG N N 155 
# 
loop_
_chem_comp_bond.comp_id 
_chem_comp_bond.atom_id_1 
_chem_comp_bond.atom_id_2 
_chem_comp_bond.value_order 
_chem_comp_bond.pdbx_aromatic_flag 
_chem_comp_bond.pdbx_stereo_config 
_chem_comp_bond.pdbx_ordinal 
CAC AS    O1     doub N N 1   
CAC AS    O2     sing N N 2   
CAC AS    C1     sing N N 3   
CAC AS    C2     sing N N 4   
CAC C1    H11    sing N N 5   
CAC C1    H12    sing N N 6   
CAC C1    H13    sing N N 7   
CAC C2    H21    sing N N 8   
CAC C2    H22    sing N N 9   
CAC C2    H23    sing N N 10  
DA  OP3   P      sing N N 11  
DA  OP3   HOP3   sing N N 12  
DA  P     OP1    doub N N 13  
DA  P     OP2    sing N N 14  
DA  P     "O5'"  sing N N 15  
DA  OP2   HOP2   sing N N 16  
DA  "O5'" "C5'"  sing N N 17  
DA  "C5'" "C4'"  sing N N 18  
DA  "C5'" "H5'"  sing N N 19  
DA  "C5'" "H5''" sing N N 20  
DA  "C4'" "O4'"  sing N N 21  
DA  "C4'" "C3'"  sing N N 22  
DA  "C4'" "H4'"  sing N N 23  
DA  "O4'" "C1'"  sing N N 24  
DA  "C3'" "O3'"  sing N N 25  
DA  "C3'" "C2'"  sing N N 26  
DA  "C3'" "H3'"  sing N N 27  
DA  "O3'" "HO3'" sing N N 28  
DA  "C2'" "C1'"  sing N N 29  
DA  "C2'" "H2'"  sing N N 30  
DA  "C2'" "H2''" sing N N 31  
DA  "C1'" N9     sing N N 32  
DA  "C1'" "H1'"  sing N N 33  
DA  N9    C8     sing Y N 34  
DA  N9    C4     sing Y N 35  
DA  C8    N7     doub Y N 36  
DA  C8    H8     sing N N 37  
DA  N7    C5     sing Y N 38  
DA  C5    C6     sing Y N 39  
DA  C5    C4     doub Y N 40  
DA  C6    N6     sing N N 41  
DA  C6    N1     doub Y N 42  
DA  N6    H61    sing N N 43  
DA  N6    H62    sing N N 44  
DA  N1    C2     sing Y N 45  
DA  C2    N3     doub Y N 46  
DA  C2    H2     sing N N 47  
DA  N3    C4     sing Y N 48  
DC  OP3   P      sing N N 49  
DC  OP3   HOP3   sing N N 50  
DC  P     OP1    doub N N 51  
DC  P     OP2    sing N N 52  
DC  P     "O5'"  sing N N 53  
DC  OP2   HOP2   sing N N 54  
DC  "O5'" "C5'"  sing N N 55  
DC  "C5'" "C4'"  sing N N 56  
DC  "C5'" "H5'"  sing N N 57  
DC  "C5'" "H5''" sing N N 58  
DC  "C4'" "O4'"  sing N N 59  
DC  "C4'" "C3'"  sing N N 60  
DC  "C4'" "H4'"  sing N N 61  
DC  "O4'" "C1'"  sing N N 62  
DC  "C3'" "O3'"  sing N N 63  
DC  "C3'" "C2'"  sing N N 64  
DC  "C3'" "H3'"  sing N N 65  
DC  "O3'" "HO3'" sing N N 66  
DC  "C2'" "C1'"  sing N N 67  
DC  "C2'" "H2'"  sing N N 68  
DC  "C2'" "H2''" sing N N 69  
DC  "C1'" N1     sing N N 70  
DC  "C1'" "H1'"  sing N N 71  
DC  N1    C2     sing N N 72  
DC  N1    C6     sing N N 73  
DC  C2    O2     doub N N 74  
DC  C2    N3     sing N N 75  
DC  N3    C4     doub N N 76  
DC  C4    N4     sing N N 77  
DC  C4    C5     sing N N 78  
DC  N4    H41    sing N N 79  
DC  N4    H42    sing N N 80  
DC  C5    C6     doub N N 81  
DC  C5    H5     sing N N 82  
DC  C6    H6     sing N N 83  
DG  OP3   P      sing N N 84  
DG  OP3   HOP3   sing N N 85  
DG  P     OP1    doub N N 86  
DG  P     OP2    sing N N 87  
DG  P     "O5'"  sing N N 88  
DG  OP2   HOP2   sing N N 89  
DG  "O5'" "C5'"  sing N N 90  
DG  "C5'" "C4'"  sing N N 91  
DG  "C5'" "H5'"  sing N N 92  
DG  "C5'" "H5''" sing N N 93  
DG  "C4'" "O4'"  sing N N 94  
DG  "C4'" "C3'"  sing N N 95  
DG  "C4'" "H4'"  sing N N 96  
DG  "O4'" "C1'"  sing N N 97  
DG  "C3'" "O3'"  sing N N 98  
DG  "C3'" "C2'"  sing N N 99  
DG  "C3'" "H3'"  sing N N 100 
DG  "O3'" "HO3'" sing N N 101 
DG  "C2'" "C1'"  sing N N 102 
DG  "C2'" "H2'"  sing N N 103 
DG  "C2'" "H2''" sing N N 104 
DG  "C1'" N9     sing N N 105 
DG  "C1'" "H1'"  sing N N 106 
DG  N9    C8     sing Y N 107 
DG  N9    C4     sing Y N 108 
DG  C8    N7     doub Y N 109 
DG  C8    H8     sing N N 110 
DG  N7    C5     sing Y N 111 
DG  C5    C6     sing N N 112 
DG  C5    C4     doub Y N 113 
DG  C6    O6     doub N N 114 
DG  C6    N1     sing N N 115 
DG  N1    C2     sing N N 116 
DG  N1    H1     sing N N 117 
DG  C2    N2     sing N N 118 
DG  C2    N3     doub N N 119 
DG  N2    H21    sing N N 120 
DG  N2    H22    sing N N 121 
DG  N3    C4     sing N N 122 
DT  OP3   P      sing N N 123 
DT  OP3   HOP3   sing N N 124 
DT  P     OP1    doub N N 125 
DT  P     OP2    sing N N 126 
DT  P     "O5'"  sing N N 127 
DT  OP2   HOP2   sing N N 128 
DT  "O5'" "C5'"  sing N N 129 
DT  "C5'" "C4'"  sing N N 130 
DT  "C5'" "H5'"  sing N N 131 
DT  "C5'" "H5''" sing N N 132 
DT  "C4'" "O4'"  sing N N 133 
DT  "C4'" "C3'"  sing N N 134 
DT  "C4'" "H4'"  sing N N 135 
DT  "O4'" "C1'"  sing N N 136 
DT  "C3'" "O3'"  sing N N 137 
DT  "C3'" "C2'"  sing N N 138 
DT  "C3'" "H3'"  sing N N 139 
DT  "O3'" "HO3'" sing N N 140 
DT  "C2'" "C1'"  sing N N 141 
DT  "C2'" "H2'"  sing N N 142 
DT  "C2'" "H2''" sing N N 143 
DT  "C1'" N1     sing N N 144 
DT  "C1'" "H1'"  sing N N 145 
DT  N1    C2     sing N N 146 
DT  N1    C6     sing N N 147 
DT  C2    O2     doub N N 148 
DT  C2    N3     sing N N 149 
DT  N3    C4     sing N N 150 
DT  N3    H3     sing N N 151 
DT  C4    O4     doub N N 152 
DT  C4    C5     sing N N 153 
DT  C5    C7     sing N N 154 
DT  C5    C6     doub N N 155 
DT  C7    H71    sing N N 156 
DT  C7    H72    sing N N 157 
DT  C7    H73    sing N N 158 
DT  C6    H6     sing N N 159 
# 
loop_
_ndb_struct_conf_na.entry_id 
_ndb_struct_conf_na.feature 
7JP9 'double helix'        
7JP9 'a-form double helix' 
7JP9 'b-form double helix' 
# 
loop_
_ndb_struct_na_base_pair.model_number 
_ndb_struct_na_base_pair.i_label_asym_id 
_ndb_struct_na_base_pair.i_label_comp_id 
_ndb_struct_na_base_pair.i_label_seq_id 
_ndb_struct_na_base_pair.i_symmetry 
_ndb_struct_na_base_pair.j_label_asym_id 
_ndb_struct_na_base_pair.j_label_comp_id 
_ndb_struct_na_base_pair.j_label_seq_id 
_ndb_struct_na_base_pair.j_symmetry 
_ndb_struct_na_base_pair.shear 
_ndb_struct_na_base_pair.stretch 
_ndb_struct_na_base_pair.stagger 
_ndb_struct_na_base_pair.buckle 
_ndb_struct_na_base_pair.propeller 
_ndb_struct_na_base_pair.opening 
_ndb_struct_na_base_pair.pair_number 
_ndb_struct_na_base_pair.pair_name 
_ndb_struct_na_base_pair.i_auth_asym_id 
_ndb_struct_na_base_pair.i_auth_seq_id 
_ndb_struct_na_base_pair.i_PDB_ins_code 
_ndb_struct_na_base_pair.j_auth_asym_id 
_ndb_struct_na_base_pair.j_auth_seq_id 
_ndb_struct_na_base_pair.j_PDB_ins_code 
_ndb_struct_na_base_pair.hbond_type_28 
_ndb_struct_na_base_pair.hbond_type_12 
1 A DG 3  1_555 D DC 7 1_555 2.208  0.628  1.757  21.249  -3.533  4.368   1  A_DG3:DC16_D A 3  ? D 16 ? ?  ? 
1 A DC 4  1_555 D DG 6 1_555 0.150  -0.280 0.897  2.770   -5.119  -0.169  2  A_DC4:DG15_D A 4  ? D 15 ? 19 1 
1 A DA 5  1_555 D DT 5 1_555 0.136  -0.110 0.458  -1.642  -5.029  -3.782  3  A_DA5:DT14_D A 5  ? D 14 ? 20 1 
1 A DG 6  1_555 D DC 4 1_555 -0.170 -0.247 -0.635 -4.186  -0.336  0.301   4  A_DG6:DC13_D A 6  ? D 13 ? 19 1 
1 A DA 7  1_555 D DT 3 1_555 0.267  -0.034 -0.665 -4.290  5.594   -11.007 5  A_DA7:DT12_D A 7  ? D 12 ? 20 1 
1 A DC 8  1_555 D DG 2 1_555 0.203  -0.121 -0.087 2.741   1.222   -1.801  6  A_DC8:DG11_D A 8  ? D 11 ? 19 1 
1 A DC 9  1_555 D DG 1 1_555 0.198  -0.125 0.240  2.689   -1.527  0.825   7  A_DC9:DG10_D A 9  ? D 10 ? 19 1 
1 A DA 10 1_555 B DT 6 1_555 0.200  -0.119 0.906  1.225   -2.015  -2.610  8  A_DA10:DT5_B A 10 ? B 5  ? 20 1 
1 A DG 11 1_555 B DC 5 1_555 -0.150 -0.130 0.499  2.868   -0.249  1.865   9  A_DG11:DC4_B A 11 ? B 4  ? 19 1 
1 A DA 12 1_555 B DT 4 1_555 1.712  0.454  0.706  3.946   -3.421  -7.157  10 A_DA12:DT3_B A 12 ? B 3  ? 20 1 
1 A DC 13 1_555 B DG 3 1_555 0.120  -0.251 0.682  0.237   -9.226  -3.347  11 A_DC13:DG2_B A 13 ? B 2  ? 19 1 
1 A DG 14 1_555 B DC 2 1_555 -0.151 -0.223 0.715  3.471   -13.042 -3.790  12 A_DG14:DC1_B A 14 ? B 1  ? 19 1 
1 A DA 15 1_555 B DT 1 1_555 0.040  -0.153 -0.266 -6.059  -9.478  0.935   13 A_DA15:DT0_B A 15 ? B 0  ? 20 1 
1 A DC 16 1_555 C DG 8 1_555 0.153  -0.198 0.455  -1.168  -9.200  -0.897  14 A_DC16:DG8_C A 16 ? C 8  ? 19 1 
1 A DA 17 1_555 C DT 7 1_555 0.101  -0.104 0.431  -11.194 -16.162 -10.621 15 A_DA17:DT7_C A 17 ? C 7  ? 20 1 
1 A DC 18 1_555 C DG 6 1_555 0.159  -0.116 0.368  -6.645  -5.791  0.102   16 A_DC18:DG6_C A 18 ? C 6  ? 19 1 
1 A DT 19 1_555 C DA 5 1_555 -0.298 -0.202 0.286  -7.721  -16.021 -4.024  17 A_DT19:DA5_C A 19 ? C 5  ? 20 1 
1 A DC 20 1_555 C DG 4 1_555 0.176  -0.147 -0.145 -4.091  -6.195  1.714   18 A_DC20:DG4_C A 20 ? C 4  ? 19 1 
1 A DA 21 1_555 C DT 3 1_555 0.039  -0.219 -0.608 -3.107  -8.444  4.071   19 A_DA21:DT3_C A 21 ? C 3  ? 20 1 
# 
loop_
_ndb_struct_na_base_pair_step.model_number 
_ndb_struct_na_base_pair_step.i_label_asym_id_1 
_ndb_struct_na_base_pair_step.i_label_comp_id_1 
_ndb_struct_na_base_pair_step.i_label_seq_id_1 
_ndb_struct_na_base_pair_step.i_symmetry_1 
_ndb_struct_na_base_pair_step.j_label_asym_id_1 
_ndb_struct_na_base_pair_step.j_label_comp_id_1 
_ndb_struct_na_base_pair_step.j_label_seq_id_1 
_ndb_struct_na_base_pair_step.j_symmetry_1 
_ndb_struct_na_base_pair_step.i_label_asym_id_2 
_ndb_struct_na_base_pair_step.i_label_comp_id_2 
_ndb_struct_na_base_pair_step.i_label_seq_id_2 
_ndb_struct_na_base_pair_step.i_symmetry_2 
_ndb_struct_na_base_pair_step.j_label_asym_id_2 
_ndb_struct_na_base_pair_step.j_label_comp_id_2 
_ndb_struct_na_base_pair_step.j_label_seq_id_2 
_ndb_struct_na_base_pair_step.j_symmetry_2 
_ndb_struct_na_base_pair_step.shift 
_ndb_struct_na_base_pair_step.slide 
_ndb_struct_na_base_pair_step.rise 
_ndb_struct_na_base_pair_step.tilt 
_ndb_struct_na_base_pair_step.roll 
_ndb_struct_na_base_pair_step.twist 
_ndb_struct_na_base_pair_step.x_displacement 
_ndb_struct_na_base_pair_step.y_displacement 
_ndb_struct_na_base_pair_step.helical_rise 
_ndb_struct_na_base_pair_step.inclination 
_ndb_struct_na_base_pair_step.tip 
_ndb_struct_na_base_pair_step.helical_twist 
_ndb_struct_na_base_pair_step.step_number 
_ndb_struct_na_base_pair_step.step_name 
_ndb_struct_na_base_pair_step.i_auth_asym_id_1 
_ndb_struct_na_base_pair_step.i_auth_seq_id_1 
_ndb_struct_na_base_pair_step.i_PDB_ins_code_1 
_ndb_struct_na_base_pair_step.j_auth_asym_id_1 
_ndb_struct_na_base_pair_step.j_auth_seq_id_1 
_ndb_struct_na_base_pair_step.j_PDB_ins_code_1 
_ndb_struct_na_base_pair_step.i_auth_asym_id_2 
_ndb_struct_na_base_pair_step.i_auth_seq_id_2 
_ndb_struct_na_base_pair_step.i_PDB_ins_code_2 
_ndb_struct_na_base_pair_step.j_auth_asym_id_2 
_ndb_struct_na_base_pair_step.j_auth_seq_id_2 
_ndb_struct_na_base_pair_step.j_PDB_ins_code_2 
1 A DG 3  1_555 D DC 7 1_555 A DC 4  1_555 D DG 6 1_555 0.486  -1.190 3.741 6.299   -0.925 26.983 -2.223 0.762  3.792 -1.948  
-13.265 27.710 1  AA_DG3DC4:DG15DC16_DD A 3  ? D 16 ? A 4  ? D 15 ? 
1 A DC 4  1_555 D DG 6 1_555 A DA 5  1_555 D DT 5 1_555 -0.759 0.215  3.494 3.045   -0.398 34.142 0.431  1.794  3.413 -0.676  
-5.174  34.276 2  AA_DC4DA5:DT14DG15_DD A 4  ? D 15 ? A 5  ? D 14 ? 
1 A DA 5  1_555 D DT 5 1_555 A DG 6  1_555 D DC 4 1_555 0.024  -0.456 3.572 2.545   1.904  26.889 -1.499 0.650  3.518 4.076   
-5.449  27.072 3  AA_DA5DG6:DC13DT14_DD A 5  ? D 14 ? A 6  ? D 13 ? 
1 A DG 6  1_555 D DC 4 1_555 A DA 7  1_555 D DT 3 1_555 0.036  -0.757 3.247 0.482   4.593  37.637 -1.741 0.005  3.136 7.087   
-0.744  37.909 4  AA_DG6DA7:DT12DC13_DD A 6  ? D 13 ? A 7  ? D 12 ? 
1 A DA 7  1_555 D DT 3 1_555 A DC 8  1_555 D DG 2 1_555 1.439  -0.980 3.147 -5.316  4.690  33.850 -2.308 -3.169 2.741 7.948   
9.007   34.563 5  AA_DA7DC8:DG11DT12_DD A 7  ? D 12 ? A 8  ? D 11 ? 
1 A DC 8  1_555 D DG 2 1_555 A DC 9  1_555 D DG 1 1_555 -0.380 -1.542 3.135 -1.847  7.091  35.178 -3.430 0.374  2.798 11.578  
3.015   35.910 6  AA_DC8DC9:DG10DG11_DD A 8  ? D 11 ? A 9  ? D 10 ? 
1 A DC 9  1_555 D DG 1 1_555 A DA 10 1_555 B DT 6 1_555 -2.339 -1.701 2.890 -10.015 2.471  27.620 -3.866 2.489  3.354 4.961   
20.111  29.448 7  AA_DC9DA10:DT5DG10_BD A 9  ? D 10 ? A 10 ? B 5  ? 
1 A DA 10 1_555 B DT 6 1_555 A DG 11 1_555 B DC 5 1_555 0.388  -0.354 3.708 -0.816  0.950  21.646 -1.366 -1.396 3.672 2.527   
2.170   21.681 8  AA_DA10DG11:DC4DT5_BB A 10 ? B 5  ? A 11 ? B 4  ? 
1 A DG 11 1_555 B DC 5 1_555 A DA 12 1_555 B DT 4 1_555 -1.182 0.078  3.142 -3.339  1.354  46.057 -0.013 1.229  3.216 1.728   
4.260   46.190 9  AA_DG11DA12:DT3DC4_BB A 11 ? B 4  ? A 12 ? B 3  ? 
1 A DA 12 1_555 B DT 4 1_555 A DC 13 1_555 B DG 3 1_555 0.380  -1.337 3.291 -2.445  0.831  26.443 -3.128 -1.467 3.200 1.812   
5.329   26.567 10 AA_DA12DC13:DG2DT3_BB A 12 ? B 3  ? A 13 ? B 2  ? 
1 A DC 13 1_555 B DG 3 1_555 A DG 14 1_555 B DC 2 1_555 -1.064 -1.376 2.714 -6.236  9.303  33.378 -3.395 1.013  2.411 15.659  
10.496  35.156 11 AA_DC13DG14:DC1DG2_BB A 13 ? B 2  ? A 14 ? B 1  ? 
1 A DG 14 1_555 B DC 2 1_555 A DA 15 1_555 B DT 1 1_555 -0.618 -0.052 3.705 -4.937  -1.942 37.075 0.212  0.221  3.751 -3.035  
7.716   37.440 12 AA_DG14DA15:DT0DC1_BB A 14 ? B 1  ? A 15 ? B 0  ? 
1 A DA 15 1_555 B DT 1 1_555 A DC 16 1_555 C DG 8 1_555 -1.225 -1.122 2.963 -8.757  1.667  23.579 -3.042 0.339  3.123 3.905   
20.514  25.185 13 AA_DA15DC16:DG8DT0_CB A 15 ? B 0  ? A 16 ? C 8  ? 
1 A DC 16 1_555 C DG 8 1_555 A DA 17 1_555 C DT 7 1_555 -1.623 0.975  3.489 -6.882  -4.164 38.068 2.019  1.523  3.595 -6.298  
10.409  38.878 14 AA_DC16DA17:DT7DG8_CC A 16 ? C 8  ? A 17 ? C 7  ? 
1 A DA 17 1_555 C DT 7 1_555 A DC 18 1_555 C DG 6 1_555 0.398  -0.379 3.227 -4.467  -1.811 40.201 -0.348 -1.067 3.180 -2.624  
6.471   40.477 15 AA_DA17DC18:DG6DT7_CC A 17 ? C 7  ? A 18 ? C 6  ? 
1 A DC 18 1_555 C DG 6 1_555 A DT 19 1_555 C DA 5 1_555 -1.597 -0.815 3.190 -0.528  -6.350 31.517 -0.331 2.790  3.312 -11.543 
0.959   32.139 16 AA_DC18DT19:DA5DG6_CC A 18 ? C 6  ? A 19 ? C 5  ? 
1 A DT 19 1_555 C DA 5 1_555 A DC 20 1_555 C DG 4 1_555 1.339  1.593  3.335 2.334   -0.336 39.527 2.393  -1.696 3.393 -0.496  
-3.447  39.595 17 AA_DT19DC20:DG4DA5_CC A 19 ? C 5  ? A 20 ? C 4  ? 
1 A DC 20 1_555 C DG 4 1_555 A DA 21 1_555 C DT 3 1_555 -0.262 2.745  3.328 -0.601  -0.108 37.970 4.233  0.325  3.324 -0.166  
0.924   37.975 18 AA_DC20DA21:DT3DG4_CC A 20 ? C 4  ? A 21 ? C 3  ? 
# 
loop_
_pdbx_audit_support.funding_organization 
_pdbx_audit_support.country 
_pdbx_audit_support.grant_number 
_pdbx_audit_support.ordinal 
'National Science Foundation (NSF, United States)'                                         'United States' 1360635     1 
'National Institutes of Health/National Institute of General Medical Sciences (NIH/NIGMS)' 'United States' R01GM104960 2 
'National Science Foundation (NSF, United States)'                                         'United States' NSF2004250  3 
# 
loop_
_pdbx_entity_nonpoly.entity_id 
_pdbx_entity_nonpoly.name 
_pdbx_entity_nonpoly.comp_id 
5 'MAGNESIUM ION'  MG  
6 'CACODYLATE ION' CAC 
# 
_pdbx_initial_refinement_model.id               1 
_pdbx_initial_refinement_model.entity_id_list   ? 
_pdbx_initial_refinement_model.type             'experimental model' 
_pdbx_initial_refinement_model.source_name      PDB 
_pdbx_initial_refinement_model.accession_code   5VY6 
_pdbx_initial_refinement_model.details          ? 
# 
_pdbx_struct_assembly_auth_evidence.id                     1 
_pdbx_struct_assembly_auth_evidence.assembly_id            1 
_pdbx_struct_assembly_auth_evidence.experimental_support   none 
_pdbx_struct_assembly_auth_evidence.details                ? 
# 
